data_2LY4
#
_entry.id   2LY4
#
loop_
_entity.id
_entity.type
_entity.pdbx_description
1 polymer 'High mobility group protein B1'
2 polymer 'Cellular tumor antigen p53'
#
loop_
_entity_poly.entity_id
_entity_poly.type
_entity_poly.pdbx_seq_one_letter_code
_entity_poly.pdbx_strand_id
1 'polypeptide(L)'
;GKGDPKKPRGKMSSYAFFVQTCREEHKKKHPDASVNFSEFSKKCSERWKTMSAKEKGKFEDMAKADKARYEREMKTYIPP
KGE
;
A
2 'polypeptide(L)'
;MEEPQSDPSVEPPLSQETFSDLWKLLPENNVLSPLPSQAMDDLMLSPDDIEQWFTEDPGPDEAPRMPEAAPPVAPAPAAP
TPAAPAPAPSWPL
;
B
#
# COMPACT_ATOMS: atom_id res chain seq x y z
N GLY A 1 -0.14 11.09 18.49
CA GLY A 1 0.98 10.23 18.03
C GLY A 1 0.83 8.81 18.49
N LYS A 2 -0.15 8.09 17.94
CA LYS A 2 -0.35 6.69 18.25
C LYS A 2 0.90 5.91 17.87
N GLY A 3 1.35 6.08 16.64
CA GLY A 3 2.58 5.47 16.20
C GLY A 3 2.42 4.01 15.84
N ASP A 4 2.82 3.14 16.77
CA ASP A 4 2.87 1.70 16.54
C ASP A 4 3.61 1.38 15.23
N PRO A 5 4.82 1.92 15.04
CA PRO A 5 5.52 1.87 13.76
C PRO A 5 6.26 0.56 13.52
N LYS A 6 5.91 -0.45 14.31
CA LYS A 6 6.53 -1.77 14.18
C LYS A 6 5.47 -2.86 14.13
N LYS A 7 4.32 -2.52 13.56
CA LYS A 7 3.22 -3.47 13.41
C LYS A 7 3.58 -4.57 12.41
N PRO A 8 2.86 -5.71 12.46
CA PRO A 8 2.91 -6.76 11.43
C PRO A 8 2.39 -6.25 10.09
N ARG A 9 2.16 -7.16 9.15
CA ARG A 9 1.68 -6.82 7.81
C ARG A 9 0.50 -5.85 7.89
N GLY A 10 -0.48 -6.21 8.70
CA GLY A 10 -1.61 -5.35 8.92
C GLY A 10 -2.93 -6.05 8.68
N LYS A 11 -4.02 -5.31 8.81
CA LYS A 11 -5.35 -5.85 8.54
C LYS A 11 -5.86 -5.29 7.23
N MET A 12 -4.91 -4.87 6.39
CA MET A 12 -5.20 -4.21 5.13
C MET A 12 -6.18 -5.02 4.30
N SER A 13 -7.03 -4.31 3.57
CA SER A 13 -8.02 -4.95 2.71
C SER A 13 -7.35 -5.67 1.55
N SER A 14 -8.11 -6.50 0.85
CA SER A 14 -7.59 -7.28 -0.28
C SER A 14 -6.92 -6.39 -1.31
N TYR A 15 -7.42 -5.16 -1.43
CA TYR A 15 -6.89 -4.18 -2.34
C TYR A 15 -5.38 -3.98 -2.13
N ALA A 16 -4.99 -3.77 -0.87
CA ALA A 16 -3.59 -3.54 -0.56
C ALA A 16 -2.78 -4.81 -0.67
N PHE A 17 -3.42 -5.95 -0.40
CA PHE A 17 -2.76 -7.25 -0.53
C PHE A 17 -2.40 -7.53 -1.97
N PHE A 18 -3.23 -7.05 -2.88
CA PHE A 18 -2.96 -7.14 -4.31
C PHE A 18 -1.63 -6.46 -4.64
N VAL A 19 -1.47 -5.23 -4.19
CA VAL A 19 -0.21 -4.51 -4.35
C VAL A 19 0.89 -5.19 -3.56
N GLN A 20 0.56 -5.59 -2.35
CA GLN A 20 1.51 -6.19 -1.41
C GLN A 20 2.20 -7.39 -2.02
N THR A 21 1.44 -8.39 -2.43
CA THR A 21 2.02 -9.63 -2.93
C THR A 21 2.77 -9.41 -4.24
N CYS A 22 2.30 -8.48 -5.06
CA CYS A 22 2.91 -8.25 -6.36
C CYS A 22 4.22 -7.46 -6.22
N ARG A 23 4.19 -6.41 -5.41
CA ARG A 23 5.38 -5.59 -5.20
C ARG A 23 6.46 -6.39 -4.48
N GLU A 24 6.02 -7.33 -3.65
CA GLU A 24 6.95 -8.13 -2.86
C GLU A 24 7.58 -9.21 -3.71
N GLU A 25 6.75 -9.89 -4.50
CA GLU A 25 7.24 -10.96 -5.36
C GLU A 25 8.37 -10.46 -6.26
N HIS A 26 8.21 -9.25 -6.78
CA HIS A 26 9.23 -8.62 -7.61
C HIS A 26 10.48 -8.29 -6.80
N LYS A 27 10.30 -7.92 -5.54
CA LYS A 27 11.40 -7.50 -4.69
C LYS A 27 12.17 -8.72 -4.17
N LYS A 28 11.47 -9.84 -4.05
CA LYS A 28 12.09 -11.08 -3.62
C LYS A 28 13.01 -11.65 -4.71
N LYS A 29 12.52 -11.62 -5.95
CA LYS A 29 13.31 -12.07 -7.09
C LYS A 29 14.45 -11.11 -7.38
N HIS A 30 14.19 -9.82 -7.17
CA HIS A 30 15.20 -8.80 -7.41
C HIS A 30 15.46 -7.97 -6.17
N PRO A 31 16.39 -8.41 -5.32
CA PRO A 31 16.78 -7.68 -4.11
C PRO A 31 17.49 -6.38 -4.47
N ASP A 32 17.89 -6.28 -5.73
CA ASP A 32 18.56 -5.09 -6.24
C ASP A 32 17.55 -4.04 -6.67
N ALA A 33 16.29 -4.44 -6.74
CA ALA A 33 15.25 -3.60 -7.30
C ALA A 33 14.27 -3.09 -6.26
N SER A 34 13.60 -2.02 -6.63
CA SER A 34 12.47 -1.49 -5.90
C SER A 34 11.40 -1.16 -6.93
N VAL A 35 10.41 -0.36 -6.54
CA VAL A 35 9.39 0.07 -7.47
C VAL A 35 9.14 1.56 -7.30
N ASN A 36 8.43 2.15 -8.25
CA ASN A 36 8.02 3.54 -8.12
C ASN A 36 6.62 3.58 -7.50
N PHE A 37 6.51 4.25 -6.36
CA PHE A 37 5.26 4.30 -5.61
C PHE A 37 4.08 4.75 -6.46
N SER A 38 4.21 5.91 -7.08
CA SER A 38 3.11 6.48 -7.86
C SER A 38 2.77 5.58 -9.05
N GLU A 39 3.79 5.04 -9.68
CA GLU A 39 3.63 4.17 -10.83
C GLU A 39 2.90 2.88 -10.45
N PHE A 40 3.56 2.08 -9.62
CA PHE A 40 3.10 0.74 -9.31
C PHE A 40 1.72 0.76 -8.66
N SER A 41 1.48 1.71 -7.76
CA SER A 41 0.21 1.80 -7.06
C SER A 41 -0.92 2.17 -8.01
N LYS A 42 -0.63 2.99 -9.02
CA LYS A 42 -1.66 3.39 -9.97
C LYS A 42 -2.01 2.21 -10.88
N LYS A 43 -0.98 1.52 -11.36
CA LYS A 43 -1.16 0.37 -12.24
C LYS A 43 -2.01 -0.69 -11.54
N CYS A 44 -1.68 -0.95 -10.28
CA CYS A 44 -2.42 -1.91 -9.48
C CYS A 44 -3.85 -1.45 -9.24
N SER A 45 -4.03 -0.17 -8.97
CA SER A 45 -5.34 0.39 -8.72
C SER A 45 -6.28 0.09 -9.89
N GLU A 46 -5.88 0.50 -11.08
CA GLU A 46 -6.70 0.34 -12.27
C GLU A 46 -6.92 -1.14 -12.61
N ARG A 47 -5.84 -1.92 -12.49
CA ARG A 47 -5.88 -3.34 -12.83
C ARG A 47 -6.80 -4.11 -11.89
N TRP A 48 -6.70 -3.81 -10.59
CA TRP A 48 -7.52 -4.46 -9.58
C TRP A 48 -9.00 -4.28 -9.88
N LYS A 49 -9.41 -3.04 -10.14
CA LYS A 49 -10.80 -2.71 -10.33
C LYS A 49 -11.40 -3.54 -11.47
N THR A 50 -10.59 -3.76 -12.50
CA THR A 50 -11.06 -4.43 -13.70
C THR A 50 -11.03 -5.96 -13.59
N MET A 51 -10.61 -6.49 -12.44
CA MET A 51 -10.55 -7.95 -12.25
C MET A 51 -11.91 -8.50 -11.84
N SER A 52 -12.02 -9.82 -11.80
CA SER A 52 -13.26 -10.48 -11.46
C SER A 52 -13.36 -10.75 -9.96
N ALA A 53 -14.55 -11.09 -9.50
CA ALA A 53 -14.79 -11.35 -8.08
C ALA A 53 -13.98 -12.55 -7.59
N LYS A 54 -13.79 -13.53 -8.47
CA LYS A 54 -12.97 -14.70 -8.15
C LYS A 54 -11.56 -14.28 -7.72
N GLU A 55 -10.98 -13.36 -8.48
CA GLU A 55 -9.62 -12.92 -8.26
C GLU A 55 -9.55 -12.02 -7.02
N LYS A 56 -10.49 -11.09 -6.94
CA LYS A 56 -10.59 -10.18 -5.80
C LYS A 56 -10.82 -10.95 -4.51
N GLY A 57 -11.71 -11.94 -4.57
CA GLY A 57 -12.00 -12.77 -3.42
C GLY A 57 -10.81 -13.60 -2.98
N LYS A 58 -9.96 -13.95 -3.95
CA LYS A 58 -8.72 -14.66 -3.67
C LYS A 58 -7.82 -13.82 -2.76
N PHE A 59 -7.65 -12.55 -3.12
CA PHE A 59 -6.85 -11.65 -2.31
C PHE A 59 -7.54 -11.37 -0.97
N GLU A 60 -8.86 -11.32 -1.00
CA GLU A 60 -9.66 -11.10 0.19
C GLU A 60 -9.45 -12.25 1.17
N ASP A 61 -9.46 -13.47 0.64
CA ASP A 61 -9.28 -14.67 1.45
C ASP A 61 -7.91 -14.68 2.11
N MET A 62 -6.88 -14.32 1.35
CA MET A 62 -5.53 -14.25 1.87
C MET A 62 -5.43 -13.18 2.96
N ALA A 63 -6.15 -12.07 2.75
CA ALA A 63 -6.19 -11.00 3.73
C ALA A 63 -6.82 -11.46 5.03
N LYS A 64 -7.86 -12.29 4.92
CA LYS A 64 -8.53 -12.84 6.11
C LYS A 64 -7.55 -13.66 6.95
N ALA A 65 -6.69 -14.41 6.27
CA ALA A 65 -5.72 -15.27 6.94
C ALA A 65 -4.65 -14.43 7.64
N ASP A 66 -4.25 -13.33 7.01
CA ASP A 66 -3.24 -12.46 7.56
C ASP A 66 -3.83 -11.61 8.68
N LYS A 67 -5.09 -11.23 8.51
CA LYS A 67 -5.84 -10.48 9.52
C LYS A 67 -5.88 -11.25 10.84
N ALA A 68 -6.18 -12.54 10.77
CA ALA A 68 -6.25 -13.37 11.96
C ALA A 68 -4.87 -13.54 12.59
N ARG A 69 -3.85 -13.68 11.74
CA ARG A 69 -2.48 -13.80 12.22
C ARG A 69 -2.06 -12.50 12.91
N TYR A 70 -2.51 -11.38 12.33
CA TYR A 70 -2.28 -10.07 12.90
C TYR A 70 -2.91 -9.97 14.29
N GLU A 71 -4.15 -10.42 14.41
CA GLU A 71 -4.87 -10.39 15.68
C GLU A 71 -4.12 -11.15 16.76
N ARG A 72 -3.52 -12.27 16.37
CA ARG A 72 -2.78 -13.12 17.27
C ARG A 72 -1.60 -12.35 17.87
N GLU A 73 -0.86 -11.66 17.02
CA GLU A 73 0.31 -10.92 17.48
C GLU A 73 -0.12 -9.59 18.11
N MET A 74 -1.25 -9.06 17.65
CA MET A 74 -1.79 -7.81 18.16
C MET A 74 -1.96 -7.84 19.67
N LYS A 75 -2.40 -8.99 20.17
CA LYS A 75 -2.60 -9.15 21.61
C LYS A 75 -1.26 -9.08 22.35
N THR A 76 -0.23 -9.64 21.73
CA THR A 76 1.10 -9.69 22.33
C THR A 76 1.93 -8.46 21.96
N TYR A 77 1.28 -7.48 21.34
CA TYR A 77 1.96 -6.30 20.88
C TYR A 77 1.72 -5.15 21.84
N ILE A 78 2.80 -4.49 22.24
CA ILE A 78 2.71 -3.34 23.14
C ILE A 78 3.04 -2.08 22.35
N PRO A 79 2.09 -1.14 22.28
CA PRO A 79 2.24 0.09 21.48
C PRO A 79 3.35 1.00 22.00
N PRO A 80 4.41 1.19 21.20
CA PRO A 80 5.53 2.08 21.55
C PRO A 80 5.11 3.54 21.48
N LYS A 81 4.98 4.17 22.65
CA LYS A 81 4.47 5.52 22.76
C LYS A 81 3.05 5.60 22.20
N GLY A 82 2.33 4.48 22.32
CA GLY A 82 0.98 4.41 21.82
C GLY A 82 0.02 5.23 22.65
N GLU A 83 -0.13 6.50 22.28
CA GLU A 83 -1.03 7.41 22.96
C GLU A 83 -2.49 6.99 22.76
N LEU B 14 -37.25 9.71 7.63
CA LEU B 14 -37.52 10.45 6.40
C LEU B 14 -38.52 9.70 5.54
N SER B 15 -38.95 10.32 4.46
CA SER B 15 -39.93 9.71 3.56
C SER B 15 -39.26 9.20 2.29
N GLN B 16 -37.95 9.40 2.20
CA GLN B 16 -37.19 8.98 1.04
C GLN B 16 -36.65 7.58 1.23
N GLU B 17 -37.36 6.61 0.67
CA GLU B 17 -36.98 5.21 0.79
C GLU B 17 -36.05 4.81 -0.36
N THR B 18 -36.39 5.26 -1.55
CA THR B 18 -35.58 5.00 -2.73
C THR B 18 -34.79 6.24 -3.15
N PHE B 19 -35.31 7.41 -2.78
CA PHE B 19 -34.76 8.68 -3.25
C PHE B 19 -33.35 8.95 -2.72
N SER B 20 -33.05 8.47 -1.52
CA SER B 20 -31.74 8.70 -0.92
C SER B 20 -30.71 7.71 -1.48
N ASP B 21 -31.19 6.80 -2.32
CA ASP B 21 -30.34 5.77 -2.92
C ASP B 21 -29.96 6.15 -4.35
N LEU B 22 -30.72 7.08 -4.92
CA LEU B 22 -30.62 7.43 -6.34
C LEU B 22 -29.22 7.91 -6.72
N TRP B 23 -28.58 8.65 -5.84
CA TRP B 23 -27.30 9.28 -6.14
C TRP B 23 -26.14 8.30 -5.94
N LYS B 24 -26.41 7.16 -5.32
CA LYS B 24 -25.36 6.21 -4.98
C LYS B 24 -25.01 5.32 -6.16
N LEU B 25 -25.24 5.83 -7.36
CA LEU B 25 -24.82 5.15 -8.58
C LEU B 25 -23.40 5.58 -8.93
N LEU B 26 -22.78 6.32 -8.02
CA LEU B 26 -21.41 6.77 -8.18
C LEU B 26 -20.45 5.61 -7.90
N PRO B 27 -19.22 5.69 -8.40
CA PRO B 27 -18.22 4.65 -8.11
C PRO B 27 -17.82 4.64 -6.64
N GLU B 28 -18.47 3.77 -5.88
CA GLU B 28 -18.20 3.65 -4.45
C GLU B 28 -17.97 2.20 -4.08
N ASN B 29 -17.45 1.99 -2.88
CA ASN B 29 -17.33 0.66 -2.30
C ASN B 29 -18.38 0.50 -1.22
N ASN B 30 -19.34 1.43 -1.22
CA ASN B 30 -20.35 1.62 -0.17
C ASN B 30 -19.83 2.65 0.83
N VAL B 31 -18.62 3.12 0.57
CA VAL B 31 -17.98 4.17 1.37
C VAL B 31 -17.81 3.75 2.82
N LEU B 32 -16.91 2.80 3.04
CA LEU B 32 -16.59 2.33 4.37
C LEU B 32 -15.11 2.49 4.64
N SER B 33 -14.42 3.10 3.70
CA SER B 33 -12.98 3.26 3.77
C SER B 33 -12.57 4.69 3.49
N PRO B 34 -11.66 5.26 4.31
CA PRO B 34 -11.11 6.59 4.05
C PRO B 34 -10.24 6.59 2.80
N LEU B 35 -10.70 7.30 1.77
CA LEU B 35 -10.00 7.36 0.50
C LEU B 35 -9.03 8.53 0.46
N PRO B 36 -7.73 8.26 0.33
CA PRO B 36 -6.70 9.29 0.21
C PRO B 36 -6.96 10.22 -0.96
N SER B 37 -6.94 11.51 -0.68
CA SER B 37 -7.23 12.51 -1.71
C SER B 37 -5.97 13.27 -2.10
N GLN B 38 -4.89 13.04 -1.37
CA GLN B 38 -3.66 13.79 -1.61
C GLN B 38 -2.72 13.03 -2.56
N ALA B 39 -2.88 11.72 -2.66
CA ALA B 39 -1.99 10.91 -3.49
C ALA B 39 -2.63 9.57 -3.83
N MET B 40 -2.38 9.07 -5.04
CA MET B 40 -2.92 7.78 -5.45
C MET B 40 -1.93 6.66 -5.15
N ASP B 41 -0.72 7.06 -4.80
CA ASP B 41 0.32 6.09 -4.41
C ASP B 41 0.24 5.79 -2.92
N ASP B 42 -0.76 6.38 -2.28
CA ASP B 42 -1.05 6.12 -0.87
C ASP B 42 -2.39 5.37 -0.77
N LEU B 43 -2.89 4.96 -1.93
CA LEU B 43 -4.19 4.31 -2.04
C LEU B 43 -4.20 2.98 -1.28
N MET B 44 -3.25 2.11 -1.60
CA MET B 44 -3.22 0.78 -1.02
C MET B 44 -2.22 0.68 0.11
N LEU B 45 -0.95 0.71 -0.22
CA LEU B 45 0.09 0.56 0.77
C LEU B 45 0.56 1.93 1.23
N SER B 46 0.04 2.35 2.38
CA SER B 46 0.37 3.65 2.97
C SER B 46 1.76 3.59 3.62
N PRO B 47 2.60 4.60 3.34
CA PRO B 47 4.03 4.59 3.67
C PRO B 47 4.35 4.35 5.14
N ASP B 48 3.51 4.90 6.02
CA ASP B 48 3.75 4.86 7.47
C ASP B 48 4.09 3.46 7.96
N ASP B 49 3.27 2.49 7.56
CA ASP B 49 3.44 1.11 8.03
C ASP B 49 4.28 0.29 7.07
N ILE B 50 4.05 0.48 5.78
CA ILE B 50 4.58 -0.42 4.76
C ILE B 50 6.09 -0.39 4.63
N GLU B 51 6.69 0.78 4.87
CA GLU B 51 8.10 0.97 4.52
C GLU B 51 9.04 -0.03 5.19
N GLN B 52 8.56 -0.67 6.25
CA GLN B 52 9.33 -1.71 6.93
C GLN B 52 9.59 -2.90 6.00
N TRP B 53 8.60 -3.23 5.19
CA TRP B 53 8.67 -4.42 4.34
C TRP B 53 8.50 -4.11 2.86
N PHE B 54 7.75 -3.05 2.55
CA PHE B 54 7.48 -2.68 1.16
C PHE B 54 8.79 -2.53 0.39
N THR B 55 9.78 -1.90 1.02
CA THR B 55 11.09 -1.72 0.42
C THR B 55 12.17 -1.91 1.48
N GLU B 56 13.33 -2.39 1.05
CA GLU B 56 14.46 -2.62 1.95
C GLU B 56 15.67 -1.84 1.46
N ASP B 57 15.79 -0.60 1.91
CA ASP B 57 16.84 0.29 1.43
C ASP B 57 17.81 0.62 2.55
N PRO B 58 19.07 0.93 2.20
CA PRO B 58 20.08 1.32 3.16
C PRO B 58 19.87 2.75 3.67
N GLY B 59 19.14 3.53 2.88
CA GLY B 59 18.90 4.91 3.21
C GLY B 59 18.39 5.68 2.02
N PRO B 60 17.72 6.82 2.25
CA PRO B 60 17.20 7.67 1.17
C PRO B 60 18.31 8.28 0.32
N GLY A 1 18.15 2.66 11.37
CA GLY A 1 16.90 2.30 10.67
C GLY A 1 15.68 2.46 11.55
N LYS A 2 14.63 1.72 11.25
CA LYS A 2 13.39 1.78 12.01
C LYS A 2 12.61 0.48 11.86
N GLY A 3 11.64 0.29 12.73
CA GLY A 3 10.75 -0.85 12.60
C GLY A 3 11.10 -1.99 13.53
N ASP A 4 10.20 -2.97 13.60
CA ASP A 4 10.38 -4.15 14.42
C ASP A 4 10.01 -5.39 13.61
N PRO A 5 10.71 -6.50 13.83
CA PRO A 5 10.40 -7.77 13.15
C PRO A 5 9.20 -8.47 13.76
N LYS A 6 8.48 -7.74 14.59
CA LYS A 6 7.32 -8.26 15.29
C LYS A 6 6.11 -7.37 15.01
N LYS A 7 6.20 -6.62 13.92
CA LYS A 7 5.17 -5.66 13.56
C LYS A 7 4.23 -6.21 12.50
N PRO A 8 2.94 -6.25 12.80
CA PRO A 8 1.91 -6.57 11.84
C PRO A 8 1.64 -5.38 10.92
N ARG A 9 1.66 -5.61 9.61
CA ARG A 9 1.50 -4.53 8.64
C ARG A 9 0.10 -3.90 8.74
N GLY A 10 -0.83 -4.63 9.35
CA GLY A 10 -2.16 -4.11 9.56
C GLY A 10 -3.22 -5.07 9.10
N LYS A 11 -4.46 -4.57 9.03
CA LYS A 11 -5.60 -5.37 8.63
C LYS A 11 -6.08 -4.93 7.24
N MET A 12 -5.16 -4.39 6.46
CA MET A 12 -5.45 -3.88 5.11
C MET A 12 -6.34 -4.82 4.32
N SER A 13 -7.26 -4.26 3.55
CA SER A 13 -8.20 -5.04 2.78
C SER A 13 -7.55 -5.63 1.52
N SER A 14 -8.35 -6.36 0.75
CA SER A 14 -7.87 -7.06 -0.43
C SER A 14 -7.22 -6.13 -1.44
N TYR A 15 -7.62 -4.85 -1.42
CA TYR A 15 -7.09 -3.86 -2.34
C TYR A 15 -5.58 -3.69 -2.12
N ALA A 16 -5.19 -3.41 -0.89
CA ALA A 16 -3.79 -3.25 -0.56
C ALA A 16 -3.04 -4.58 -0.69
N PHE A 17 -3.74 -5.68 -0.42
CA PHE A 17 -3.15 -7.00 -0.54
C PHE A 17 -2.79 -7.32 -1.98
N PHE A 18 -3.63 -6.86 -2.91
CA PHE A 18 -3.37 -7.00 -4.34
C PHE A 18 -2.00 -6.42 -4.69
N VAL A 19 -1.80 -5.17 -4.31
CA VAL A 19 -0.54 -4.49 -4.59
C VAL A 19 0.59 -5.13 -3.82
N GLN A 20 0.34 -5.45 -2.56
CA GLN A 20 1.35 -6.03 -1.70
C GLN A 20 1.79 -7.40 -2.20
N THR A 21 0.84 -8.27 -2.52
CA THR A 21 1.16 -9.64 -2.90
C THR A 21 2.11 -9.69 -4.10
N CYS A 22 1.95 -8.76 -5.04
CA CYS A 22 2.82 -8.73 -6.21
C CYS A 22 4.09 -7.90 -5.94
N ARG A 23 3.95 -6.82 -5.18
CA ARG A 23 5.07 -5.93 -4.88
C ARG A 23 6.05 -6.62 -3.93
N GLU A 24 5.52 -7.31 -2.94
CA GLU A 24 6.32 -7.96 -1.93
C GLU A 24 6.97 -9.21 -2.51
N GLU A 25 6.18 -10.01 -3.22
CA GLU A 25 6.71 -11.21 -3.89
C GLU A 25 7.79 -10.83 -4.91
N HIS A 26 7.69 -9.61 -5.44
CA HIS A 26 8.67 -9.10 -6.37
C HIS A 26 10.02 -8.91 -5.69
N LYS A 27 9.98 -8.41 -4.46
CA LYS A 27 11.20 -8.17 -3.70
C LYS A 27 11.68 -9.45 -3.02
N LYS A 28 10.79 -10.41 -2.87
CA LYS A 28 11.18 -11.72 -2.36
C LYS A 28 12.10 -12.41 -3.36
N LYS A 29 11.65 -12.51 -4.61
CA LYS A 29 12.44 -13.13 -5.66
C LYS A 29 13.53 -12.18 -6.18
N HIS A 30 13.24 -10.89 -6.19
CA HIS A 30 14.23 -9.91 -6.61
C HIS A 30 14.41 -8.84 -5.54
N PRO A 31 15.38 -9.05 -4.64
CA PRO A 31 15.67 -8.11 -3.54
C PRO A 31 16.32 -6.83 -4.06
N ASP A 32 16.74 -6.87 -5.31
CA ASP A 32 17.42 -5.75 -5.94
C ASP A 32 16.45 -4.91 -6.76
N ALA A 33 15.17 -5.22 -6.67
CA ALA A 33 14.18 -4.54 -7.48
C ALA A 33 13.07 -3.93 -6.65
N SER A 34 13.28 -2.69 -6.24
CA SER A 34 12.22 -1.92 -5.60
C SER A 34 11.35 -1.27 -6.66
N VAL A 35 10.05 -1.34 -6.49
CA VAL A 35 9.12 -0.82 -7.48
C VAL A 35 8.93 0.68 -7.30
N ASN A 36 8.62 1.38 -8.38
CA ASN A 36 8.38 2.81 -8.33
C ASN A 36 6.94 3.07 -7.91
N PHE A 37 6.75 3.97 -6.95
CA PHE A 37 5.43 4.25 -6.41
C PHE A 37 4.47 4.74 -7.49
N SER A 38 4.96 5.62 -8.36
CA SER A 38 4.13 6.16 -9.42
C SER A 38 3.77 5.08 -10.42
N GLU A 39 4.78 4.39 -10.92
CA GLU A 39 4.61 3.42 -12.00
C GLU A 39 3.80 2.22 -11.55
N PHE A 40 4.31 1.53 -10.55
CA PHE A 40 3.78 0.23 -10.16
C PHE A 40 2.39 0.34 -9.54
N SER A 41 2.25 1.20 -8.55
CA SER A 41 0.99 1.29 -7.81
C SER A 41 -0.14 1.83 -8.68
N LYS A 42 0.18 2.79 -9.57
CA LYS A 42 -0.83 3.34 -10.47
C LYS A 42 -1.39 2.25 -11.39
N LYS A 43 -0.52 1.48 -12.01
CA LYS A 43 -0.96 0.43 -12.92
C LYS A 43 -1.69 -0.68 -12.16
N CYS A 44 -1.27 -0.92 -10.93
CA CYS A 44 -1.95 -1.89 -10.08
C CYS A 44 -3.34 -1.38 -9.70
N SER A 45 -3.43 -0.08 -9.42
CA SER A 45 -4.71 0.56 -9.15
C SER A 45 -5.66 0.31 -10.32
N GLU A 46 -5.19 0.64 -11.52
CA GLU A 46 -5.99 0.49 -12.73
C GLU A 46 -6.37 -0.97 -12.96
N ARG A 47 -5.42 -1.89 -12.71
CA ARG A 47 -5.69 -3.31 -12.85
C ARG A 47 -6.74 -3.77 -11.84
N TRP A 48 -6.60 -3.35 -10.59
CA TRP A 48 -7.53 -3.75 -9.54
C TRP A 48 -8.95 -3.30 -9.87
N LYS A 49 -9.10 -2.07 -10.30
CA LYS A 49 -10.42 -1.50 -10.55
C LYS A 49 -11.07 -2.16 -11.77
N THR A 50 -10.26 -2.79 -12.61
CA THR A 50 -10.76 -3.44 -13.80
C THR A 50 -10.67 -4.96 -13.68
N MET A 51 -10.62 -5.46 -12.45
CA MET A 51 -10.42 -6.88 -12.20
C MET A 51 -11.70 -7.55 -11.70
N SER A 52 -11.84 -8.84 -11.99
CA SER A 52 -13.02 -9.60 -11.58
C SER A 52 -13.06 -9.79 -10.06
N ALA A 53 -14.24 -10.08 -9.55
CA ALA A 53 -14.45 -10.25 -8.11
C ALA A 53 -13.83 -11.55 -7.61
N LYS A 54 -13.67 -12.52 -8.51
CA LYS A 54 -13.06 -13.80 -8.16
C LYS A 54 -11.65 -13.60 -7.63
N GLU A 55 -10.87 -12.78 -8.33
CA GLU A 55 -9.51 -12.50 -7.93
C GLU A 55 -9.51 -11.68 -6.64
N LYS A 56 -10.46 -10.77 -6.53
CA LYS A 56 -10.62 -9.95 -5.34
C LYS A 56 -10.89 -10.83 -4.12
N GLY A 57 -11.75 -11.83 -4.29
CA GLY A 57 -12.01 -12.79 -3.24
C GLY A 57 -10.79 -13.63 -2.90
N LYS A 58 -9.95 -13.85 -3.89
CA LYS A 58 -8.68 -14.54 -3.69
C LYS A 58 -7.78 -13.75 -2.75
N PHE A 59 -7.71 -12.44 -2.97
CA PHE A 59 -6.92 -11.57 -2.11
C PHE A 59 -7.56 -11.43 -0.74
N GLU A 60 -8.85 -11.72 -0.66
CA GLU A 60 -9.55 -11.75 0.61
C GLU A 60 -9.09 -12.96 1.44
N ASP A 61 -8.88 -14.08 0.77
CA ASP A 61 -8.45 -15.30 1.44
C ASP A 61 -7.07 -15.14 2.06
N MET A 62 -6.13 -14.59 1.30
CA MET A 62 -4.78 -14.36 1.81
C MET A 62 -4.83 -13.35 2.95
N ALA A 63 -5.78 -12.43 2.87
CA ALA A 63 -5.98 -11.45 3.94
C ALA A 63 -6.42 -12.16 5.22
N LYS A 64 -7.25 -13.18 5.07
CA LYS A 64 -7.72 -13.95 6.22
C LYS A 64 -6.57 -14.75 6.84
N ALA A 65 -5.68 -15.25 5.99
CA ALA A 65 -4.54 -16.03 6.43
C ALA A 65 -3.57 -15.15 7.23
N ASP A 66 -3.24 -14.00 6.67
CA ASP A 66 -2.34 -13.05 7.34
C ASP A 66 -3.06 -12.32 8.46
N LYS A 67 -4.38 -12.34 8.46
CA LYS A 67 -5.17 -11.78 9.56
C LYS A 67 -5.00 -12.64 10.79
N ALA A 68 -5.00 -13.96 10.60
CA ALA A 68 -4.73 -14.88 11.70
C ALA A 68 -3.29 -14.72 12.17
N ARG A 69 -2.40 -14.46 11.21
CA ARG A 69 -1.01 -14.17 11.50
C ARG A 69 -0.88 -12.86 12.28
N TYR A 70 -1.73 -11.90 11.91
CA TYR A 70 -1.81 -10.62 12.59
C TYR A 70 -2.24 -10.83 14.04
N GLU A 71 -3.30 -11.61 14.23
CA GLU A 71 -3.81 -11.92 15.55
C GLU A 71 -2.71 -12.48 16.45
N ARG A 72 -1.95 -13.44 15.94
CA ARG A 72 -0.85 -14.04 16.70
C ARG A 72 0.15 -12.97 17.11
N GLU A 73 0.70 -12.29 16.11
CA GLU A 73 1.79 -11.35 16.31
C GLU A 73 1.37 -10.21 17.23
N MET A 74 0.16 -9.71 17.05
CA MET A 74 -0.32 -8.55 17.78
C MET A 74 -0.49 -8.87 19.27
N LYS A 75 -0.79 -10.12 19.59
CA LYS A 75 -0.93 -10.53 20.99
C LYS A 75 0.44 -10.63 21.67
N THR A 76 1.41 -11.06 20.88
CA THR A 76 2.76 -11.26 21.39
C THR A 76 3.59 -9.98 21.31
N TYR A 77 2.96 -8.93 20.83
CA TYR A 77 3.63 -7.65 20.66
C TYR A 77 3.57 -6.86 21.96
N ILE A 78 4.73 -6.38 22.40
CA ILE A 78 4.81 -5.55 23.60
C ILE A 78 4.77 -4.08 23.19
N PRO A 79 3.71 -3.36 23.58
CA PRO A 79 3.53 -1.94 23.25
C PRO A 79 4.61 -1.08 23.90
N PRO A 80 5.47 -0.46 23.08
CA PRO A 80 6.56 0.38 23.55
C PRO A 80 6.15 1.84 23.72
N LYS A 81 6.99 2.59 24.43
CA LYS A 81 6.75 4.02 24.59
C LYS A 81 7.97 4.79 24.08
N GLY A 82 7.91 5.19 22.82
CA GLY A 82 9.03 5.88 22.21
C GLY A 82 8.67 7.29 21.81
N GLU A 83 7.98 7.99 22.70
CA GLU A 83 7.54 9.35 22.44
C GLU A 83 8.28 10.32 23.34
N LEU B 14 31.24 10.02 -20.86
CA LEU B 14 31.10 11.44 -21.13
C LEU B 14 30.52 12.17 -19.92
N SER B 15 30.77 13.47 -19.85
CA SER B 15 30.28 14.28 -18.75
C SER B 15 28.92 14.88 -19.07
N GLN B 16 28.44 14.66 -20.31
CA GLN B 16 27.18 15.21 -20.79
C GLN B 16 27.20 16.75 -20.76
N GLU B 17 28.40 17.31 -20.73
CA GLU B 17 28.60 18.75 -20.60
C GLU B 17 27.85 19.54 -21.67
N THR B 18 28.29 19.41 -22.93
CA THR B 18 27.62 20.06 -24.04
C THR B 18 26.46 19.21 -24.55
N PHE B 19 26.47 17.94 -24.17
CA PHE B 19 25.49 16.98 -24.67
C PHE B 19 24.10 17.26 -24.10
N SER B 20 24.04 17.85 -22.92
CA SER B 20 22.78 18.16 -22.28
C SER B 20 22.17 19.43 -22.85
N ASP B 21 22.89 20.09 -23.75
CA ASP B 21 22.41 21.31 -24.37
C ASP B 21 21.77 21.00 -25.72
N LEU B 22 22.10 19.83 -26.25
CA LEU B 22 21.65 19.43 -27.59
C LEU B 22 20.14 19.28 -27.66
N TRP B 23 19.52 18.85 -26.57
CA TRP B 23 18.07 18.64 -26.56
C TRP B 23 17.33 19.89 -26.08
N LYS B 24 18.08 20.94 -25.77
CA LYS B 24 17.49 22.18 -25.28
C LYS B 24 16.96 23.03 -26.43
N LEU B 25 16.64 22.37 -27.54
CA LEU B 25 16.06 23.03 -28.70
C LEU B 25 14.61 23.39 -28.43
N LEU B 26 14.00 22.66 -27.50
CA LEU B 26 12.66 22.97 -27.04
C LEU B 26 12.73 23.70 -25.70
N PRO B 27 12.42 24.99 -25.70
CA PRO B 27 12.51 25.81 -24.49
C PRO B 27 11.46 25.44 -23.46
N GLU B 28 11.86 24.59 -22.52
CA GLU B 28 11.02 24.21 -21.41
C GLU B 28 11.35 25.06 -20.20
N ASN B 29 10.60 24.87 -19.12
CA ASN B 29 10.88 25.55 -17.87
C ASN B 29 11.28 24.55 -16.81
N ASN B 30 10.56 23.44 -16.78
CA ASN B 30 10.82 22.37 -15.84
C ASN B 30 10.38 21.04 -16.43
N VAL B 31 10.41 20.98 -17.78
CA VAL B 31 9.85 19.87 -18.55
C VAL B 31 8.56 19.35 -17.91
N LEU B 32 7.64 20.28 -17.69
CA LEU B 32 6.41 20.00 -16.97
C LEU B 32 5.55 19.01 -17.73
N SER B 33 5.24 17.91 -17.06
CA SER B 33 4.36 16.90 -17.60
C SER B 33 3.28 16.56 -16.58
N PRO B 34 2.02 16.43 -17.02
CA PRO B 34 0.91 16.09 -16.13
C PRO B 34 1.11 14.73 -15.46
N LEU B 35 1.37 14.75 -14.17
CA LEU B 35 1.61 13.52 -13.43
C LEU B 35 1.00 13.63 -12.02
N PRO B 36 -0.09 12.92 -11.77
CA PRO B 36 -0.74 12.92 -10.47
C PRO B 36 -0.11 11.92 -9.51
N SER B 37 0.57 12.44 -8.50
CA SER B 37 1.17 11.60 -7.48
C SER B 37 0.28 11.56 -6.25
N GLN B 38 -0.77 12.38 -6.30
CA GLN B 38 -1.74 12.47 -5.20
C GLN B 38 -2.47 11.14 -4.99
N ALA B 39 -2.72 10.43 -6.08
CA ALA B 39 -3.44 9.18 -6.02
C ALA B 39 -2.79 8.13 -6.90
N MET B 40 -1.76 7.49 -6.38
CA MET B 40 -1.05 6.46 -7.11
C MET B 40 -0.88 5.20 -6.26
N ASP B 41 -0.38 5.38 -5.05
CA ASP B 41 -0.06 4.26 -4.17
C ASP B 41 -0.84 4.33 -2.88
N ASP B 42 -0.92 5.54 -2.33
CA ASP B 42 -1.59 5.79 -1.04
C ASP B 42 -3.08 5.40 -1.08
N LEU B 43 -3.56 5.04 -2.27
CA LEU B 43 -4.92 4.57 -2.44
C LEU B 43 -5.15 3.31 -1.60
N MET B 44 -4.14 2.45 -1.54
CA MET B 44 -4.24 1.20 -0.79
C MET B 44 -3.04 1.00 0.13
N LEU B 45 -1.83 1.19 -0.40
CA LEU B 45 -0.64 1.08 0.41
C LEU B 45 -0.21 2.48 0.86
N SER B 46 -0.54 2.81 2.09
CA SER B 46 -0.32 4.16 2.59
C SER B 46 1.00 4.25 3.35
N PRO B 47 1.73 5.37 3.16
CA PRO B 47 3.00 5.65 3.85
C PRO B 47 2.94 5.36 5.34
N ASP B 48 1.73 5.55 5.91
CA ASP B 48 1.47 5.27 7.32
C ASP B 48 2.02 3.91 7.72
N ASP B 49 1.70 2.90 6.92
CA ASP B 49 2.07 1.52 7.25
C ASP B 49 3.27 1.05 6.45
N ILE B 50 3.30 1.39 5.17
CA ILE B 50 4.24 0.78 4.24
C ILE B 50 5.69 1.10 4.55
N GLU B 51 5.96 2.21 5.22
CA GLU B 51 7.33 2.63 5.41
C GLU B 51 8.14 1.65 6.25
N GLN B 52 7.48 0.62 6.78
CA GLN B 52 8.16 -0.42 7.52
C GLN B 52 8.67 -1.52 6.59
N TRP B 53 7.98 -1.70 5.46
CA TRP B 53 8.27 -2.79 4.53
C TRP B 53 8.37 -2.30 3.08
N PHE B 54 7.35 -1.59 2.62
CA PHE B 54 7.34 -1.04 1.27
C PHE B 54 8.12 0.27 1.24
N THR B 55 9.40 0.19 0.90
CA THR B 55 10.25 1.36 0.83
C THR B 55 10.98 1.44 -0.50
N GLU B 56 11.18 2.65 -0.99
CA GLU B 56 11.93 2.89 -2.20
C GLU B 56 13.25 3.59 -1.86
N ASP B 57 14.33 2.85 -1.93
CA ASP B 57 15.65 3.40 -1.68
C ASP B 57 16.56 3.13 -2.88
N PRO B 58 16.94 4.19 -3.59
CA PRO B 58 17.70 4.13 -4.83
C PRO B 58 19.21 4.03 -4.59
N GLY B 59 19.57 3.47 -3.45
CA GLY B 59 20.97 3.36 -3.09
C GLY B 59 21.42 4.53 -2.26
N PRO B 60 22.70 4.92 -2.36
CA PRO B 60 23.24 6.05 -1.65
C PRO B 60 23.25 7.33 -2.51
N GLY A 1 8.50 0.69 18.12
CA GLY A 1 9.85 1.26 17.90
C GLY A 1 9.92 2.08 16.63
N LYS A 2 11.10 2.15 16.02
CA LYS A 2 11.29 2.88 14.79
C LYS A 2 11.13 1.95 13.60
N GLY A 3 11.72 0.77 13.72
CA GLY A 3 11.61 -0.24 12.69
C GLY A 3 11.51 -1.61 13.29
N ASP A 4 10.39 -1.87 13.95
CA ASP A 4 10.17 -3.13 14.67
C ASP A 4 10.21 -4.33 13.71
N PRO A 5 11.22 -5.20 13.86
CA PRO A 5 11.37 -6.40 13.02
C PRO A 5 10.56 -7.58 13.54
N LYS A 6 9.70 -7.30 14.51
CA LYS A 6 8.86 -8.33 15.10
C LYS A 6 7.41 -7.93 14.96
N LYS A 7 7.16 -7.05 14.02
CA LYS A 7 5.86 -6.44 13.85
C LYS A 7 5.12 -7.04 12.66
N PRO A 8 3.93 -7.59 12.91
CA PRO A 8 3.07 -8.09 11.83
C PRO A 8 2.57 -6.93 10.96
N ARG A 9 2.25 -7.22 9.71
CA ARG A 9 2.08 -6.17 8.71
C ARG A 9 0.66 -5.60 8.66
N GLY A 10 -0.05 -5.70 9.77
CA GLY A 10 -1.33 -5.01 9.87
C GLY A 10 -2.52 -5.82 9.39
N LYS A 11 -3.67 -5.16 9.37
CA LYS A 11 -4.93 -5.80 9.01
C LYS A 11 -5.47 -5.18 7.71
N MET A 12 -4.55 -4.66 6.90
CA MET A 12 -4.88 -3.91 5.67
C MET A 12 -5.97 -4.57 4.84
N SER A 13 -6.68 -3.75 4.07
CA SER A 13 -7.77 -4.22 3.23
C SER A 13 -7.26 -5.05 2.05
N SER A 14 -8.16 -5.79 1.44
CA SER A 14 -7.82 -6.68 0.32
C SER A 14 -7.16 -5.90 -0.83
N TYR A 15 -7.60 -4.67 -1.05
CA TYR A 15 -7.02 -3.81 -2.09
C TYR A 15 -5.51 -3.69 -1.89
N ALA A 16 -5.12 -3.41 -0.65
CA ALA A 16 -3.72 -3.30 -0.29
C ALA A 16 -3.03 -4.63 -0.44
N PHE A 17 -3.73 -5.69 -0.06
CA PHE A 17 -3.19 -7.04 -0.16
C PHE A 17 -2.83 -7.40 -1.58
N PHE A 18 -3.69 -7.01 -2.53
CA PHE A 18 -3.46 -7.26 -3.95
C PHE A 18 -2.08 -6.75 -4.37
N VAL A 19 -1.85 -5.46 -4.15
CA VAL A 19 -0.56 -4.87 -4.48
C VAL A 19 0.56 -5.47 -3.63
N GLN A 20 0.26 -5.67 -2.35
CA GLN A 20 1.22 -6.17 -1.37
C GLN A 20 1.78 -7.54 -1.76
N THR A 21 0.91 -8.49 -2.05
CA THR A 21 1.34 -9.86 -2.32
C THR A 21 2.21 -9.91 -3.58
N CYS A 22 1.84 -9.15 -4.60
CA CYS A 22 2.62 -9.11 -5.83
C CYS A 22 3.92 -8.33 -5.60
N ARG A 23 3.90 -7.48 -4.60
CA ARG A 23 5.02 -6.60 -4.29
C ARG A 23 6.10 -7.32 -3.51
N GLU A 24 5.75 -7.90 -2.37
CA GLU A 24 6.74 -8.56 -1.53
C GLU A 24 7.29 -9.81 -2.19
N GLU A 25 6.45 -10.53 -2.92
CA GLU A 25 6.93 -11.68 -3.70
C GLU A 25 8.01 -11.22 -4.66
N HIS A 26 7.77 -10.08 -5.28
CA HIS A 26 8.75 -9.46 -6.15
C HIS A 26 10.01 -9.08 -5.37
N LYS A 27 9.80 -8.50 -4.18
CA LYS A 27 10.92 -8.11 -3.31
C LYS A 27 11.80 -9.30 -2.96
N LYS A 28 11.17 -10.44 -2.67
CA LYS A 28 11.90 -11.67 -2.37
C LYS A 28 12.91 -12.02 -3.46
N LYS A 29 12.48 -11.84 -4.71
CA LYS A 29 13.30 -12.25 -5.86
C LYS A 29 14.13 -11.09 -6.41
N HIS A 30 13.72 -9.86 -6.16
CA HIS A 30 14.50 -8.69 -6.56
C HIS A 30 14.63 -7.73 -5.39
N PRO A 31 15.66 -7.90 -4.56
CA PRO A 31 15.84 -7.14 -3.33
C PRO A 31 16.37 -5.73 -3.56
N ASP A 32 17.16 -5.54 -4.62
CA ASP A 32 17.82 -4.26 -4.84
C ASP A 32 17.14 -3.43 -5.92
N ALA A 33 15.91 -3.81 -6.25
CA ALA A 33 15.11 -3.04 -7.18
C ALA A 33 14.32 -1.98 -6.43
N SER A 34 13.86 -0.93 -7.11
CA SER A 34 13.06 0.11 -6.45
C SER A 34 11.97 0.64 -7.38
N VAL A 35 10.71 0.33 -7.06
CA VAL A 35 9.57 0.73 -7.89
C VAL A 35 9.40 2.24 -7.90
N ASN A 36 8.84 2.74 -8.98
CA ASN A 36 8.33 4.09 -9.01
C ASN A 36 6.91 4.07 -8.44
N PHE A 37 6.71 4.79 -7.35
CA PHE A 37 5.44 4.76 -6.63
C PHE A 37 4.26 5.10 -7.54
N SER A 38 4.38 6.21 -8.26
CA SER A 38 3.31 6.68 -9.14
C SER A 38 3.03 5.68 -10.28
N GLU A 39 4.07 5.00 -10.73
CA GLU A 39 3.95 4.00 -11.78
C GLU A 39 3.08 2.83 -11.34
N PHE A 40 3.53 2.18 -10.29
CA PHE A 40 2.91 0.94 -9.83
C PHE A 40 1.48 1.17 -9.35
N SER A 41 1.28 2.25 -8.60
CA SER A 41 -0.01 2.52 -8.00
C SER A 41 -1.10 2.68 -9.05
N LYS A 42 -0.86 3.55 -10.02
CA LYS A 42 -1.86 3.84 -11.05
C LYS A 42 -2.23 2.58 -11.83
N LYS A 43 -1.22 1.89 -12.36
CA LYS A 43 -1.47 0.78 -13.27
C LYS A 43 -2.17 -0.39 -12.56
N CYS A 44 -1.83 -0.60 -11.29
CA CYS A 44 -2.35 -1.74 -10.55
C CYS A 44 -3.65 -1.43 -9.83
N SER A 45 -3.88 -0.17 -9.51
CA SER A 45 -5.12 0.22 -8.85
C SER A 45 -6.31 -0.07 -9.75
N GLU A 46 -6.25 0.43 -10.99
CA GLU A 46 -7.30 0.19 -11.96
C GLU A 46 -7.33 -1.28 -12.37
N ARG A 47 -6.15 -1.90 -12.35
CA ARG A 47 -6.03 -3.34 -12.59
C ARG A 47 -6.92 -4.11 -11.61
N TRP A 48 -6.95 -3.66 -10.37
CA TRP A 48 -7.81 -4.24 -9.34
C TRP A 48 -9.28 -3.98 -9.66
N LYS A 49 -9.59 -2.74 -9.99
CA LYS A 49 -10.98 -2.31 -10.19
C LYS A 49 -11.68 -3.17 -11.24
N THR A 50 -10.99 -3.42 -12.35
CA THR A 50 -11.57 -4.16 -13.47
C THR A 50 -11.15 -5.63 -13.45
N MET A 51 -10.61 -6.09 -12.32
CA MET A 51 -10.17 -7.47 -12.19
C MET A 51 -11.38 -8.42 -12.07
N SER A 52 -11.16 -9.69 -12.39
CA SER A 52 -12.16 -10.72 -12.17
C SER A 52 -12.54 -10.78 -10.69
N ALA A 53 -13.84 -10.79 -10.42
CA ALA A 53 -14.35 -10.73 -9.05
C ALA A 53 -13.88 -11.91 -8.21
N LYS A 54 -13.69 -13.06 -8.83
CA LYS A 54 -13.27 -14.25 -8.13
C LYS A 54 -11.80 -14.15 -7.70
N GLU A 55 -11.00 -13.48 -8.52
CA GLU A 55 -9.61 -13.23 -8.15
C GLU A 55 -9.55 -12.21 -7.03
N LYS A 56 -10.41 -11.20 -7.09
CA LYS A 56 -10.57 -10.25 -5.99
C LYS A 56 -10.86 -11.00 -4.69
N GLY A 57 -11.73 -12.01 -4.80
CA GLY A 57 -12.08 -12.82 -3.65
C GLY A 57 -10.89 -13.61 -3.13
N LYS A 58 -9.97 -13.96 -4.02
CA LYS A 58 -8.75 -14.67 -3.64
C LYS A 58 -7.91 -13.78 -2.71
N PHE A 59 -7.81 -12.50 -3.07
CA PHE A 59 -7.05 -11.55 -2.25
C PHE A 59 -7.80 -11.28 -0.95
N GLU A 60 -9.12 -11.34 -1.01
CA GLU A 60 -9.96 -11.19 0.18
C GLU A 60 -9.78 -12.39 1.11
N ASP A 61 -9.65 -13.57 0.51
CA ASP A 61 -9.37 -14.79 1.26
C ASP A 61 -8.03 -14.68 1.98
N MET A 62 -7.00 -14.29 1.24
CA MET A 62 -5.66 -14.13 1.82
C MET A 62 -5.65 -13.02 2.86
N ALA A 63 -6.48 -12.00 2.65
CA ALA A 63 -6.62 -10.92 3.61
C ALA A 63 -6.98 -11.46 4.98
N LYS A 64 -7.92 -12.40 5.01
CA LYS A 64 -8.35 -13.02 6.26
C LYS A 64 -7.24 -13.90 6.84
N ALA A 65 -6.55 -14.62 5.97
CA ALA A 65 -5.49 -15.52 6.40
C ALA A 65 -4.36 -14.76 7.09
N ASP A 66 -3.92 -13.68 6.45
CA ASP A 66 -2.86 -12.85 7.00
C ASP A 66 -3.35 -12.05 8.20
N LYS A 67 -4.61 -11.61 8.15
CA LYS A 67 -5.21 -10.88 9.27
C LYS A 67 -5.29 -11.75 10.51
N ALA A 68 -5.77 -12.98 10.35
CA ALA A 68 -5.86 -13.92 11.46
C ALA A 68 -4.47 -14.19 12.02
N ARG A 69 -3.49 -14.29 11.13
CA ARG A 69 -2.11 -14.47 11.56
C ARG A 69 -1.66 -13.24 12.33
N TYR A 70 -2.02 -12.06 11.82
CA TYR A 70 -1.75 -10.80 12.51
C TYR A 70 -2.33 -10.82 13.91
N GLU A 71 -3.62 -11.13 14.00
CA GLU A 71 -4.34 -11.13 15.26
C GLU A 71 -3.70 -12.08 16.27
N ARG A 72 -3.24 -13.23 15.79
CA ARG A 72 -2.56 -14.21 16.63
C ARG A 72 -1.14 -13.75 16.96
N GLU A 73 -0.41 -13.32 15.94
CA GLU A 73 0.98 -12.89 16.09
C GLU A 73 1.08 -11.65 16.96
N MET A 74 0.21 -10.68 16.71
CA MET A 74 0.18 -9.44 17.50
C MET A 74 -0.17 -9.75 18.94
N LYS A 75 -0.94 -10.81 19.17
CA LYS A 75 -1.28 -11.22 20.51
C LYS A 75 -0.04 -11.73 21.24
N THR A 76 0.83 -12.41 20.52
CA THR A 76 2.08 -12.91 21.10
C THR A 76 3.17 -11.85 21.05
N TYR A 77 2.94 -10.81 20.26
CA TYR A 77 3.89 -9.73 20.14
C TYR A 77 3.58 -8.64 21.14
N ILE A 78 4.55 -8.29 21.95
CA ILE A 78 4.39 -7.19 22.87
C ILE A 78 5.39 -6.08 22.54
N PRO A 79 4.95 -5.11 21.73
CA PRO A 79 5.78 -3.97 21.34
C PRO A 79 6.06 -3.03 22.51
N PRO A 80 7.22 -2.37 22.51
CA PRO A 80 7.58 -1.39 23.54
C PRO A 80 6.52 -0.31 23.67
N LYS A 81 6.26 0.13 24.90
CA LYS A 81 5.24 1.14 25.13
C LYS A 81 5.76 2.52 24.73
N GLY A 82 5.55 2.84 23.46
CA GLY A 82 5.92 4.14 22.94
C GLY A 82 5.11 4.48 21.70
N GLU A 83 5.56 3.99 20.55
CA GLU A 83 4.85 4.19 19.29
C GLU A 83 5.53 3.41 18.16
N LEU B 14 -5.15 30.89 -36.58
CA LEU B 14 -4.05 31.78 -36.25
C LEU B 14 -3.37 31.33 -34.95
N SER B 15 -2.16 31.82 -34.73
CA SER B 15 -1.37 31.43 -33.57
C SER B 15 -1.53 32.47 -32.46
N GLN B 16 -1.71 33.73 -32.86
CA GLN B 16 -1.77 34.85 -31.92
C GLN B 16 -0.51 34.87 -31.05
N GLU B 17 0.57 35.32 -31.65
CA GLU B 17 1.90 35.28 -31.05
C GLU B 17 1.96 36.13 -29.79
N THR B 18 1.73 37.43 -29.96
CA THR B 18 1.80 38.37 -28.85
C THR B 18 0.75 38.06 -27.80
N PHE B 19 -0.40 37.58 -28.24
CA PHE B 19 -1.48 37.23 -27.32
C PHE B 19 -1.07 36.06 -26.44
N SER B 20 -0.25 35.16 -26.98
CA SER B 20 0.24 34.03 -26.21
C SER B 20 1.37 34.50 -25.28
N ASP B 21 2.13 35.49 -25.72
CA ASP B 21 3.22 36.03 -24.90
C ASP B 21 2.69 36.94 -23.80
N LEU B 22 1.39 37.19 -23.79
CA LEU B 22 0.78 38.04 -22.77
C LEU B 22 0.81 37.35 -21.40
N TRP B 23 0.65 36.04 -21.38
CA TRP B 23 0.67 35.30 -20.12
C TRP B 23 2.04 34.69 -19.88
N LYS B 24 2.95 34.88 -20.83
CA LYS B 24 4.30 34.32 -20.73
C LYS B 24 5.24 35.30 -20.04
N LEU B 25 4.67 36.18 -19.22
CA LEU B 25 5.45 37.14 -18.47
C LEU B 25 6.00 36.51 -17.19
N LEU B 26 5.70 35.23 -17.01
CA LEU B 26 6.24 34.46 -15.90
C LEU B 26 7.52 33.76 -16.34
N PRO B 27 8.40 33.40 -15.39
CA PRO B 27 9.61 32.67 -15.73
C PRO B 27 9.31 31.21 -16.07
N GLU B 28 9.15 30.95 -17.36
CA GLU B 28 8.86 29.61 -17.83
C GLU B 28 10.16 28.83 -17.99
N ASN B 29 10.75 28.47 -16.86
CA ASN B 29 11.97 27.68 -16.83
C ASN B 29 11.67 26.28 -16.32
N ASN B 30 10.41 26.11 -15.90
CA ASN B 30 9.88 24.84 -15.43
C ASN B 30 8.42 24.99 -15.00
N VAL B 31 8.11 26.14 -14.42
CA VAL B 31 6.79 26.45 -13.88
C VAL B 31 6.50 25.59 -12.66
N LEU B 32 6.84 26.12 -11.50
CA LEU B 32 6.70 25.40 -10.24
C LEU B 32 5.35 25.67 -9.61
N SER B 33 4.40 24.79 -9.85
CA SER B 33 3.08 24.87 -9.24
C SER B 33 3.04 23.94 -8.02
N PRO B 34 2.26 24.31 -6.99
CA PRO B 34 2.15 23.49 -5.77
C PRO B 34 1.46 22.15 -6.06
N LEU B 35 2.20 21.07 -5.87
CA LEU B 35 1.68 19.74 -6.08
C LEU B 35 0.84 19.29 -4.89
N PRO B 36 -0.28 18.61 -5.13
CA PRO B 36 -1.12 18.03 -4.07
C PRO B 36 -0.33 17.08 -3.18
N SER B 37 -0.35 17.36 -1.88
CA SER B 37 0.45 16.62 -0.92
C SER B 37 -0.19 15.27 -0.56
N GLN B 38 -1.35 15.00 -1.14
CA GLN B 38 -2.02 13.71 -0.93
C GLN B 38 -1.32 12.61 -1.73
N ALA B 39 -0.94 12.91 -2.97
CA ALA B 39 -0.35 11.94 -3.88
C ALA B 39 -1.39 10.89 -4.27
N MET B 40 -0.96 9.84 -4.95
CA MET B 40 -1.87 8.79 -5.41
C MET B 40 -1.34 7.40 -5.03
N ASP B 41 -0.07 7.35 -4.73
CA ASP B 41 0.62 6.09 -4.49
C ASP B 41 0.39 5.55 -3.08
N ASP B 42 -0.40 6.27 -2.30
CA ASP B 42 -0.75 5.82 -0.95
C ASP B 42 -2.13 5.20 -0.93
N LEU B 43 -2.64 4.90 -2.12
CA LEU B 43 -3.97 4.36 -2.28
C LEU B 43 -4.18 3.11 -1.43
N MET B 44 -3.41 2.06 -1.70
CA MET B 44 -3.57 0.81 -0.99
C MET B 44 -2.51 0.64 0.10
N LEU B 45 -1.26 0.90 -0.23
CA LEU B 45 -0.18 0.74 0.74
C LEU B 45 0.25 2.13 1.24
N SER B 46 -0.01 2.41 2.51
CA SER B 46 0.30 3.72 3.09
C SER B 46 1.79 3.84 3.40
N PRO B 47 2.42 4.96 3.02
CA PRO B 47 3.88 5.17 3.12
C PRO B 47 4.45 5.07 4.55
N ASP B 48 3.60 4.86 5.54
CA ASP B 48 4.02 4.77 6.93
C ASP B 48 4.97 3.59 7.14
N ASP B 49 4.44 2.38 7.04
CA ASP B 49 5.20 1.17 7.37
C ASP B 49 5.73 0.46 6.14
N ILE B 50 5.23 0.84 4.96
CA ILE B 50 5.53 0.10 3.73
C ILE B 50 6.96 0.27 3.26
N GLU B 51 7.65 1.27 3.77
CA GLU B 51 8.94 1.66 3.20
C GLU B 51 9.97 0.53 3.26
N GLN B 52 9.66 -0.51 4.03
CA GLN B 52 10.56 -1.65 4.17
C GLN B 52 10.18 -2.80 3.22
N TRP B 53 8.96 -2.81 2.70
CA TRP B 53 8.53 -3.88 1.80
C TRP B 53 7.87 -3.34 0.53
N PHE B 54 7.92 -2.03 0.34
CA PHE B 54 7.35 -1.41 -0.84
C PHE B 54 8.45 -0.62 -1.56
N THR B 55 9.32 -1.36 -2.26
CA THR B 55 10.33 -0.74 -3.12
C THR B 55 11.10 -1.83 -3.89
N GLU B 56 10.60 -2.19 -5.07
CA GLU B 56 11.22 -3.23 -5.89
C GLU B 56 10.67 -3.20 -7.32
N ASP B 57 11.36 -2.47 -8.19
CA ASP B 57 10.86 -2.18 -9.54
C ASP B 57 10.87 -3.42 -10.43
N PRO B 58 9.91 -3.50 -11.37
CA PRO B 58 9.84 -4.55 -12.39
C PRO B 58 11.15 -4.81 -13.13
N GLY B 59 12.09 -3.87 -13.05
CA GLY B 59 13.41 -4.07 -13.62
C GLY B 59 14.20 -5.15 -12.89
N PRO B 60 15.24 -5.71 -13.53
CA PRO B 60 16.07 -6.77 -12.94
C PRO B 60 16.92 -6.28 -11.78
N GLY A 1 14.64 0.25 21.43
CA GLY A 1 15.83 0.86 20.78
C GLY A 1 15.45 1.86 19.71
N LYS A 2 15.26 1.38 18.48
CA LYS A 2 14.88 2.23 17.38
C LYS A 2 13.45 1.93 16.94
N GLY A 3 13.16 0.67 16.70
CA GLY A 3 11.83 0.27 16.29
C GLY A 3 11.50 -1.13 16.73
N ASP A 4 10.27 -1.56 16.49
CA ASP A 4 9.84 -2.90 16.85
C ASP A 4 9.65 -3.76 15.62
N PRO A 5 10.53 -4.76 15.42
CA PRO A 5 10.49 -5.64 14.26
C PRO A 5 9.54 -6.82 14.45
N LYS A 6 8.73 -6.73 15.48
CA LYS A 6 7.74 -7.77 15.77
C LYS A 6 6.35 -7.27 15.41
N LYS A 7 6.31 -6.21 14.61
CA LYS A 7 5.05 -5.58 14.25
C LYS A 7 4.53 -6.18 12.95
N PRO A 8 3.30 -6.70 12.99
CA PRO A 8 2.67 -7.35 11.86
C PRO A 8 1.85 -6.39 10.99
N ARG A 9 1.77 -6.71 9.71
CA ARG A 9 0.86 -6.01 8.80
C ARG A 9 -0.55 -6.56 8.97
N GLY A 10 -0.71 -7.82 8.59
CA GLY A 10 -1.90 -8.58 8.96
C GLY A 10 -3.19 -8.09 8.33
N LYS A 11 -3.87 -7.17 9.02
CA LYS A 11 -5.24 -6.79 8.67
C LYS A 11 -5.30 -5.80 7.51
N MET A 12 -4.26 -5.80 6.69
CA MET A 12 -4.24 -5.00 5.47
C MET A 12 -5.47 -5.32 4.62
N SER A 13 -6.05 -4.29 4.02
CA SER A 13 -7.17 -4.47 3.12
C SER A 13 -6.77 -5.35 1.95
N SER A 14 -7.73 -6.06 1.37
CA SER A 14 -7.49 -6.90 0.21
C SER A 14 -6.93 -6.04 -0.93
N TYR A 15 -7.34 -4.78 -0.96
CA TYR A 15 -6.87 -3.82 -1.94
C TYR A 15 -5.36 -3.63 -1.78
N ALA A 16 -4.95 -3.40 -0.54
CA ALA A 16 -3.54 -3.19 -0.23
C ALA A 16 -2.75 -4.48 -0.38
N PHE A 17 -3.36 -5.59 0.03
CA PHE A 17 -2.71 -6.89 -0.02
C PHE A 17 -2.42 -7.29 -1.46
N PHE A 18 -3.35 -6.96 -2.35
CA PHE A 18 -3.16 -7.18 -3.78
C PHE A 18 -1.87 -6.52 -4.25
N VAL A 19 -1.72 -5.25 -3.91
CA VAL A 19 -0.54 -4.50 -4.29
C VAL A 19 0.70 -5.02 -3.57
N GLN A 20 0.53 -5.29 -2.28
CA GLN A 20 1.63 -5.74 -1.45
C GLN A 20 2.20 -7.07 -1.94
N THR A 21 1.34 -8.07 -2.11
CA THR A 21 1.81 -9.40 -2.47
C THR A 21 2.50 -9.42 -3.83
N CYS A 22 1.98 -8.64 -4.78
CA CYS A 22 2.57 -8.57 -6.11
C CYS A 22 3.93 -7.87 -6.06
N ARG A 23 3.99 -6.78 -5.31
CA ARG A 23 5.23 -6.03 -5.15
C ARG A 23 6.26 -6.84 -4.38
N GLU A 24 5.83 -7.38 -3.26
CA GLU A 24 6.74 -8.01 -2.32
C GLU A 24 7.28 -9.33 -2.86
N GLU A 25 6.49 -10.04 -3.65
CA GLU A 25 6.99 -11.23 -4.33
C GLU A 25 8.12 -10.84 -5.28
N HIS A 26 7.91 -9.76 -6.01
CA HIS A 26 8.90 -9.22 -6.91
C HIS A 26 10.11 -8.67 -6.13
N LYS A 27 9.84 -8.19 -4.93
CA LYS A 27 10.86 -7.65 -4.05
C LYS A 27 11.71 -8.78 -3.46
N LYS A 28 11.12 -9.97 -3.37
CA LYS A 28 11.84 -11.14 -2.94
C LYS A 28 12.77 -11.65 -4.04
N LYS A 29 12.20 -11.81 -5.24
CA LYS A 29 12.99 -12.24 -6.40
C LYS A 29 14.08 -11.23 -6.72
N HIS A 30 13.73 -9.94 -6.67
CA HIS A 30 14.69 -8.88 -6.95
C HIS A 30 14.78 -7.93 -5.76
N PRO A 31 15.69 -8.22 -4.83
CA PRO A 31 15.83 -7.45 -3.59
C PRO A 31 16.36 -6.03 -3.85
N ASP A 32 17.04 -5.87 -4.97
CA ASP A 32 17.65 -4.58 -5.32
C ASP A 32 16.65 -3.72 -6.07
N ALA A 33 15.56 -4.32 -6.50
CA ALA A 33 14.58 -3.63 -7.31
C ALA A 33 13.52 -2.96 -6.44
N SER A 34 13.53 -1.64 -6.44
CA SER A 34 12.47 -0.90 -5.79
C SER A 34 11.51 -0.40 -6.87
N VAL A 35 10.22 -0.57 -6.65
CA VAL A 35 9.24 -0.23 -7.67
C VAL A 35 9.05 1.28 -7.78
N ASN A 36 8.65 1.73 -8.96
CA ASN A 36 8.21 3.11 -9.12
C ASN A 36 6.83 3.26 -8.51
N PHE A 37 6.72 4.00 -7.42
CA PHE A 37 5.46 4.15 -6.69
C PHE A 37 4.34 4.64 -7.61
N SER A 38 4.60 5.72 -8.33
CA SER A 38 3.63 6.28 -9.25
C SER A 38 3.17 5.23 -10.27
N GLU A 39 4.13 4.50 -10.80
CA GLU A 39 3.88 3.42 -11.74
C GLU A 39 2.99 2.34 -11.12
N PHE A 40 3.51 1.72 -10.07
CA PHE A 40 2.90 0.54 -9.49
C PHE A 40 1.53 0.83 -8.89
N SER A 41 1.44 1.91 -8.12
CA SER A 41 0.20 2.27 -7.46
C SER A 41 -0.94 2.46 -8.47
N LYS A 42 -0.63 3.15 -9.56
CA LYS A 42 -1.65 3.46 -10.56
C LYS A 42 -2.06 2.21 -11.33
N LYS A 43 -1.10 1.54 -11.95
CA LYS A 43 -1.40 0.44 -12.86
C LYS A 43 -2.05 -0.73 -12.12
N CYS A 44 -1.64 -0.95 -10.87
CA CYS A 44 -2.23 -2.01 -10.08
C CYS A 44 -3.63 -1.64 -9.63
N SER A 45 -3.86 -0.36 -9.36
CA SER A 45 -5.19 0.12 -8.99
C SER A 45 -6.15 -0.13 -10.14
N GLU A 46 -5.76 0.30 -11.34
CA GLU A 46 -6.57 0.11 -12.53
C GLU A 46 -6.87 -1.36 -12.76
N ARG A 47 -5.87 -2.20 -12.57
CA ARG A 47 -6.03 -3.64 -12.70
C ARG A 47 -6.99 -4.17 -11.63
N TRP A 48 -6.72 -3.80 -10.37
CA TRP A 48 -7.55 -4.23 -9.25
C TRP A 48 -9.02 -3.91 -9.48
N LYS A 49 -9.30 -2.65 -9.81
CA LYS A 49 -10.68 -2.18 -9.96
C LYS A 49 -11.41 -3.00 -11.02
N THR A 50 -10.68 -3.45 -12.03
CA THR A 50 -11.29 -4.17 -13.14
C THR A 50 -11.17 -5.68 -13.02
N MET A 51 -10.60 -6.17 -11.91
CA MET A 51 -10.43 -7.61 -11.74
C MET A 51 -11.76 -8.31 -11.48
N SER A 52 -11.76 -9.62 -11.69
CA SER A 52 -12.96 -10.42 -11.50
C SER A 52 -13.18 -10.71 -10.02
N ALA A 53 -14.41 -11.10 -9.68
CA ALA A 53 -14.76 -11.43 -8.30
C ALA A 53 -13.89 -12.56 -7.77
N LYS A 54 -13.56 -13.49 -8.66
CA LYS A 54 -12.65 -14.59 -8.32
C LYS A 54 -11.31 -14.04 -7.83
N GLU A 55 -10.76 -13.10 -8.59
CA GLU A 55 -9.46 -12.52 -8.25
C GLU A 55 -9.54 -11.69 -6.98
N LYS A 56 -10.54 -10.82 -6.90
CA LYS A 56 -10.70 -9.95 -5.75
C LYS A 56 -10.93 -10.77 -4.47
N GLY A 57 -11.73 -11.82 -4.59
CA GLY A 57 -11.96 -12.70 -3.46
C GLY A 57 -10.71 -13.48 -3.09
N LYS A 58 -9.94 -13.84 -4.10
CA LYS A 58 -8.68 -14.56 -3.90
C LYS A 58 -7.72 -13.75 -3.04
N PHE A 59 -7.58 -12.46 -3.36
CA PHE A 59 -6.72 -11.58 -2.58
C PHE A 59 -7.32 -11.32 -1.21
N GLU A 60 -8.65 -11.37 -1.12
CA GLU A 60 -9.34 -11.24 0.16
C GLU A 60 -8.97 -12.42 1.06
N ASP A 61 -8.87 -13.61 0.45
CA ASP A 61 -8.52 -14.81 1.20
C ASP A 61 -7.16 -14.66 1.85
N MET A 62 -6.17 -14.28 1.06
CA MET A 62 -4.81 -14.12 1.57
C MET A 62 -4.74 -12.96 2.56
N ALA A 63 -5.59 -11.95 2.35
CA ALA A 63 -5.65 -10.81 3.25
C ALA A 63 -6.29 -11.20 4.58
N LYS A 64 -7.37 -11.97 4.53
CA LYS A 64 -8.07 -12.37 5.73
C LYS A 64 -7.28 -13.45 6.47
N ALA A 65 -6.49 -14.19 5.71
CA ALA A 65 -5.57 -15.17 6.27
C ALA A 65 -4.56 -14.48 7.17
N ASP A 66 -3.95 -13.42 6.65
CA ASP A 66 -2.96 -12.65 7.40
C ASP A 66 -3.66 -11.80 8.46
N LYS A 67 -4.92 -11.47 8.19
CA LYS A 67 -5.76 -10.73 9.13
C LYS A 67 -5.84 -11.44 10.47
N ALA A 68 -6.10 -12.74 10.45
CA ALA A 68 -6.16 -13.53 11.68
C ALA A 68 -4.76 -13.72 12.25
N ARG A 69 -3.77 -13.82 11.36
CA ARG A 69 -2.38 -13.92 11.76
C ARG A 69 -1.99 -12.69 12.57
N TYR A 70 -2.46 -11.54 12.11
CA TYR A 70 -2.26 -10.28 12.80
C TYR A 70 -2.81 -10.37 14.22
N GLU A 71 -4.04 -10.86 14.35
CA GLU A 71 -4.72 -10.96 15.62
C GLU A 71 -3.92 -11.83 16.59
N ARG A 72 -3.40 -12.94 16.07
CA ARG A 72 -2.64 -13.87 16.89
C ARG A 72 -1.27 -13.30 17.24
N GLU A 73 -0.62 -12.65 16.28
CA GLU A 73 0.70 -12.08 16.49
C GLU A 73 0.63 -10.88 17.42
N MET A 74 -0.49 -10.16 17.39
CA MET A 74 -0.72 -9.05 18.31
C MET A 74 -0.79 -9.55 19.75
N LYS A 75 -1.30 -10.75 19.92
CA LYS A 75 -1.41 -11.35 21.24
C LYS A 75 -0.03 -11.66 21.81
N THR A 76 0.92 -11.90 20.92
CA THR A 76 2.30 -12.18 21.34
C THR A 76 3.12 -10.89 21.34
N TYR A 77 2.45 -9.78 21.11
CA TYR A 77 3.09 -8.48 21.04
C TYR A 77 2.89 -7.74 22.36
N ILE A 78 3.99 -7.43 23.02
CA ILE A 78 3.94 -6.67 24.26
C ILE A 78 4.26 -5.21 23.97
N PRO A 79 3.27 -4.33 24.16
CA PRO A 79 3.41 -2.89 23.88
C PRO A 79 4.55 -2.24 24.67
N PRO A 80 5.22 -1.24 24.05
CA PRO A 80 6.28 -0.48 24.71
C PRO A 80 5.78 0.23 25.96
N LYS A 81 6.65 0.31 26.97
CA LYS A 81 6.27 0.89 28.25
C LYS A 81 6.11 2.40 28.13
N GLY A 82 5.10 2.93 28.81
CA GLY A 82 4.86 4.35 28.80
C GLY A 82 5.12 4.97 30.15
N GLU A 83 4.10 5.02 30.99
CA GLU A 83 4.26 5.50 32.36
C GLU A 83 4.56 4.33 33.29
N LEU B 14 0.32 31.75 -29.85
CA LEU B 14 -0.47 32.98 -29.83
C LEU B 14 0.42 34.17 -29.47
N SER B 15 -0.13 35.38 -29.66
CA SER B 15 0.62 36.60 -29.35
C SER B 15 0.39 37.03 -27.90
N GLN B 16 -0.49 36.31 -27.22
CA GLN B 16 -0.86 36.63 -25.85
C GLN B 16 0.10 35.99 -24.84
N GLU B 17 1.39 36.18 -25.04
CA GLU B 17 2.40 35.57 -24.19
C GLU B 17 2.19 35.95 -22.72
N THR B 18 1.95 37.23 -22.47
CA THR B 18 1.72 37.72 -21.12
C THR B 18 0.44 37.15 -20.53
N PHE B 19 -0.57 36.98 -21.38
CA PHE B 19 -1.89 36.55 -20.93
C PHE B 19 -1.90 35.06 -20.61
N SER B 20 -1.16 34.29 -21.39
CA SER B 20 -1.04 32.86 -21.13
C SER B 20 -0.09 32.60 -19.96
N ASP B 21 0.56 33.67 -19.50
CA ASP B 21 1.47 33.60 -18.38
C ASP B 21 0.78 34.07 -17.10
N LEU B 22 -0.38 34.68 -17.27
CA LEU B 22 -1.13 35.25 -16.15
C LEU B 22 -1.55 34.19 -15.13
N TRP B 23 -1.85 32.99 -15.60
CA TRP B 23 -2.31 31.93 -14.70
C TRP B 23 -1.14 31.07 -14.20
N LYS B 24 0.07 31.41 -14.65
CA LYS B 24 1.27 30.69 -14.23
C LYS B 24 1.77 31.19 -12.88
N LEU B 25 0.86 31.75 -12.09
CA LEU B 25 1.17 32.23 -10.76
C LEU B 25 1.53 31.06 -9.85
N LEU B 26 0.92 29.91 -10.14
CA LEU B 26 1.21 28.68 -9.42
C LEU B 26 2.55 28.10 -9.86
N PRO B 27 3.08 27.10 -9.14
CA PRO B 27 4.24 26.37 -9.59
C PRO B 27 3.90 25.56 -10.85
N GLU B 28 4.18 26.16 -11.99
CA GLU B 28 3.80 25.57 -13.27
C GLU B 28 4.95 24.73 -13.82
N ASN B 29 4.79 23.42 -13.75
CA ASN B 29 5.78 22.50 -14.28
C ASN B 29 5.20 21.72 -15.45
N ASN B 30 3.92 21.40 -15.34
CA ASN B 30 3.22 20.58 -16.32
C ASN B 30 1.71 20.58 -15.99
N VAL B 31 1.28 21.62 -15.28
CA VAL B 31 -0.03 21.63 -14.63
C VAL B 31 -0.22 20.33 -13.83
N LEU B 32 0.33 20.31 -12.64
CA LEU B 32 0.37 19.10 -11.84
C LEU B 32 -0.87 18.97 -10.97
N SER B 33 -1.39 17.77 -10.89
CA SER B 33 -2.49 17.45 -9.99
C SER B 33 -1.99 17.47 -8.54
N PRO B 34 -2.84 17.86 -7.59
CA PRO B 34 -2.48 17.88 -6.16
C PRO B 34 -2.13 16.48 -5.67
N LEU B 35 -0.85 16.26 -5.41
CA LEU B 35 -0.35 14.95 -5.00
C LEU B 35 -0.15 14.89 -3.50
N PRO B 36 -0.83 13.95 -2.82
CA PRO B 36 -0.63 13.70 -1.40
C PRO B 36 0.54 12.75 -1.17
N SER B 37 1.63 13.27 -0.64
CA SER B 37 2.84 12.49 -0.45
C SER B 37 2.71 11.53 0.73
N GLN B 38 1.83 11.85 1.67
CA GLN B 38 1.68 11.05 2.88
C GLN B 38 0.24 10.50 2.98
N ALA B 39 -0.48 10.54 1.87
CA ALA B 39 -1.84 10.03 1.85
C ALA B 39 -2.11 9.24 0.58
N MET B 40 -1.83 7.95 0.66
CA MET B 40 -2.06 7.07 -0.47
C MET B 40 -2.81 5.82 0.00
N ASP B 41 -3.18 5.81 1.28
CA ASP B 41 -4.05 4.76 1.81
C ASP B 41 -5.44 4.90 1.21
N ASP B 42 -5.58 5.99 0.45
CA ASP B 42 -6.74 6.21 -0.40
C ASP B 42 -7.02 4.99 -1.25
N LEU B 43 -5.97 4.41 -1.79
CA LEU B 43 -6.10 3.25 -2.63
C LEU B 43 -5.62 1.99 -1.90
N MET B 44 -4.32 1.86 -1.68
CA MET B 44 -3.79 0.62 -1.13
C MET B 44 -2.85 0.79 0.07
N LEU B 45 -1.69 1.40 -0.13
CA LEU B 45 -0.64 1.32 0.88
C LEU B 45 -0.18 2.72 1.33
N SER B 46 0.08 2.84 2.63
CA SER B 46 0.43 4.11 3.25
C SER B 46 1.94 4.36 3.19
N PRO B 47 2.34 5.55 2.68
CA PRO B 47 3.75 5.94 2.50
C PRO B 47 4.60 5.78 3.75
N ASP B 48 4.05 6.13 4.92
CA ASP B 48 4.79 6.05 6.19
C ASP B 48 5.31 4.65 6.45
N ASP B 49 4.44 3.67 6.27
CA ASP B 49 4.82 2.26 6.43
C ASP B 49 5.66 1.81 5.24
N ILE B 50 5.27 2.27 4.06
CA ILE B 50 5.90 1.92 2.80
C ILE B 50 7.44 2.05 2.82
N GLU B 51 7.97 3.11 3.43
CA GLU B 51 9.41 3.34 3.43
C GLU B 51 10.16 2.30 4.28
N GLN B 52 9.42 1.45 4.97
CA GLN B 52 10.02 0.45 5.84
C GLN B 52 10.20 -0.89 5.10
N TRP B 53 9.21 -1.27 4.30
CA TRP B 53 9.19 -2.60 3.67
C TRP B 53 8.90 -2.53 2.17
N PHE B 54 8.11 -1.53 1.77
CA PHE B 54 7.63 -1.43 0.38
C PHE B 54 8.70 -0.85 -0.53
N THR B 55 9.42 0.13 -0.04
CA THR B 55 10.47 0.76 -0.82
C THR B 55 11.74 0.91 0.02
N GLU B 56 12.87 1.09 -0.64
CA GLU B 56 14.15 1.27 0.03
C GLU B 56 15.16 1.91 -0.92
N ASP B 57 16.21 2.49 -0.35
CA ASP B 57 17.30 3.07 -1.14
C ASP B 57 18.62 2.75 -0.46
N PRO B 58 19.77 2.99 -1.13
CA PRO B 58 21.10 2.71 -0.58
C PRO B 58 21.31 3.28 0.83
N GLY B 59 20.68 4.41 1.10
CA GLY B 59 20.83 5.04 2.41
C GLY B 59 22.03 5.97 2.46
N PRO B 60 21.81 7.24 2.84
CA PRO B 60 22.87 8.23 2.94
C PRO B 60 23.79 7.96 4.13
N GLY A 1 11.81 -2.58 4.81
CA GLY A 1 12.69 -1.69 5.59
C GLY A 1 13.59 -2.47 6.52
N LYS A 2 14.47 -1.78 7.22
CA LYS A 2 15.39 -2.43 8.14
C LYS A 2 14.99 -2.17 9.58
N GLY A 3 14.53 -3.21 10.25
CA GLY A 3 14.09 -3.08 11.63
C GLY A 3 13.95 -4.42 12.31
N ASP A 4 12.77 -5.01 12.20
CA ASP A 4 12.50 -6.31 12.80
C ASP A 4 11.70 -7.16 11.82
N PRO A 5 12.26 -8.30 11.39
CA PRO A 5 11.62 -9.18 10.41
C PRO A 5 10.83 -10.33 11.03
N LYS A 6 10.56 -10.23 12.33
CA LYS A 6 9.84 -11.29 13.03
C LYS A 6 8.41 -10.87 13.33
N LYS A 7 8.01 -9.75 12.77
CA LYS A 7 6.72 -9.18 13.04
C LYS A 7 5.83 -9.19 11.80
N PRO A 8 4.51 -9.35 11.99
CA PRO A 8 3.54 -9.32 10.89
C PRO A 8 3.46 -7.93 10.26
N ARG A 9 2.97 -7.86 9.03
CA ARG A 9 3.00 -6.62 8.27
C ARG A 9 1.80 -5.73 8.57
N GLY A 10 0.66 -6.34 8.86
CA GLY A 10 -0.52 -5.55 9.20
C GLY A 10 -1.80 -6.26 8.82
N LYS A 11 -2.92 -5.55 8.94
CA LYS A 11 -4.23 -6.08 8.60
C LYS A 11 -4.67 -5.56 7.25
N MET A 12 -4.59 -4.22 7.11
CA MET A 12 -5.04 -3.50 5.91
C MET A 12 -6.32 -4.10 5.29
N SER A 13 -6.53 -3.85 4.01
CA SER A 13 -7.62 -4.46 3.28
C SER A 13 -7.10 -5.28 2.10
N SER A 14 -7.99 -6.03 1.47
CA SER A 14 -7.66 -6.90 0.34
C SER A 14 -7.03 -6.10 -0.80
N TYR A 15 -7.45 -4.84 -0.95
CA TYR A 15 -6.95 -3.96 -1.98
C TYR A 15 -5.43 -3.76 -1.81
N ALA A 16 -5.04 -3.42 -0.60
CA ALA A 16 -3.62 -3.24 -0.28
C ALA A 16 -2.87 -4.57 -0.36
N PHE A 17 -3.56 -5.66 -0.06
CA PHE A 17 -2.97 -6.99 -0.17
C PHE A 17 -2.59 -7.32 -1.61
N PHE A 18 -3.40 -6.83 -2.54
CA PHE A 18 -3.12 -6.99 -3.97
C PHE A 18 -1.75 -6.41 -4.30
N VAL A 19 -1.54 -5.15 -3.93
CA VAL A 19 -0.25 -4.50 -4.11
C VAL A 19 0.82 -5.17 -3.24
N GLN A 20 0.41 -5.53 -2.03
CA GLN A 20 1.30 -6.15 -1.06
C GLN A 20 2.06 -7.32 -1.65
N THR A 21 1.33 -8.34 -2.07
CA THR A 21 1.95 -9.57 -2.55
C THR A 21 2.73 -9.36 -3.84
N CYS A 22 2.23 -8.48 -4.71
CA CYS A 22 2.87 -8.24 -6.00
C CYS A 22 4.18 -7.47 -5.82
N ARG A 23 4.16 -6.45 -4.96
CA ARG A 23 5.34 -5.65 -4.69
C ARG A 23 6.35 -6.47 -3.88
N GLU A 24 5.83 -7.39 -3.07
CA GLU A 24 6.67 -8.20 -2.20
C GLU A 24 7.36 -9.29 -3.00
N GLU A 25 6.62 -9.95 -3.89
CA GLU A 25 7.18 -10.99 -4.75
C GLU A 25 8.30 -10.41 -5.62
N HIS A 26 8.07 -9.21 -6.14
CA HIS A 26 9.02 -8.56 -7.03
C HIS A 26 10.36 -8.33 -6.33
N LYS A 27 10.30 -7.96 -5.05
CA LYS A 27 11.51 -7.71 -4.28
C LYS A 27 12.06 -9.01 -3.68
N LYS A 28 11.17 -9.95 -3.42
CA LYS A 28 11.56 -11.25 -2.90
C LYS A 28 12.47 -11.96 -3.89
N LYS A 29 12.12 -11.89 -5.16
CA LYS A 29 12.84 -12.58 -6.21
C LYS A 29 13.81 -11.64 -6.94
N HIS A 30 13.78 -10.37 -6.54
CA HIS A 30 14.69 -9.36 -7.08
C HIS A 30 14.94 -8.32 -6.00
N PRO A 31 15.90 -8.57 -5.11
CA PRO A 31 16.11 -7.74 -3.91
C PRO A 31 16.55 -6.31 -4.22
N ASP A 32 17.09 -6.09 -5.41
CA ASP A 32 17.53 -4.75 -5.81
C ASP A 32 16.49 -4.06 -6.67
N ALA A 33 15.43 -4.77 -6.99
CA ALA A 33 14.39 -4.24 -7.86
C ALA A 33 13.42 -3.36 -7.09
N SER A 34 13.71 -2.08 -7.07
CA SER A 34 12.89 -1.11 -6.40
C SER A 34 11.63 -0.82 -7.20
N VAL A 35 10.47 -1.12 -6.63
CA VAL A 35 9.23 -0.73 -7.27
C VAL A 35 8.96 0.74 -6.98
N ASN A 36 8.42 1.45 -7.95
CA ASN A 36 8.12 2.86 -7.76
C ASN A 36 6.66 3.00 -7.37
N PHE A 37 6.40 3.76 -6.30
CA PHE A 37 5.03 4.00 -5.83
C PHE A 37 4.13 4.40 -6.99
N SER A 38 4.54 5.42 -7.73
CA SER A 38 3.76 5.94 -8.86
C SER A 38 3.47 4.86 -9.90
N GLU A 39 4.52 4.15 -10.31
CA GLU A 39 4.40 3.11 -11.33
C GLU A 39 3.49 2.00 -10.87
N PHE A 40 3.75 1.50 -9.68
CA PHE A 40 3.10 0.32 -9.17
C PHE A 40 1.63 0.57 -8.86
N SER A 41 1.35 1.66 -8.15
CA SER A 41 -0.01 1.96 -7.70
C SER A 41 -0.96 2.12 -8.86
N LYS A 42 -0.57 2.92 -9.85
CA LYS A 42 -1.44 3.24 -10.97
C LYS A 42 -1.85 1.99 -11.75
N LYS A 43 -0.88 1.19 -12.19
CA LYS A 43 -1.20 0.04 -13.03
C LYS A 43 -1.95 -1.04 -12.26
N CYS A 44 -1.69 -1.13 -10.96
CA CYS A 44 -2.35 -2.12 -10.13
C CYS A 44 -3.78 -1.71 -9.79
N SER A 45 -3.99 -0.44 -9.49
CA SER A 45 -5.30 0.06 -9.11
C SER A 45 -6.30 -0.10 -10.25
N GLU A 46 -5.93 0.39 -11.42
CA GLU A 46 -6.78 0.29 -12.60
C GLU A 46 -7.07 -1.17 -12.93
N ARG A 47 -6.09 -2.03 -12.69
CA ARG A 47 -6.25 -3.45 -12.91
C ARG A 47 -7.28 -4.04 -11.93
N TRP A 48 -7.13 -3.71 -10.66
CA TRP A 48 -8.05 -4.17 -9.62
C TRP A 48 -9.47 -3.72 -9.93
N LYS A 49 -9.60 -2.48 -10.37
CA LYS A 49 -10.91 -1.93 -10.74
C LYS A 49 -11.56 -2.76 -11.84
N THR A 50 -10.75 -3.30 -12.73
CA THR A 50 -11.26 -4.10 -13.84
C THR A 50 -11.31 -5.59 -13.50
N MET A 51 -10.89 -5.94 -12.29
CA MET A 51 -10.89 -7.33 -11.84
C MET A 51 -12.28 -7.72 -11.36
N SER A 52 -12.62 -8.98 -11.56
CA SER A 52 -13.93 -9.49 -11.17
C SER A 52 -13.91 -9.98 -9.72
N ALA A 53 -15.08 -10.37 -9.22
CA ALA A 53 -15.23 -10.76 -7.82
C ALA A 53 -14.37 -11.96 -7.48
N LYS A 54 -14.28 -12.92 -8.39
CA LYS A 54 -13.50 -14.13 -8.18
C LYS A 54 -12.04 -13.81 -7.87
N GLU A 55 -11.43 -12.95 -8.69
CA GLU A 55 -10.03 -12.58 -8.51
C GLU A 55 -9.84 -11.78 -7.24
N LYS A 56 -10.83 -10.97 -6.90
CA LYS A 56 -10.75 -10.15 -5.68
C LYS A 56 -10.91 -11.03 -4.44
N GLY A 57 -11.74 -12.05 -4.55
CA GLY A 57 -11.89 -13.01 -3.47
C GLY A 57 -10.59 -13.77 -3.24
N LYS A 58 -9.86 -14.02 -4.32
CA LYS A 58 -8.56 -14.68 -4.27
C LYS A 58 -7.61 -13.94 -3.32
N PHE A 59 -7.48 -12.63 -3.50
CA PHE A 59 -6.56 -11.85 -2.70
C PHE A 59 -7.13 -11.56 -1.32
N GLU A 60 -8.45 -11.55 -1.22
CA GLU A 60 -9.10 -11.34 0.06
C GLU A 60 -8.97 -12.59 0.94
N ASP A 61 -8.98 -13.75 0.30
CA ASP A 61 -8.79 -15.02 1.00
C ASP A 61 -7.38 -15.12 1.57
N MET A 62 -6.41 -14.58 0.84
CA MET A 62 -5.05 -14.52 1.34
C MET A 62 -4.92 -13.44 2.41
N ALA A 63 -5.69 -12.36 2.24
CA ALA A 63 -5.73 -11.28 3.21
C ALA A 63 -6.22 -11.78 4.57
N LYS A 64 -7.31 -12.53 4.56
CA LYS A 64 -7.88 -13.05 5.79
C LYS A 64 -6.99 -14.12 6.42
N ALA A 65 -6.19 -14.75 5.57
CA ALA A 65 -5.21 -15.73 6.04
C ALA A 65 -4.08 -15.03 6.80
N ASP A 66 -3.51 -13.99 6.21
CA ASP A 66 -2.42 -13.25 6.84
C ASP A 66 -2.96 -12.42 8.01
N LYS A 67 -4.25 -12.13 7.96
CA LYS A 67 -4.96 -11.49 9.06
C LYS A 67 -4.76 -12.29 10.34
N ALA A 68 -5.00 -13.59 10.27
CA ALA A 68 -4.84 -14.46 11.43
C ALA A 68 -3.36 -14.66 11.76
N ARG A 69 -2.52 -14.54 10.74
CA ARG A 69 -1.08 -14.61 10.92
C ARG A 69 -0.64 -13.45 11.81
N TYR A 70 -1.17 -12.26 11.53
CA TYR A 70 -0.94 -11.08 12.33
C TYR A 70 -1.30 -11.35 13.79
N GLU A 71 -2.51 -11.86 14.01
CA GLU A 71 -3.03 -12.10 15.33
C GLU A 71 -2.13 -13.04 16.13
N ARG A 72 -1.89 -14.22 15.59
CA ARG A 72 -1.11 -15.24 16.29
C ARG A 72 0.35 -14.84 16.46
N GLU A 73 0.89 -14.14 15.46
CA GLU A 73 2.28 -13.73 15.51
C GLU A 73 2.47 -12.60 16.53
N MET A 74 1.40 -11.85 16.80
CA MET A 74 1.44 -10.80 17.81
C MET A 74 1.67 -11.41 19.19
N LYS A 75 1.06 -12.57 19.42
CA LYS A 75 1.21 -13.25 20.71
C LYS A 75 2.61 -13.85 20.88
N THR A 76 3.29 -14.07 19.76
CA THR A 76 4.65 -14.57 19.79
C THR A 76 5.65 -13.44 19.55
N TYR A 77 5.15 -12.23 19.59
CA TYR A 77 5.98 -11.06 19.35
C TYR A 77 6.13 -10.27 20.64
N ILE A 78 7.37 -10.13 21.07
CA ILE A 78 7.67 -9.37 22.28
C ILE A 78 8.48 -8.14 21.90
N PRO A 79 7.87 -6.94 21.99
CA PRO A 79 8.53 -5.69 21.67
C PRO A 79 9.83 -5.49 22.45
N PRO A 80 10.89 -5.01 21.77
CA PRO A 80 12.19 -4.77 22.39
C PRO A 80 12.10 -3.75 23.53
N LYS A 81 13.00 -3.91 24.49
CA LYS A 81 13.01 -3.10 25.71
C LYS A 81 11.68 -3.25 26.46
N GLY A 82 11.62 -4.31 27.24
CA GLY A 82 10.45 -4.60 28.04
C GLY A 82 10.75 -5.69 29.03
N GLU A 83 11.95 -5.61 29.61
CA GLU A 83 12.46 -6.65 30.48
C GLU A 83 11.71 -6.68 31.81
N LEU B 14 -26.68 6.64 10.71
CA LEU B 14 -27.31 5.69 9.82
C LEU B 14 -28.65 5.22 10.38
N SER B 15 -29.72 5.73 9.81
CA SER B 15 -31.07 5.34 10.22
C SER B 15 -31.78 4.66 9.05
N GLN B 16 -31.11 4.65 7.90
CA GLN B 16 -31.71 4.15 6.67
C GLN B 16 -31.45 2.66 6.50
N GLU B 17 -32.25 1.83 7.14
CA GLU B 17 -32.14 0.39 6.95
C GLU B 17 -33.00 -0.03 5.77
N THR B 18 -34.31 -0.01 5.96
CA THR B 18 -35.25 -0.35 4.90
C THR B 18 -35.10 0.62 3.73
N PHE B 19 -34.81 1.87 4.07
CA PHE B 19 -34.67 2.94 3.09
C PHE B 19 -33.60 2.60 2.05
N SER B 20 -32.57 1.89 2.47
CA SER B 20 -31.48 1.52 1.57
C SER B 20 -31.73 0.16 0.96
N ASP B 21 -32.49 -0.69 1.64
CA ASP B 21 -32.77 -2.04 1.16
C ASP B 21 -33.82 -2.00 0.04
N LEU B 22 -34.66 -0.98 0.06
CA LEU B 22 -35.74 -0.83 -0.91
C LEU B 22 -35.22 -0.80 -2.34
N TRP B 23 -34.08 -0.15 -2.56
CA TRP B 23 -33.54 -0.03 -3.91
C TRP B 23 -32.52 -1.13 -4.20
N LYS B 24 -32.28 -1.99 -3.22
CA LYS B 24 -31.36 -3.11 -3.41
C LYS B 24 -32.08 -4.28 -4.06
N LEU B 25 -33.32 -4.04 -4.47
CA LEU B 25 -34.13 -5.06 -5.10
C LEU B 25 -33.85 -5.14 -6.60
N LEU B 26 -32.88 -4.36 -7.06
CA LEU B 26 -32.47 -4.42 -8.46
C LEU B 26 -31.17 -5.20 -8.60
N PRO B 27 -31.16 -6.20 -9.49
CA PRO B 27 -29.99 -7.01 -9.77
C PRO B 27 -29.15 -6.44 -10.92
N GLU B 28 -28.05 -5.78 -10.58
CA GLU B 28 -27.10 -5.31 -11.58
C GLU B 28 -25.68 -5.55 -11.08
N ASN B 29 -24.70 -4.95 -11.74
CA ASN B 29 -23.31 -5.06 -11.31
C ASN B 29 -23.09 -4.24 -10.04
N ASN B 30 -23.34 -2.94 -10.14
CA ASN B 30 -23.30 -2.02 -9.00
C ASN B 30 -23.46 -0.58 -9.48
N VAL B 31 -24.25 0.19 -8.76
CA VAL B 31 -24.50 1.58 -9.11
C VAL B 31 -23.25 2.42 -8.93
N LEU B 32 -22.44 1.98 -7.98
CA LEU B 32 -21.16 2.61 -7.66
C LEU B 32 -21.35 4.01 -7.05
N SER B 33 -21.08 4.11 -5.76
CA SER B 33 -21.06 5.40 -5.10
C SER B 33 -19.78 6.14 -5.46
N PRO B 34 -19.90 7.39 -5.93
CA PRO B 34 -18.78 8.17 -6.46
C PRO B 34 -17.61 8.27 -5.48
N LEU B 35 -16.47 7.74 -5.92
CA LEU B 35 -15.24 7.80 -5.14
C LEU B 35 -14.27 8.78 -5.79
N PRO B 36 -13.71 9.72 -5.00
CA PRO B 36 -12.74 10.70 -5.50
C PRO B 36 -11.46 10.04 -6.01
N SER B 37 -10.79 10.70 -6.94
CA SER B 37 -9.56 10.18 -7.53
C SER B 37 -8.34 10.66 -6.75
N GLN B 38 -8.58 11.14 -5.53
CA GLN B 38 -7.53 11.69 -4.68
C GLN B 38 -6.44 10.67 -4.39
N ALA B 39 -6.79 9.61 -3.68
CA ALA B 39 -5.82 8.59 -3.29
C ALA B 39 -5.60 7.61 -4.44
N MET B 40 -4.45 7.73 -5.09
CA MET B 40 -4.11 6.85 -6.20
C MET B 40 -2.71 6.29 -6.04
N ASP B 41 -1.79 7.16 -5.69
CA ASP B 41 -0.40 6.81 -5.53
C ASP B 41 -0.19 6.04 -4.22
N ASP B 42 -0.72 6.60 -3.15
CA ASP B 42 -0.66 5.99 -1.83
C ASP B 42 -1.97 5.25 -1.56
N LEU B 43 -2.59 4.80 -2.65
CA LEU B 43 -3.92 4.19 -2.62
C LEU B 43 -3.95 2.99 -1.67
N MET B 44 -3.14 1.99 -1.93
CA MET B 44 -3.15 0.77 -1.12
C MET B 44 -2.15 0.89 0.02
N LEU B 45 -0.88 0.83 -0.33
CA LEU B 45 0.18 0.84 0.66
C LEU B 45 0.65 2.27 0.90
N SER B 46 0.01 2.93 1.85
CA SER B 46 0.40 4.28 2.24
C SER B 46 1.64 4.20 3.12
N PRO B 47 2.59 5.14 2.95
CA PRO B 47 3.89 5.13 3.65
C PRO B 47 3.77 5.37 5.16
N ASP B 48 2.56 5.28 5.67
CA ASP B 48 2.28 5.47 7.08
C ASP B 48 2.96 4.38 7.90
N ASP B 49 2.46 3.16 7.74
CA ASP B 49 2.93 2.01 8.52
C ASP B 49 3.87 1.14 7.69
N ILE B 50 3.67 1.14 6.39
CA ILE B 50 4.23 0.12 5.50
C ILE B 50 5.74 0.14 5.39
N GLU B 51 6.38 1.26 5.70
CA GLU B 51 7.80 1.41 5.40
C GLU B 51 8.63 0.41 6.18
N GLN B 52 8.00 -0.23 7.16
CA GLN B 52 8.62 -1.32 7.90
C GLN B 52 8.98 -2.46 6.94
N TRP B 53 8.17 -2.63 5.90
CA TRP B 53 8.36 -3.72 4.95
C TRP B 53 8.39 -3.22 3.50
N PHE B 54 7.50 -2.29 3.15
CA PHE B 54 7.47 -1.72 1.80
C PHE B 54 8.34 -0.47 1.77
N THR B 55 9.52 -0.59 1.19
CA THR B 55 10.44 0.53 1.05
C THR B 55 10.79 0.76 -0.41
N GLU B 56 10.66 2.00 -0.85
CA GLU B 56 11.14 2.39 -2.17
C GLU B 56 12.58 2.85 -2.05
N ASP B 57 13.50 2.06 -2.60
CA ASP B 57 14.93 2.34 -2.48
C ASP B 57 15.27 3.66 -3.13
N PRO B 58 16.05 4.50 -2.43
CA PRO B 58 16.40 5.85 -2.91
C PRO B 58 17.48 5.84 -3.98
N GLY B 59 17.74 4.67 -4.54
CA GLY B 59 18.71 4.57 -5.62
C GLY B 59 20.13 4.38 -5.12
N PRO B 60 21.02 5.34 -5.43
CA PRO B 60 22.43 5.27 -5.03
C PRO B 60 22.66 5.70 -3.58
N GLY A 1 0.65 6.70 17.66
CA GLY A 1 1.22 5.91 16.56
C GLY A 1 2.26 4.93 17.05
N LYS A 2 2.51 3.90 16.26
CA LYS A 2 3.52 2.91 16.60
C LYS A 2 4.56 2.81 15.49
N GLY A 3 5.76 3.28 15.77
CA GLY A 3 6.80 3.33 14.76
C GLY A 3 7.90 2.33 15.01
N ASP A 4 7.51 1.06 15.12
CA ASP A 4 8.48 -0.01 15.29
C ASP A 4 8.69 -0.72 13.95
N PRO A 5 9.92 -0.65 13.41
CA PRO A 5 10.23 -1.22 12.10
C PRO A 5 10.47 -2.73 12.16
N LYS A 6 10.07 -3.35 13.25
CA LYS A 6 10.25 -4.79 13.42
C LYS A 6 8.89 -5.47 13.46
N LYS A 7 7.88 -4.70 13.11
CA LYS A 7 6.50 -5.16 13.15
C LYS A 7 6.11 -5.90 11.88
N PRO A 8 5.16 -6.83 12.00
CA PRO A 8 4.60 -7.57 10.86
C PRO A 8 4.01 -6.64 9.79
N ARG A 9 3.88 -7.15 8.58
CA ARG A 9 3.53 -6.32 7.43
C ARG A 9 2.10 -6.59 6.96
N GLY A 10 1.26 -7.07 7.87
CA GLY A 10 -0.07 -7.52 7.49
C GLY A 10 -1.16 -6.49 7.68
N LYS A 11 -1.98 -6.74 8.71
CA LYS A 11 -3.30 -6.11 9.02
C LYS A 11 -3.91 -5.08 8.04
N MET A 12 -3.60 -5.16 6.75
CA MET A 12 -4.27 -4.31 5.77
C MET A 12 -5.44 -5.05 5.16
N SER A 13 -6.28 -4.34 4.41
CA SER A 13 -7.41 -4.94 3.73
C SER A 13 -6.99 -5.51 2.38
N SER A 14 -7.92 -6.20 1.72
CA SER A 14 -7.64 -6.90 0.47
C SER A 14 -7.07 -5.96 -0.60
N TYR A 15 -7.57 -4.73 -0.64
CA TYR A 15 -7.15 -3.76 -1.64
C TYR A 15 -5.65 -3.47 -1.54
N ALA A 16 -5.19 -3.11 -0.33
CA ALA A 16 -3.78 -2.83 -0.12
C ALA A 16 -2.97 -4.12 -0.13
N PHE A 17 -3.57 -5.21 0.29
CA PHE A 17 -2.90 -6.50 0.30
C PHE A 17 -2.60 -6.94 -1.12
N PHE A 18 -3.54 -6.69 -2.02
CA PHE A 18 -3.38 -6.97 -3.44
C PHE A 18 -2.10 -6.33 -3.99
N VAL A 19 -1.95 -5.04 -3.75
CA VAL A 19 -0.80 -4.32 -4.28
C VAL A 19 0.48 -4.69 -3.52
N GLN A 20 0.35 -4.97 -2.22
CA GLN A 20 1.52 -5.30 -1.41
C GLN A 20 2.10 -6.64 -1.83
N THR A 21 1.25 -7.66 -1.93
CA THR A 21 1.71 -9.00 -2.24
C THR A 21 2.44 -9.03 -3.59
N CYS A 22 1.99 -8.21 -4.54
CA CYS A 22 2.63 -8.14 -5.83
C CYS A 22 3.99 -7.44 -5.72
N ARG A 23 4.04 -6.41 -4.89
CA ARG A 23 5.27 -5.65 -4.65
C ARG A 23 6.27 -6.48 -3.86
N GLU A 24 5.79 -7.06 -2.78
CA GLU A 24 6.62 -7.77 -1.83
C GLU A 24 7.12 -9.10 -2.41
N GLU A 25 6.32 -9.71 -3.28
CA GLU A 25 6.74 -10.93 -3.97
C GLU A 25 7.83 -10.60 -4.98
N HIS A 26 7.78 -9.38 -5.51
CA HIS A 26 8.81 -8.90 -6.42
C HIS A 26 10.16 -8.92 -5.71
N LYS A 27 10.14 -8.61 -4.41
CA LYS A 27 11.36 -8.66 -3.59
C LYS A 27 11.95 -10.08 -3.57
N LYS A 28 11.09 -11.08 -3.38
CA LYS A 28 11.53 -12.47 -3.31
C LYS A 28 12.33 -12.87 -4.55
N LYS A 29 11.94 -12.33 -5.70
CA LYS A 29 12.60 -12.66 -6.96
C LYS A 29 13.67 -11.64 -7.30
N HIS A 30 13.52 -10.44 -6.78
CA HIS A 30 14.45 -9.35 -7.02
C HIS A 30 14.67 -8.57 -5.74
N PRO A 31 15.72 -8.89 -4.97
CA PRO A 31 16.04 -8.20 -3.71
C PRO A 31 16.39 -6.74 -3.95
N ASP A 32 16.66 -6.42 -5.21
CA ASP A 32 17.01 -5.07 -5.64
C ASP A 32 15.77 -4.32 -6.14
N ALA A 33 14.60 -4.86 -5.86
CA ALA A 33 13.35 -4.30 -6.39
C ALA A 33 12.95 -3.00 -5.71
N SER A 34 13.41 -1.89 -6.26
CA SER A 34 12.92 -0.58 -5.88
C SER A 34 11.87 -0.15 -6.88
N VAL A 35 10.61 -0.41 -6.57
CA VAL A 35 9.53 -0.12 -7.49
C VAL A 35 9.17 1.36 -7.45
N ASN A 36 8.63 1.86 -8.54
CA ASN A 36 8.13 3.23 -8.57
C ASN A 36 6.72 3.27 -7.99
N PHE A 37 6.53 4.03 -6.92
CA PHE A 37 5.24 4.13 -6.26
C PHE A 37 4.16 4.54 -7.25
N SER A 38 4.48 5.55 -8.05
CA SER A 38 3.57 6.06 -9.06
C SER A 38 3.20 4.97 -10.07
N GLU A 39 4.21 4.43 -10.73
CA GLU A 39 4.03 3.39 -11.75
C GLU A 39 3.25 2.19 -11.22
N PHE A 40 3.67 1.70 -10.07
CA PHE A 40 3.14 0.46 -9.53
C PHE A 40 1.70 0.61 -9.08
N SER A 41 1.43 1.62 -8.25
CA SER A 41 0.10 1.83 -7.71
C SER A 41 -0.88 2.18 -8.83
N LYS A 42 -0.39 2.94 -9.80
CA LYS A 42 -1.22 3.36 -10.93
C LYS A 42 -1.80 2.16 -11.68
N LYS A 43 -0.96 1.23 -12.06
CA LYS A 43 -1.42 0.08 -12.82
C LYS A 43 -2.24 -0.88 -11.96
N CYS A 44 -1.85 -1.03 -10.70
CA CYS A 44 -2.53 -1.97 -9.82
C CYS A 44 -3.94 -1.50 -9.48
N SER A 45 -4.09 -0.19 -9.27
CA SER A 45 -5.40 0.36 -8.94
C SER A 45 -6.39 0.15 -10.08
N GLU A 46 -5.96 0.51 -11.29
CA GLU A 46 -6.80 0.37 -12.48
C GLU A 46 -7.08 -1.10 -12.76
N ARG A 47 -6.08 -1.95 -12.53
CA ARG A 47 -6.24 -3.39 -12.70
C ARG A 47 -7.29 -3.91 -11.72
N TRP A 48 -7.18 -3.50 -10.46
CA TRP A 48 -8.12 -3.94 -9.43
C TRP A 48 -9.55 -3.60 -9.81
N LYS A 49 -9.76 -2.40 -10.33
CA LYS A 49 -11.10 -1.94 -10.70
C LYS A 49 -11.66 -2.75 -11.85
N THR A 50 -10.77 -3.26 -12.69
CA THR A 50 -11.16 -3.99 -13.89
C THR A 50 -10.88 -5.48 -13.74
N MET A 51 -10.70 -5.93 -12.50
CA MET A 51 -10.32 -7.31 -12.25
C MET A 51 -11.52 -8.16 -11.87
N SER A 52 -11.47 -9.44 -12.23
CA SER A 52 -12.56 -10.37 -11.97
C SER A 52 -12.71 -10.62 -10.47
N ALA A 53 -13.95 -10.86 -10.04
CA ALA A 53 -14.26 -11.13 -8.63
C ALA A 53 -13.53 -12.38 -8.14
N LYS A 54 -13.31 -13.32 -9.05
CA LYS A 54 -12.56 -14.54 -8.74
C LYS A 54 -11.18 -14.19 -8.19
N GLU A 55 -10.51 -13.28 -8.88
CA GLU A 55 -9.16 -12.88 -8.51
C GLU A 55 -9.19 -12.02 -7.26
N LYS A 56 -10.22 -11.17 -7.17
CA LYS A 56 -10.44 -10.35 -5.97
C LYS A 56 -10.57 -11.24 -4.75
N GLY A 57 -11.31 -12.34 -4.91
CA GLY A 57 -11.51 -13.28 -3.82
C GLY A 57 -10.21 -13.85 -3.30
N LYS A 58 -9.27 -14.10 -4.21
CA LYS A 58 -7.96 -14.64 -3.81
C LYS A 58 -7.20 -13.65 -2.93
N PHE A 59 -7.16 -12.39 -3.35
CA PHE A 59 -6.43 -11.38 -2.59
C PHE A 59 -7.14 -11.08 -1.27
N GLU A 60 -8.45 -11.25 -1.25
CA GLU A 60 -9.22 -11.15 -0.02
C GLU A 60 -8.87 -12.32 0.90
N ASP A 61 -8.83 -13.51 0.30
CA ASP A 61 -8.53 -14.74 1.03
C ASP A 61 -7.18 -14.66 1.72
N MET A 62 -6.19 -14.10 1.03
CA MET A 62 -4.85 -13.97 1.57
C MET A 62 -4.81 -12.91 2.67
N ALA A 63 -5.68 -11.90 2.56
CA ALA A 63 -5.80 -10.88 3.59
C ALA A 63 -6.46 -11.48 4.83
N LYS A 64 -7.39 -12.38 4.60
CA LYS A 64 -8.05 -13.12 5.67
C LYS A 64 -7.06 -14.10 6.30
N ALA A 65 -6.20 -14.67 5.47
CA ALA A 65 -5.13 -15.54 5.95
C ALA A 65 -4.17 -14.74 6.82
N ASP A 66 -3.96 -13.48 6.45
CA ASP A 66 -3.16 -12.56 7.26
C ASP A 66 -3.75 -12.44 8.64
N LYS A 67 -5.07 -12.28 8.71
CA LYS A 67 -5.79 -12.12 9.97
C LYS A 67 -5.33 -13.17 10.98
N ALA A 68 -5.35 -14.44 10.57
CA ALA A 68 -4.94 -15.52 11.45
C ALA A 68 -3.42 -15.60 11.60
N ARG A 69 -2.70 -15.48 10.49
CA ARG A 69 -1.24 -15.59 10.51
C ARG A 69 -0.64 -14.51 11.40
N TYR A 70 -1.15 -13.31 11.23
CA TYR A 70 -0.71 -12.15 11.99
C TYR A 70 -0.95 -12.36 13.47
N GLU A 71 -2.07 -12.98 13.80
CA GLU A 71 -2.42 -13.23 15.18
C GLU A 71 -1.51 -14.28 15.80
N ARG A 72 -1.15 -15.31 15.02
CA ARG A 72 -0.18 -16.30 15.46
C ARG A 72 1.17 -15.61 15.62
N GLU A 73 1.46 -14.73 14.69
CA GLU A 73 2.70 -13.97 14.66
C GLU A 73 2.79 -13.05 15.88
N MET A 74 1.65 -12.47 16.25
CA MET A 74 1.57 -11.60 17.42
C MET A 74 1.85 -12.37 18.70
N LYS A 75 1.61 -13.67 18.69
CA LYS A 75 1.85 -14.50 19.86
C LYS A 75 3.34 -14.69 20.10
N THR A 76 4.15 -14.35 19.10
CA THR A 76 5.59 -14.49 19.23
C THR A 76 6.30 -13.13 19.24
N TYR A 77 5.60 -12.10 18.81
CA TYR A 77 6.17 -10.77 18.77
C TYR A 77 5.78 -9.97 20.00
N ILE A 78 6.76 -9.61 20.80
CA ILE A 78 6.52 -8.81 21.99
C ILE A 78 7.13 -7.42 21.80
N PRO A 79 6.28 -6.39 21.70
CA PRO A 79 6.71 -5.01 21.51
C PRO A 79 7.44 -4.47 22.74
N PRO A 80 8.53 -3.73 22.54
CA PRO A 80 9.34 -3.18 23.63
C PRO A 80 8.63 -2.02 24.36
N LYS A 81 8.21 -2.30 25.59
CA LYS A 81 7.57 -1.32 26.48
C LYS A 81 6.24 -0.78 25.93
N GLY A 82 5.22 -0.84 26.77
CA GLY A 82 3.94 -0.25 26.41
C GLY A 82 3.69 1.01 27.22
N GLU A 83 3.01 0.83 28.35
CA GLU A 83 2.78 1.93 29.27
C GLU A 83 2.89 1.45 30.71
N LEU B 14 15.39 38.50 -17.14
CA LEU B 14 15.68 37.63 -18.27
C LEU B 14 15.18 38.27 -19.56
N SER B 15 16.10 38.75 -20.38
CA SER B 15 15.75 39.35 -21.65
C SER B 15 15.43 38.25 -22.67
N GLN B 16 16.31 37.24 -22.74
CA GLN B 16 16.16 36.18 -23.72
C GLN B 16 15.61 34.92 -23.06
N GLU B 17 14.88 34.12 -23.84
CA GLU B 17 14.32 32.87 -23.35
C GLU B 17 15.41 31.82 -23.14
N THR B 18 16.58 32.07 -23.72
CA THR B 18 17.71 31.17 -23.58
C THR B 18 18.17 31.08 -22.12
N PHE B 19 17.96 32.17 -21.38
CA PHE B 19 18.34 32.21 -19.96
C PHE B 19 17.55 31.20 -19.15
N SER B 20 16.39 30.83 -19.66
CA SER B 20 15.52 29.88 -18.98
C SER B 20 16.03 28.45 -19.15
N ASP B 21 16.92 28.24 -20.10
CA ASP B 21 17.46 26.91 -20.35
C ASP B 21 18.86 26.76 -19.72
N LEU B 22 19.50 27.89 -19.46
CA LEU B 22 20.86 27.90 -18.94
C LEU B 22 20.98 27.21 -17.58
N TRP B 23 19.99 27.43 -16.72
CA TRP B 23 20.05 26.93 -15.35
C TRP B 23 19.64 25.46 -15.26
N LYS B 24 19.26 24.88 -16.39
CA LYS B 24 18.75 23.52 -16.42
C LYS B 24 19.88 22.48 -16.37
N LEU B 25 21.01 22.87 -15.80
CA LEU B 25 22.12 21.97 -15.60
C LEU B 25 21.89 21.12 -14.34
N LEU B 26 20.67 21.20 -13.82
CA LEU B 26 20.27 20.45 -12.65
C LEU B 26 19.57 19.17 -13.06
N PRO B 27 19.63 18.12 -12.21
CA PRO B 27 18.97 16.84 -12.48
C PRO B 27 17.45 16.97 -12.52
N GLU B 28 16.92 17.10 -13.73
CA GLU B 28 15.48 17.18 -13.95
C GLU B 28 15.15 16.69 -15.36
N ASN B 29 13.87 16.63 -15.68
CA ASN B 29 13.44 16.19 -17.00
C ASN B 29 12.57 17.24 -17.69
N ASN B 30 11.67 17.85 -16.93
CA ASN B 30 10.72 18.82 -17.51
C ASN B 30 10.63 20.05 -16.60
N VAL B 31 11.43 20.06 -15.54
CA VAL B 31 11.30 21.03 -14.47
C VAL B 31 9.96 20.83 -13.80
N LEU B 32 9.79 19.64 -13.24
CA LEU B 32 8.55 19.29 -12.57
C LEU B 32 8.47 19.96 -11.21
N SER B 33 7.28 20.42 -10.86
CA SER B 33 7.01 21.03 -9.57
C SER B 33 7.28 20.03 -8.44
N PRO B 34 7.68 20.53 -7.26
CA PRO B 34 7.90 19.69 -6.07
C PRO B 34 6.67 18.84 -5.73
N LEU B 35 6.79 17.54 -5.93
CA LEU B 35 5.69 16.61 -5.70
C LEU B 35 6.22 15.29 -5.14
N PRO B 36 5.67 14.82 -4.00
CA PRO B 36 6.05 13.55 -3.39
C PRO B 36 5.83 12.37 -4.34
N SER B 37 6.72 11.39 -4.28
CA SER B 37 6.73 10.29 -5.24
C SER B 37 5.76 9.18 -4.84
N GLN B 38 5.24 9.25 -3.62
CA GLN B 38 4.36 8.20 -3.12
C GLN B 38 3.00 8.77 -2.72
N ALA B 39 2.66 9.91 -3.29
CA ALA B 39 1.41 10.59 -2.95
C ALA B 39 0.23 10.00 -3.72
N MET B 40 0.49 9.03 -4.58
CA MET B 40 -0.56 8.44 -5.39
C MET B 40 -0.87 7.00 -4.95
N ASP B 41 -0.05 6.45 -4.08
CA ASP B 41 -0.27 5.09 -3.58
C ASP B 41 -1.14 5.14 -2.32
N ASP B 42 -1.70 6.32 -2.09
CA ASP B 42 -2.55 6.56 -0.93
C ASP B 42 -3.76 5.62 -0.95
N LEU B 43 -4.14 5.18 -2.15
CA LEU B 43 -5.28 4.29 -2.33
C LEU B 43 -5.12 3.01 -1.51
N MET B 44 -3.99 2.33 -1.67
CA MET B 44 -3.75 1.09 -0.97
C MET B 44 -2.77 1.28 0.18
N LEU B 45 -1.52 1.48 -0.19
CA LEU B 45 -0.44 1.53 0.77
C LEU B 45 -0.19 2.97 1.21
N SER B 46 -0.87 3.36 2.29
CA SER B 46 -0.86 4.74 2.78
C SER B 46 0.54 5.19 3.20
N PRO B 47 0.96 6.37 2.71
CA PRO B 47 2.32 6.90 2.90
C PRO B 47 2.83 6.85 4.34
N ASP B 48 1.98 7.22 5.30
CA ASP B 48 2.40 7.27 6.71
C ASP B 48 2.77 5.89 7.22
N ASP B 49 2.04 4.87 6.76
CA ASP B 49 2.25 3.51 7.20
C ASP B 49 3.42 2.86 6.46
N ILE B 50 3.49 3.10 5.17
CA ILE B 50 4.45 2.40 4.31
C ILE B 50 5.88 2.77 4.64
N GLU B 51 6.08 3.88 5.31
CA GLU B 51 7.41 4.33 5.61
C GLU B 51 8.15 3.34 6.52
N GLN B 52 7.42 2.37 7.05
CA GLN B 52 8.01 1.32 7.89
C GLN B 52 8.19 0.01 7.11
N TRP B 53 7.19 -0.36 6.32
CA TRP B 53 7.19 -1.68 5.69
C TRP B 53 7.06 -1.63 4.16
N PHE B 54 7.34 -0.48 3.58
CA PHE B 54 7.37 -0.31 2.13
C PHE B 54 8.60 0.52 1.79
N THR B 55 8.64 1.69 2.37
CA THR B 55 9.75 2.59 2.21
C THR B 55 10.92 2.15 3.08
N GLU B 56 11.94 1.58 2.45
CA GLU B 56 13.15 1.22 3.16
C GLU B 56 13.91 2.50 3.52
N ASP B 57 13.61 3.04 4.69
CA ASP B 57 14.11 4.34 5.07
C ASP B 57 15.49 4.25 5.70
N PRO B 58 16.39 5.16 5.32
CA PRO B 58 17.68 5.32 5.96
C PRO B 58 17.64 6.40 7.02
N GLY B 59 16.45 6.63 7.56
CA GLY B 59 16.25 7.75 8.47
C GLY B 59 15.88 9.01 7.70
N PRO B 60 16.41 10.16 8.13
CA PRO B 60 16.20 11.42 7.41
C PRO B 60 17.08 11.51 6.16
N GLY A 1 19.19 -7.67 7.56
CA GLY A 1 17.74 -7.52 7.84
C GLY A 1 17.23 -6.16 7.42
N LYS A 2 17.52 -5.14 8.24
CA LYS A 2 17.08 -3.78 7.99
C LYS A 2 15.56 -3.72 7.99
N GLY A 3 14.98 -4.39 8.98
CA GLY A 3 13.54 -4.48 9.11
C GLY A 3 13.16 -5.31 10.32
N ASP A 4 12.19 -6.20 10.17
CA ASP A 4 11.80 -7.08 11.26
C ASP A 4 11.12 -8.34 10.72
N PRO A 5 11.60 -9.52 11.13
CA PRO A 5 11.09 -10.80 10.63
C PRO A 5 9.90 -11.34 11.43
N LYS A 6 9.40 -10.55 12.37
CA LYS A 6 8.25 -10.96 13.17
C LYS A 6 7.12 -9.96 13.06
N LYS A 7 7.17 -9.15 12.04
CA LYS A 7 6.08 -8.22 11.75
C LYS A 7 5.19 -8.79 10.66
N PRO A 8 3.91 -9.01 10.97
CA PRO A 8 2.92 -9.47 9.99
C PRO A 8 2.85 -8.53 8.79
N ARG A 9 2.28 -9.00 7.69
CA ARG A 9 2.33 -8.24 6.46
C ARG A 9 1.22 -7.19 6.42
N GLY A 10 0.30 -7.29 7.37
CA GLY A 10 -0.70 -6.25 7.53
C GLY A 10 -2.02 -6.66 6.92
N LYS A 11 -2.97 -7.01 7.78
CA LYS A 11 -4.30 -7.43 7.34
C LYS A 11 -4.91 -6.44 6.35
N MET A 12 -4.80 -5.15 6.67
CA MET A 12 -5.27 -4.03 5.82
C MET A 12 -6.56 -4.37 5.05
N SER A 13 -6.75 -3.69 3.93
CA SER A 13 -7.86 -3.99 3.04
C SER A 13 -7.39 -4.93 1.92
N SER A 14 -8.34 -5.60 1.28
CA SER A 14 -8.04 -6.51 0.18
C SER A 14 -7.39 -5.75 -0.98
N TYR A 15 -7.80 -4.50 -1.13
CA TYR A 15 -7.25 -3.60 -2.14
C TYR A 15 -5.74 -3.46 -1.95
N ALA A 16 -5.33 -3.15 -0.72
CA ALA A 16 -3.93 -3.00 -0.40
C ALA A 16 -3.20 -4.34 -0.49
N PHE A 17 -3.90 -5.42 -0.18
CA PHE A 17 -3.35 -6.76 -0.26
C PHE A 17 -2.95 -7.09 -1.69
N PHE A 18 -3.71 -6.56 -2.64
CA PHE A 18 -3.39 -6.73 -4.05
C PHE A 18 -2.00 -6.18 -4.34
N VAL A 19 -1.76 -4.92 -4.00
CA VAL A 19 -0.44 -4.33 -4.17
C VAL A 19 0.59 -5.05 -3.28
N GLN A 20 0.17 -5.34 -2.06
CA GLN A 20 1.03 -5.95 -1.04
C GLN A 20 1.83 -7.14 -1.60
N THR A 21 1.12 -8.13 -2.12
CA THR A 21 1.76 -9.38 -2.50
C THR A 21 2.51 -9.26 -3.84
N CYS A 22 1.98 -8.51 -4.80
CA CYS A 22 2.66 -8.36 -6.09
C CYS A 22 3.91 -7.50 -5.93
N ARG A 23 3.84 -6.54 -5.02
CA ARG A 23 4.99 -5.74 -4.64
C ARG A 23 6.08 -6.61 -4.04
N GLU A 24 5.68 -7.43 -3.08
CA GLU A 24 6.61 -8.28 -2.36
C GLU A 24 7.12 -9.39 -3.27
N GLU A 25 6.26 -9.90 -4.13
CA GLU A 25 6.66 -10.83 -5.18
C GLU A 25 7.82 -10.27 -5.98
N HIS A 26 7.71 -8.98 -6.29
CA HIS A 26 8.70 -8.31 -7.11
C HIS A 26 10.06 -8.33 -6.46
N LYS A 27 10.12 -8.19 -5.14
CA LYS A 27 11.41 -8.18 -4.46
C LYS A 27 11.91 -9.61 -4.21
N LYS A 28 11.00 -10.58 -4.21
CA LYS A 28 11.43 -11.97 -4.11
C LYS A 28 12.13 -12.41 -5.38
N LYS A 29 11.49 -12.11 -6.52
CA LYS A 29 11.99 -12.51 -7.82
C LYS A 29 12.97 -11.49 -8.39
N HIS A 30 12.96 -10.28 -7.84
CA HIS A 30 13.96 -9.26 -8.16
C HIS A 30 14.35 -8.52 -6.88
N PRO A 31 15.27 -9.11 -6.09
CA PRO A 31 15.66 -8.56 -4.79
C PRO A 31 16.34 -7.20 -4.90
N ASP A 32 17.05 -7.02 -6.01
CA ASP A 32 17.82 -5.80 -6.25
C ASP A 32 16.91 -4.63 -6.61
N ALA A 33 15.69 -4.94 -7.05
CA ALA A 33 14.79 -3.92 -7.53
C ALA A 33 13.68 -3.62 -6.53
N SER A 34 13.49 -2.35 -6.27
CA SER A 34 12.32 -1.88 -5.54
C SER A 34 11.26 -1.48 -6.57
N VAL A 35 10.21 -0.83 -6.12
CA VAL A 35 9.20 -0.32 -7.04
C VAL A 35 8.96 1.16 -6.77
N ASN A 36 8.45 1.85 -7.77
CA ASN A 36 8.10 3.25 -7.62
C ASN A 36 6.68 3.35 -7.08
N PHE A 37 6.55 3.91 -5.86
CA PHE A 37 5.26 4.01 -5.18
C PHE A 37 4.14 4.49 -6.10
N SER A 38 4.31 5.67 -6.65
CA SER A 38 3.28 6.30 -7.47
C SER A 38 3.01 5.51 -8.75
N GLU A 39 4.03 4.84 -9.25
CA GLU A 39 3.92 4.12 -10.51
C GLU A 39 3.23 2.78 -10.30
N PHE A 40 3.74 2.01 -9.35
CA PHE A 40 3.24 0.67 -9.08
C PHE A 40 1.77 0.73 -8.66
N SER A 41 1.41 1.76 -7.90
CA SER A 41 0.05 1.92 -7.43
C SER A 41 -0.93 2.14 -8.57
N LYS A 42 -0.63 3.09 -9.45
CA LYS A 42 -1.55 3.44 -10.54
C LYS A 42 -1.81 2.25 -11.47
N LYS A 43 -0.75 1.59 -11.92
CA LYS A 43 -0.89 0.51 -12.89
C LYS A 43 -1.63 -0.67 -12.29
N CYS A 44 -1.27 -1.04 -11.08
CA CYS A 44 -1.94 -2.16 -10.42
C CYS A 44 -3.40 -1.83 -10.14
N SER A 45 -3.67 -0.57 -9.84
CA SER A 45 -5.03 -0.13 -9.57
C SER A 45 -5.89 -0.24 -10.83
N GLU A 46 -5.32 0.12 -11.98
CA GLU A 46 -6.02 -0.01 -13.26
C GLU A 46 -6.43 -1.46 -13.49
N ARG A 47 -5.49 -2.36 -13.23
CA ARG A 47 -5.73 -3.78 -13.39
C ARG A 47 -6.77 -4.26 -12.39
N TRP A 48 -6.65 -3.81 -11.14
CA TRP A 48 -7.61 -4.17 -10.08
C TRP A 48 -9.03 -3.80 -10.47
N LYS A 49 -9.23 -2.56 -10.90
CA LYS A 49 -10.56 -2.06 -11.24
C LYS A 49 -11.15 -2.84 -12.41
N THR A 50 -10.28 -3.44 -13.21
CA THR A 50 -10.71 -4.16 -14.40
C THR A 50 -10.46 -5.67 -14.27
N MET A 51 -10.25 -6.14 -13.05
CA MET A 51 -9.94 -7.54 -12.79
C MET A 51 -11.16 -8.28 -12.26
N SER A 52 -11.17 -9.59 -12.44
CA SER A 52 -12.24 -10.45 -11.95
C SER A 52 -12.31 -10.42 -10.42
N ALA A 53 -13.53 -10.51 -9.89
CA ALA A 53 -13.76 -10.41 -8.46
C ALA A 53 -13.31 -11.66 -7.71
N LYS A 54 -13.17 -12.77 -8.42
CA LYS A 54 -12.72 -14.02 -7.83
C LYS A 54 -11.31 -13.86 -7.29
N GLU A 55 -10.44 -13.26 -8.09
CA GLU A 55 -9.08 -12.97 -7.70
C GLU A 55 -9.06 -11.99 -6.53
N LYS A 56 -9.97 -11.01 -6.56
CA LYS A 56 -10.11 -10.06 -5.47
C LYS A 56 -10.43 -10.79 -4.17
N GLY A 57 -11.39 -11.71 -4.23
CA GLY A 57 -11.74 -12.51 -3.08
C GLY A 57 -10.60 -13.37 -2.61
N LYS A 58 -9.74 -13.77 -3.55
CA LYS A 58 -8.54 -14.53 -3.22
C LYS A 58 -7.61 -13.69 -2.35
N PHE A 59 -7.43 -12.43 -2.70
CA PHE A 59 -6.60 -11.53 -1.93
C PHE A 59 -7.22 -11.28 -0.55
N GLU A 60 -8.55 -11.22 -0.51
CA GLU A 60 -9.27 -11.02 0.74
C GLU A 60 -9.13 -12.26 1.63
N ASP A 61 -9.11 -13.44 1.02
CA ASP A 61 -8.92 -14.68 1.75
C ASP A 61 -7.53 -14.70 2.40
N MET A 62 -6.54 -14.26 1.65
CA MET A 62 -5.17 -14.19 2.14
C MET A 62 -5.05 -13.07 3.18
N ALA A 63 -5.89 -12.05 3.05
CA ALA A 63 -5.94 -10.99 4.05
C ALA A 63 -6.35 -11.56 5.40
N LYS A 64 -7.32 -12.47 5.36
CA LYS A 64 -7.76 -13.17 6.56
C LYS A 64 -6.65 -14.05 7.10
N ALA A 65 -5.82 -14.56 6.20
CA ALA A 65 -4.70 -15.42 6.58
C ALA A 65 -3.68 -14.67 7.42
N ASP A 66 -3.22 -13.53 6.92
CA ASP A 66 -2.26 -12.70 7.66
C ASP A 66 -2.94 -12.12 8.89
N LYS A 67 -4.21 -11.80 8.77
CA LYS A 67 -4.99 -11.27 9.88
C LYS A 67 -4.98 -12.23 11.09
N ALA A 68 -5.21 -13.51 10.83
CA ALA A 68 -5.22 -14.51 11.89
C ALA A 68 -3.81 -14.74 12.44
N ARG A 69 -2.83 -14.71 11.55
CA ARG A 69 -1.45 -14.83 11.96
C ARG A 69 -1.06 -13.61 12.78
N TYR A 70 -1.50 -12.45 12.32
CA TYR A 70 -1.33 -11.18 13.01
C TYR A 70 -1.78 -11.31 14.47
N GLU A 71 -2.95 -11.91 14.65
CA GLU A 71 -3.51 -12.12 15.97
C GLU A 71 -2.51 -12.80 16.90
N ARG A 72 -1.96 -13.93 16.47
CA ARG A 72 -1.05 -14.70 17.31
C ARG A 72 0.35 -14.09 17.28
N GLU A 73 0.72 -13.51 16.15
CA GLU A 73 2.02 -12.91 15.97
C GLU A 73 2.20 -11.77 16.96
N MET A 74 1.21 -10.89 17.05
CA MET A 74 1.30 -9.73 17.90
C MET A 74 1.25 -10.10 19.37
N LYS A 75 0.59 -11.22 19.69
CA LYS A 75 0.53 -11.70 21.07
C LYS A 75 1.81 -12.44 21.47
N THR A 76 2.52 -12.98 20.48
CA THR A 76 3.78 -13.66 20.73
C THR A 76 4.95 -12.71 20.56
N TYR A 77 4.67 -11.53 20.04
CA TYR A 77 5.67 -10.51 19.86
C TYR A 77 5.73 -9.62 21.10
N ILE A 78 6.85 -9.66 21.78
CA ILE A 78 7.06 -8.80 22.93
C ILE A 78 7.83 -7.56 22.49
N PRO A 79 7.13 -6.43 22.35
CA PRO A 79 7.72 -5.17 21.95
C PRO A 79 8.29 -4.40 23.14
N PRO A 80 9.32 -3.59 22.91
CA PRO A 80 9.85 -2.69 23.94
C PRO A 80 8.83 -1.62 24.29
N LYS A 81 8.63 -1.37 25.57
CA LYS A 81 7.67 -0.38 26.02
C LYS A 81 8.12 1.01 25.59
N GLY A 82 7.43 1.56 24.61
CA GLY A 82 7.80 2.84 24.04
C GLY A 82 7.85 2.76 22.53
N GLU A 83 6.88 2.08 21.94
CA GLU A 83 6.81 1.83 20.50
C GLU A 83 6.94 3.13 19.71
N LEU B 14 -38.07 9.60 -22.64
CA LEU B 14 -36.96 9.33 -21.74
C LEU B 14 -37.09 7.93 -21.15
N SER B 15 -36.06 7.48 -20.47
CA SER B 15 -36.09 6.19 -19.80
C SER B 15 -36.46 6.37 -18.34
N GLN B 16 -36.37 7.62 -17.86
CA GLN B 16 -36.67 7.98 -16.48
C GLN B 16 -35.73 7.24 -15.53
N GLU B 17 -34.54 6.92 -16.03
CA GLU B 17 -33.60 6.06 -15.32
C GLU B 17 -32.92 6.80 -14.16
N THR B 18 -32.06 7.73 -14.48
CA THR B 18 -31.29 8.45 -13.47
C THR B 18 -32.00 9.73 -13.05
N PHE B 19 -33.30 9.81 -13.32
CA PHE B 19 -34.09 11.00 -13.04
C PHE B 19 -34.05 11.35 -11.55
N SER B 20 -34.07 10.33 -10.72
CA SER B 20 -34.08 10.52 -9.26
C SER B 20 -32.70 10.97 -8.75
N ASP B 21 -31.65 10.67 -9.50
CA ASP B 21 -30.30 10.99 -9.08
C ASP B 21 -29.87 12.36 -9.57
N LEU B 22 -30.66 12.93 -10.47
CA LEU B 22 -30.33 14.21 -11.10
C LEU B 22 -30.26 15.34 -10.10
N TRP B 23 -31.15 15.35 -9.11
CA TRP B 23 -31.23 16.47 -8.17
C TRP B 23 -30.39 16.22 -6.92
N LYS B 24 -29.72 15.09 -6.86
CA LYS B 24 -28.95 14.71 -5.67
C LYS B 24 -27.63 15.49 -5.58
N LEU B 25 -27.57 16.62 -6.27
CA LEU B 25 -26.41 17.50 -6.21
C LEU B 25 -26.49 18.37 -4.96
N LEU B 26 -27.70 18.63 -4.50
CA LEU B 26 -27.92 19.42 -3.29
C LEU B 26 -28.10 18.48 -2.10
N PRO B 27 -27.62 18.89 -0.92
CA PRO B 27 -27.64 18.03 0.26
C PRO B 27 -28.98 18.03 0.99
N GLU B 28 -29.80 17.06 0.62
CA GLU B 28 -30.99 16.67 1.38
C GLU B 28 -31.61 15.45 0.74
N ASN B 29 -30.76 14.48 0.42
CA ASN B 29 -31.19 13.26 -0.25
C ASN B 29 -30.65 12.04 0.48
N ASN B 30 -29.37 12.11 0.86
CA ASN B 30 -28.65 10.99 1.47
C ASN B 30 -27.16 11.30 1.49
N VAL B 31 -26.72 11.99 0.44
CA VAL B 31 -25.30 12.26 0.20
C VAL B 31 -24.59 10.97 -0.17
N LEU B 32 -24.36 10.80 -1.47
CA LEU B 32 -23.66 9.63 -1.96
C LEU B 32 -22.15 9.86 -1.84
N SER B 33 -21.65 9.73 -0.62
CA SER B 33 -20.26 9.94 -0.33
C SER B 33 -19.43 8.73 -0.74
N PRO B 34 -18.53 8.91 -1.72
CA PRO B 34 -17.70 7.82 -2.24
C PRO B 34 -16.42 7.63 -1.46
N LEU B 35 -15.56 6.76 -1.95
CA LEU B 35 -14.25 6.56 -1.34
C LEU B 35 -13.33 7.69 -1.79
N PRO B 36 -12.65 8.32 -0.82
CA PRO B 36 -11.76 9.44 -1.11
C PRO B 36 -10.66 9.04 -2.09
N SER B 37 -10.76 9.55 -3.31
CA SER B 37 -9.89 9.12 -4.40
C SER B 37 -8.95 10.25 -4.83
N GLN B 38 -8.67 11.17 -3.92
CA GLN B 38 -7.78 12.28 -4.21
C GLN B 38 -6.34 11.81 -4.31
N ALA B 39 -6.04 10.68 -3.69
CA ALA B 39 -4.68 10.15 -3.67
C ALA B 39 -4.55 8.99 -4.66
N MET B 40 -3.43 8.95 -5.36
CA MET B 40 -3.14 7.85 -6.27
C MET B 40 -1.97 7.04 -5.75
N ASP B 41 -1.02 7.74 -5.18
CA ASP B 41 0.15 7.11 -4.56
C ASP B 41 -0.28 6.37 -3.30
N ASP B 42 -1.08 7.05 -2.49
CA ASP B 42 -1.58 6.52 -1.23
C ASP B 42 -2.88 5.75 -1.47
N LEU B 43 -3.07 5.25 -2.69
CA LEU B 43 -4.29 4.57 -3.07
C LEU B 43 -4.49 3.28 -2.27
N MET B 44 -3.40 2.57 -2.01
CA MET B 44 -3.48 1.28 -1.33
C MET B 44 -2.51 1.16 -0.18
N LEU B 45 -1.23 1.04 -0.49
CA LEU B 45 -0.21 0.89 0.54
C LEU B 45 0.28 2.27 0.98
N SER B 46 -0.18 2.71 2.14
CA SER B 46 0.18 4.02 2.69
C SER B 46 1.64 4.03 3.16
N PRO B 47 2.49 4.79 2.45
CA PRO B 47 3.96 4.82 2.66
C PRO B 47 4.39 4.97 4.11
N ASP B 48 3.63 5.71 4.90
CA ASP B 48 4.02 5.99 6.28
C ASP B 48 3.92 4.74 7.16
N ASP B 49 2.86 3.97 6.99
CA ASP B 49 2.62 2.82 7.87
C ASP B 49 3.23 1.54 7.31
N ILE B 50 3.23 1.44 5.98
CA ILE B 50 3.72 0.25 5.30
C ILE B 50 5.23 0.16 5.35
N GLU B 51 5.85 1.31 5.65
CA GLU B 51 7.29 1.46 5.54
C GLU B 51 8.05 0.31 6.20
N GLN B 52 7.52 -0.15 7.33
CA GLN B 52 8.14 -1.22 8.11
C GLN B 52 8.33 -2.53 7.32
N TRP B 53 7.52 -2.76 6.29
CA TRP B 53 7.69 -3.96 5.47
C TRP B 53 7.70 -3.68 3.97
N PHE B 54 7.18 -2.52 3.56
CA PHE B 54 7.18 -2.16 2.15
C PHE B 54 8.57 -1.69 1.74
N THR B 55 9.10 -0.77 2.51
CA THR B 55 10.32 -0.08 2.14
C THR B 55 11.49 -0.53 3.02
N GLU B 56 12.67 -0.59 2.43
CA GLU B 56 13.87 -0.84 3.18
C GLU B 56 14.16 0.35 4.09
N ASP B 57 14.37 0.08 5.37
CA ASP B 57 14.54 1.14 6.37
C ASP B 57 15.70 2.06 6.02
N PRO B 58 15.47 3.38 6.09
CA PRO B 58 16.45 4.41 5.70
C PRO B 58 17.68 4.46 6.62
N GLY B 59 17.60 3.86 7.80
CA GLY B 59 18.71 3.93 8.73
C GLY B 59 18.98 2.61 9.42
N PRO B 60 20.07 1.94 9.04
CA PRO B 60 20.49 0.68 9.65
C PRO B 60 20.91 0.87 11.11
N GLY A 1 20.58 -11.18 5.84
CA GLY A 1 19.51 -10.48 6.58
C GLY A 1 18.15 -10.71 5.95
N LYS A 2 17.09 -10.46 6.71
CA LYS A 2 15.73 -10.56 6.19
C LYS A 2 14.73 -9.87 7.12
N GLY A 3 15.25 -9.32 8.22
CA GLY A 3 14.38 -8.72 9.22
C GLY A 3 13.83 -9.76 10.17
N ASP A 4 12.67 -9.49 10.74
CA ASP A 4 12.05 -10.45 11.65
C ASP A 4 10.91 -11.17 10.95
N PRO A 5 10.93 -12.52 10.96
CA PRO A 5 9.97 -13.34 10.22
C PRO A 5 8.63 -13.48 10.93
N LYS A 6 8.38 -12.63 11.92
CA LYS A 6 7.09 -12.64 12.62
C LYS A 6 6.42 -11.28 12.49
N LYS A 7 6.72 -10.58 11.42
CA LYS A 7 6.11 -9.29 11.15
C LYS A 7 4.84 -9.45 10.32
N PRO A 8 3.70 -9.07 10.89
CA PRO A 8 2.43 -9.03 10.17
C PRO A 8 2.21 -7.68 9.52
N ARG A 9 1.43 -7.63 8.44
CA ARG A 9 1.18 -6.39 7.74
C ARG A 9 0.08 -5.60 8.41
N GLY A 10 -0.79 -6.32 9.09
CA GLY A 10 -1.81 -5.67 9.89
C GLY A 10 -3.20 -5.98 9.41
N LYS A 11 -4.04 -4.95 9.35
CA LYS A 11 -5.43 -5.11 8.97
C LYS A 11 -5.60 -4.89 7.48
N MET A 12 -4.50 -5.07 6.74
CA MET A 12 -4.50 -4.88 5.30
C MET A 12 -5.50 -5.82 4.62
N SER A 13 -6.54 -5.24 4.06
CA SER A 13 -7.57 -6.02 3.40
C SER A 13 -7.17 -6.33 1.95
N SER A 14 -8.10 -6.92 1.21
CA SER A 14 -7.85 -7.41 -0.14
C SER A 14 -7.24 -6.36 -1.06
N TYR A 15 -7.71 -5.12 -0.93
CA TYR A 15 -7.26 -4.03 -1.79
C TYR A 15 -5.74 -3.82 -1.65
N ALA A 16 -5.31 -3.44 -0.45
CA ALA A 16 -3.88 -3.19 -0.21
C ALA A 16 -3.09 -4.49 -0.29
N PHE A 17 -3.73 -5.60 0.03
CA PHE A 17 -3.05 -6.88 0.02
C PHE A 17 -2.74 -7.33 -1.40
N PHE A 18 -3.66 -7.06 -2.32
CA PHE A 18 -3.46 -7.33 -3.73
C PHE A 18 -2.16 -6.71 -4.21
N VAL A 19 -1.96 -5.44 -3.85
CA VAL A 19 -0.73 -4.75 -4.21
C VAL A 19 0.46 -5.42 -3.56
N GLN A 20 0.38 -5.57 -2.24
CA GLN A 20 1.48 -6.07 -1.44
C GLN A 20 1.92 -7.45 -1.88
N THR A 21 0.97 -8.35 -2.09
CA THR A 21 1.29 -9.72 -2.45
C THR A 21 2.05 -9.79 -3.78
N CYS A 22 1.76 -8.87 -4.69
CA CYS A 22 2.47 -8.82 -5.97
C CYS A 22 3.75 -7.99 -5.84
N ARG A 23 3.65 -6.92 -5.05
CA ARG A 23 4.75 -5.99 -4.85
C ARG A 23 5.90 -6.66 -4.10
N GLU A 24 5.57 -7.33 -3.02
CA GLU A 24 6.55 -8.04 -2.21
C GLU A 24 7.01 -9.31 -2.93
N GLU A 25 6.12 -9.93 -3.71
CA GLU A 25 6.49 -11.09 -4.52
C GLU A 25 7.64 -10.72 -5.45
N HIS A 26 7.48 -9.61 -6.15
CA HIS A 26 8.50 -9.10 -7.05
C HIS A 26 9.73 -8.67 -6.26
N LYS A 27 9.51 -8.24 -5.02
CA LYS A 27 10.61 -7.83 -4.14
C LYS A 27 11.42 -9.03 -3.68
N LYS A 28 10.74 -10.13 -3.41
CA LYS A 28 11.40 -11.35 -2.97
C LYS A 28 12.16 -12.00 -4.12
N LYS A 29 11.50 -12.18 -5.25
CA LYS A 29 12.10 -12.83 -6.41
C LYS A 29 13.17 -11.94 -7.05
N HIS A 30 13.01 -10.63 -6.90
CA HIS A 30 13.99 -9.70 -7.42
C HIS A 30 14.39 -8.67 -6.37
N PRO A 31 15.44 -8.98 -5.60
CA PRO A 31 16.00 -8.04 -4.64
C PRO A 31 16.64 -6.86 -5.34
N ASP A 32 17.08 -7.11 -6.58
CA ASP A 32 17.72 -6.11 -7.41
C ASP A 32 16.72 -5.09 -7.93
N ALA A 33 15.44 -5.45 -7.91
CA ALA A 33 14.41 -4.61 -8.49
C ALA A 33 13.64 -3.84 -7.43
N SER A 34 13.72 -2.53 -7.50
CA SER A 34 12.95 -1.66 -6.65
C SER A 34 11.70 -1.18 -7.40
N VAL A 35 10.69 -0.72 -6.67
CA VAL A 35 9.48 -0.22 -7.31
C VAL A 35 9.22 1.21 -6.86
N ASN A 36 8.69 2.02 -7.76
CA ASN A 36 8.33 3.37 -7.40
C ASN A 36 6.97 3.37 -6.69
N PHE A 37 6.88 4.14 -5.62
CA PHE A 37 5.70 4.13 -4.75
C PHE A 37 4.43 4.50 -5.51
N SER A 38 4.43 5.64 -6.15
CA SER A 38 3.23 6.13 -6.83
C SER A 38 2.98 5.35 -8.11
N GLU A 39 4.03 5.16 -8.91
CA GLU A 39 3.93 4.54 -10.22
C GLU A 39 3.25 3.17 -10.15
N PHE A 40 3.81 2.28 -9.35
CA PHE A 40 3.30 0.92 -9.22
C PHE A 40 1.86 0.93 -8.73
N SER A 41 1.56 1.83 -7.79
CA SER A 41 0.24 1.88 -7.19
C SER A 41 -0.79 2.46 -8.17
N LYS A 42 -0.33 3.29 -9.11
CA LYS A 42 -1.21 3.85 -10.15
C LYS A 42 -1.89 2.73 -10.92
N LYS A 43 -1.09 1.99 -11.67
CA LYS A 43 -1.59 0.98 -12.59
C LYS A 43 -2.18 -0.22 -11.84
N CYS A 44 -1.71 -0.46 -10.63
CA CYS A 44 -2.27 -1.53 -9.82
C CYS A 44 -3.66 -1.19 -9.32
N SER A 45 -3.91 0.09 -9.03
CA SER A 45 -5.23 0.52 -8.62
C SER A 45 -6.22 0.24 -9.75
N GLU A 46 -5.89 0.74 -10.94
CA GLU A 46 -6.71 0.53 -12.12
C GLU A 46 -6.86 -0.96 -12.41
N ARG A 47 -5.79 -1.70 -12.18
CA ARG A 47 -5.81 -3.15 -12.33
C ARG A 47 -6.86 -3.76 -11.42
N TRP A 48 -6.82 -3.40 -10.14
CA TRP A 48 -7.80 -3.87 -9.17
C TRP A 48 -9.23 -3.54 -9.61
N LYS A 49 -9.41 -2.32 -10.12
CA LYS A 49 -10.73 -1.84 -10.52
C LYS A 49 -11.25 -2.65 -11.72
N THR A 50 -10.34 -3.31 -12.44
CA THR A 50 -10.69 -4.02 -13.66
C THR A 50 -10.24 -5.48 -13.62
N MET A 51 -9.97 -5.98 -12.41
CA MET A 51 -9.38 -7.31 -12.26
C MET A 51 -10.45 -8.38 -12.08
N SER A 52 -10.12 -9.60 -12.51
CA SER A 52 -11.02 -10.73 -12.43
C SER A 52 -11.39 -11.07 -10.97
N ALA A 53 -12.59 -11.61 -10.80
CA ALA A 53 -13.10 -11.96 -9.48
C ALA A 53 -12.28 -13.07 -8.83
N LYS A 54 -11.78 -13.98 -9.66
CA LYS A 54 -10.91 -15.06 -9.17
C LYS A 54 -9.71 -14.49 -8.43
N GLU A 55 -9.04 -13.54 -9.06
CA GLU A 55 -7.88 -12.88 -8.47
C GLU A 55 -8.28 -12.19 -7.17
N LYS A 56 -9.36 -11.42 -7.23
CA LYS A 56 -9.87 -10.68 -6.08
C LYS A 56 -10.16 -11.62 -4.91
N GLY A 57 -10.91 -12.68 -5.17
CA GLY A 57 -11.24 -13.65 -4.14
C GLY A 57 -10.00 -14.26 -3.52
N LYS A 58 -9.02 -14.55 -4.36
CA LYS A 58 -7.74 -15.09 -3.90
C LYS A 58 -7.05 -14.13 -2.94
N PHE A 59 -6.97 -12.86 -3.32
CA PHE A 59 -6.32 -11.85 -2.50
C PHE A 59 -7.10 -11.62 -1.22
N GLU A 60 -8.41 -11.65 -1.34
CA GLU A 60 -9.31 -11.46 -0.19
C GLU A 60 -9.15 -12.61 0.80
N ASP A 61 -8.92 -13.81 0.28
CA ASP A 61 -8.70 -14.99 1.11
C ASP A 61 -7.35 -14.89 1.84
N MET A 62 -6.32 -14.50 1.10
CA MET A 62 -4.99 -14.36 1.69
C MET A 62 -4.97 -13.21 2.70
N ALA A 63 -5.81 -12.22 2.47
CA ALA A 63 -5.92 -11.07 3.37
C ALA A 63 -6.48 -11.49 4.72
N LYS A 64 -7.51 -12.33 4.73
CA LYS A 64 -8.14 -12.78 5.96
C LYS A 64 -7.13 -13.51 6.83
N ALA A 65 -6.18 -14.18 6.17
CA ALA A 65 -5.13 -14.91 6.85
C ALA A 65 -4.23 -13.97 7.65
N ASP A 66 -3.62 -13.01 6.96
CA ASP A 66 -2.67 -12.10 7.59
C ASP A 66 -3.39 -11.16 8.55
N LYS A 67 -4.67 -10.91 8.27
CA LYS A 67 -5.51 -10.11 9.16
C LYS A 67 -5.63 -10.77 10.53
N ALA A 68 -5.89 -12.07 10.55
CA ALA A 68 -6.00 -12.80 11.81
C ALA A 68 -4.62 -13.07 12.38
N ARG A 69 -3.62 -13.11 11.51
CA ARG A 69 -2.25 -13.25 11.94
C ARG A 69 -1.78 -11.96 12.60
N TYR A 70 -2.31 -10.83 12.16
CA TYR A 70 -2.09 -9.57 12.83
C TYR A 70 -2.56 -9.66 14.27
N GLU A 71 -3.71 -10.31 14.46
CA GLU A 71 -4.26 -10.55 15.78
C GLU A 71 -3.37 -11.49 16.59
N ARG A 72 -3.18 -12.69 16.05
CA ARG A 72 -2.47 -13.75 16.77
C ARG A 72 -0.99 -13.43 16.96
N GLU A 73 -0.35 -12.90 15.92
CA GLU A 73 1.09 -12.69 15.95
C GLU A 73 1.47 -11.48 16.79
N MET A 74 0.79 -10.36 16.57
CA MET A 74 1.15 -9.13 17.27
C MET A 74 0.77 -9.24 18.74
N LYS A 75 0.01 -10.27 19.08
CA LYS A 75 -0.21 -10.65 20.46
C LYS A 75 1.13 -10.97 21.13
N THR A 76 2.03 -11.58 20.36
CA THR A 76 3.34 -11.97 20.86
C THR A 76 4.45 -11.09 20.29
N TYR A 77 4.14 -10.40 19.21
CA TYR A 77 5.09 -9.52 18.54
C TYR A 77 5.08 -8.14 19.16
N ILE A 78 6.24 -7.68 19.57
CA ILE A 78 6.37 -6.36 20.15
C ILE A 78 7.09 -5.42 19.19
N PRO A 79 6.37 -4.44 18.63
CA PRO A 79 6.95 -3.40 17.80
C PRO A 79 8.06 -2.64 18.55
N PRO A 80 9.22 -2.46 17.90
CA PRO A 80 10.38 -1.80 18.52
C PRO A 80 10.03 -0.41 19.06
N LYS A 81 10.39 -0.16 20.32
CA LYS A 81 10.16 1.13 20.94
C LYS A 81 11.16 2.14 20.41
N GLY A 82 10.73 2.94 19.44
CA GLY A 82 11.61 3.87 18.80
C GLY A 82 11.32 3.96 17.32
N GLU A 83 11.78 5.03 16.71
CA GLU A 83 11.60 5.24 15.27
C GLU A 83 12.13 4.06 14.45
N LEU B 14 -34.90 19.31 13.44
CA LEU B 14 -34.28 19.34 12.12
C LEU B 14 -33.10 20.32 12.13
N SER B 15 -31.91 19.78 12.37
CA SER B 15 -30.71 20.60 12.44
C SER B 15 -30.28 21.04 11.04
N GLN B 16 -30.30 20.10 10.10
CA GLN B 16 -30.01 20.42 8.71
C GLN B 16 -31.10 19.86 7.78
N GLU B 17 -32.28 20.46 7.85
CA GLU B 17 -33.41 20.00 7.04
C GLU B 17 -33.12 20.13 5.54
N THR B 18 -33.04 21.35 5.05
CA THR B 18 -32.71 21.59 3.66
C THR B 18 -31.30 22.15 3.54
N PHE B 19 -30.68 22.40 4.69
CA PHE B 19 -29.38 23.05 4.75
C PHE B 19 -28.28 22.18 4.15
N SER B 20 -28.51 20.88 4.13
CA SER B 20 -27.55 19.94 3.59
C SER B 20 -27.58 19.97 2.06
N ASP B 21 -28.70 20.34 1.50
CA ASP B 21 -28.89 20.30 0.06
C ASP B 21 -28.72 21.67 -0.56
N LEU B 22 -28.54 22.68 0.29
CA LEU B 22 -28.34 24.05 -0.16
C LEU B 22 -27.11 24.16 -1.06
N TRP B 23 -26.04 23.45 -0.71
CA TRP B 23 -24.82 23.48 -1.51
C TRP B 23 -24.91 22.42 -2.60
N LYS B 24 -25.91 21.57 -2.52
CA LYS B 24 -26.09 20.48 -3.46
C LYS B 24 -27.01 20.89 -4.61
N LEU B 25 -27.09 22.19 -4.86
CA LEU B 25 -27.87 22.70 -5.99
C LEU B 25 -27.18 22.37 -7.31
N LEU B 26 -25.90 22.06 -7.23
CA LEU B 26 -25.15 21.59 -8.38
C LEU B 26 -25.42 20.11 -8.61
N PRO B 27 -25.60 19.69 -9.86
CA PRO B 27 -25.86 18.29 -10.19
C PRO B 27 -24.60 17.45 -10.08
N GLU B 28 -24.43 16.83 -8.92
CA GLU B 28 -23.31 15.92 -8.66
C GLU B 28 -23.79 14.76 -7.81
N ASN B 29 -22.94 13.74 -7.69
CA ASN B 29 -23.27 12.56 -6.89
C ASN B 29 -23.30 12.91 -5.41
N ASN B 30 -22.37 13.78 -5.00
CA ASN B 30 -22.15 14.14 -3.60
C ASN B 30 -20.79 14.82 -3.46
N VAL B 31 -19.92 14.56 -4.43
CA VAL B 31 -18.58 15.14 -4.49
C VAL B 31 -17.66 14.47 -3.48
N LEU B 32 -17.03 13.39 -3.92
CA LEU B 32 -16.10 12.64 -3.09
C LEU B 32 -14.71 12.70 -3.69
N SER B 33 -14.48 13.72 -4.51
CA SER B 33 -13.21 13.89 -5.19
C SER B 33 -12.44 15.06 -4.61
N PRO B 34 -11.48 14.78 -3.70
CA PRO B 34 -10.64 15.80 -3.12
C PRO B 34 -9.34 15.99 -3.90
N LEU B 35 -8.68 17.11 -3.68
CA LEU B 35 -7.37 17.34 -4.28
C LEU B 35 -6.29 17.02 -3.26
N PRO B 36 -5.56 15.91 -3.48
CA PRO B 36 -4.48 15.49 -2.57
C PRO B 36 -3.29 16.44 -2.63
N SER B 37 -2.96 17.02 -1.49
CA SER B 37 -1.89 18.00 -1.43
C SER B 37 -0.55 17.34 -1.16
N GLN B 38 -0.55 16.27 -0.37
CA GLN B 38 0.69 15.60 -0.02
C GLN B 38 0.79 14.23 -0.68
N ALA B 39 -0.02 13.28 -0.23
CA ALA B 39 0.13 11.90 -0.64
C ALA B 39 -1.18 11.31 -1.15
N MET B 40 -1.08 10.07 -1.64
CA MET B 40 -2.25 9.34 -2.11
C MET B 40 -2.51 8.12 -1.22
N ASP B 41 -2.14 8.25 0.06
CA ASP B 41 -2.23 7.15 1.03
C ASP B 41 -3.63 6.55 1.10
N ASP B 42 -4.60 7.23 0.50
CA ASP B 42 -5.96 6.74 0.41
C ASP B 42 -6.05 5.48 -0.43
N LEU B 43 -5.19 5.40 -1.45
CA LEU B 43 -5.34 4.38 -2.49
C LEU B 43 -5.21 2.96 -1.93
N MET B 44 -4.00 2.52 -1.67
CA MET B 44 -3.79 1.16 -1.17
C MET B 44 -2.74 1.10 -0.07
N LEU B 45 -1.48 1.25 -0.45
CA LEU B 45 -0.38 1.16 0.50
C LEU B 45 0.01 2.56 0.95
N SER B 46 -0.51 2.95 2.11
CA SER B 46 -0.30 4.29 2.65
C SER B 46 1.19 4.52 2.95
N PRO B 47 1.82 5.49 2.25
CA PRO B 47 3.26 5.79 2.38
C PRO B 47 3.74 5.92 3.83
N ASP B 48 2.92 6.55 4.67
CA ASP B 48 3.27 6.75 6.07
C ASP B 48 3.49 5.41 6.78
N ASP B 49 2.65 4.44 6.47
CA ASP B 49 2.66 3.15 7.15
C ASP B 49 3.64 2.19 6.50
N ILE B 50 3.90 2.43 5.21
CA ILE B 50 4.65 1.48 4.38
C ILE B 50 5.93 0.95 5.03
N GLU B 51 6.70 1.83 5.67
CA GLU B 51 8.03 1.47 6.19
C GLU B 51 7.98 0.33 7.22
N GLN B 52 6.81 0.03 7.76
CA GLN B 52 6.71 -1.02 8.78
C GLN B 52 6.58 -2.40 8.16
N TRP B 53 6.02 -2.47 6.95
CA TRP B 53 5.74 -3.75 6.31
C TRP B 53 6.32 -3.83 4.90
N PHE B 54 5.87 -2.94 4.03
CA PHE B 54 6.36 -2.88 2.66
C PHE B 54 7.70 -2.17 2.64
N THR B 55 8.75 -2.93 2.41
CA THR B 55 10.10 -2.38 2.37
C THR B 55 10.77 -2.69 1.04
N GLU B 56 11.11 -1.65 0.29
CA GLU B 56 11.82 -1.84 -0.96
C GLU B 56 13.32 -1.76 -0.71
N ASP B 57 14.08 -2.55 -1.46
CA ASP B 57 15.53 -2.56 -1.33
C ASP B 57 16.16 -2.62 -2.71
N PRO B 58 17.31 -1.95 -2.90
CA PRO B 58 18.00 -1.89 -4.18
C PRO B 58 19.02 -3.01 -4.37
N GLY B 59 18.80 -4.13 -3.69
CA GLY B 59 19.71 -5.25 -3.81
C GLY B 59 20.71 -5.31 -2.68
N PRO B 60 20.65 -6.36 -1.87
CA PRO B 60 21.54 -6.54 -0.72
C PRO B 60 22.82 -7.29 -1.10
N GLY A 1 0.23 4.22 11.84
CA GLY A 1 0.59 4.51 13.25
C GLY A 1 0.83 3.24 14.04
N LYS A 2 2.04 2.70 13.96
CA LYS A 2 2.39 1.47 14.66
C LYS A 2 3.58 1.73 15.58
N GLY A 3 3.32 1.70 16.89
CA GLY A 3 4.38 1.94 17.87
C GLY A 3 5.48 0.92 17.82
N ASP A 4 5.14 -0.34 18.08
CA ASP A 4 6.11 -1.42 18.06
C ASP A 4 6.40 -1.84 16.62
N PRO A 5 7.65 -1.65 16.17
CA PRO A 5 8.03 -1.92 14.79
C PRO A 5 8.34 -3.38 14.51
N LYS A 6 7.96 -4.25 15.44
CA LYS A 6 8.23 -5.67 15.31
C LYS A 6 6.93 -6.47 15.28
N LYS A 7 5.85 -5.78 14.96
CA LYS A 7 4.55 -6.41 14.88
C LYS A 7 4.28 -6.91 13.45
N PRO A 8 3.23 -7.74 13.26
CA PRO A 8 2.88 -8.28 11.94
C PRO A 8 2.70 -7.20 10.87
N ARG A 9 2.49 -7.64 9.63
CA ARG A 9 2.52 -6.76 8.47
C ARG A 9 1.33 -5.80 8.48
N GLY A 10 0.15 -6.33 8.71
CA GLY A 10 -1.02 -5.49 8.82
C GLY A 10 -2.32 -6.21 8.53
N LYS A 11 -3.42 -5.61 8.96
CA LYS A 11 -4.76 -6.17 8.79
C LYS A 11 -5.44 -5.59 7.54
N MET A 12 -4.62 -5.15 6.60
CA MET A 12 -5.10 -4.46 5.40
C MET A 12 -6.14 -5.26 4.64
N SER A 13 -6.95 -4.57 3.85
CA SER A 13 -8.00 -5.20 3.07
C SER A 13 -7.45 -5.77 1.76
N SER A 14 -8.33 -6.35 0.97
CA SER A 14 -7.96 -7.05 -0.25
C SER A 14 -7.17 -6.16 -1.22
N TYR A 15 -7.62 -4.92 -1.38
CA TYR A 15 -7.00 -3.98 -2.31
C TYR A 15 -5.51 -3.82 -2.00
N ALA A 16 -5.18 -3.70 -0.73
CA ALA A 16 -3.79 -3.47 -0.32
C ALA A 16 -2.99 -4.77 -0.39
N PHE A 17 -3.62 -5.88 -0.05
CA PHE A 17 -2.97 -7.18 -0.13
C PHE A 17 -2.60 -7.52 -1.56
N PHE A 18 -3.47 -7.13 -2.48
CA PHE A 18 -3.21 -7.28 -3.90
C PHE A 18 -1.89 -6.62 -4.30
N VAL A 19 -1.76 -5.34 -3.95
CA VAL A 19 -0.57 -4.57 -4.29
C VAL A 19 0.63 -5.09 -3.51
N GLN A 20 0.36 -5.56 -2.30
CA GLN A 20 1.40 -6.08 -1.43
C GLN A 20 2.04 -7.33 -2.02
N THR A 21 1.23 -8.33 -2.32
CA THR A 21 1.74 -9.63 -2.75
C THR A 21 2.52 -9.51 -4.07
N CYS A 22 2.07 -8.65 -4.97
CA CYS A 22 2.75 -8.49 -6.25
C CYS A 22 4.00 -7.63 -6.09
N ARG A 23 3.92 -6.60 -5.25
CA ARG A 23 5.07 -5.76 -4.95
C ARG A 23 6.17 -6.58 -4.31
N GLU A 24 5.81 -7.41 -3.36
CA GLU A 24 6.77 -8.25 -2.66
C GLU A 24 7.21 -9.41 -3.56
N GLU A 25 6.35 -9.85 -4.45
CA GLU A 25 6.68 -10.93 -5.37
C GLU A 25 7.87 -10.52 -6.24
N HIS A 26 7.84 -9.29 -6.70
CA HIS A 26 8.90 -8.75 -7.53
C HIS A 26 10.12 -8.40 -6.67
N LYS A 27 9.88 -8.15 -5.40
CA LYS A 27 10.96 -7.76 -4.48
C LYS A 27 11.74 -8.99 -4.01
N LYS A 28 11.07 -10.14 -3.99
CA LYS A 28 11.73 -11.39 -3.62
C LYS A 28 12.64 -11.88 -4.76
N LYS A 29 12.11 -11.84 -5.98
CA LYS A 29 12.88 -12.27 -7.15
C LYS A 29 13.88 -11.22 -7.58
N HIS A 30 13.65 -9.97 -7.19
CA HIS A 30 14.56 -8.89 -7.51
C HIS A 30 14.78 -7.99 -6.31
N PRO A 31 15.77 -8.32 -5.47
CA PRO A 31 16.19 -7.45 -4.37
C PRO A 31 16.85 -6.18 -4.89
N ASP A 32 17.24 -6.22 -6.15
CA ASP A 32 17.88 -5.09 -6.81
C ASP A 32 16.83 -4.13 -7.37
N ALA A 33 15.66 -4.65 -7.69
CA ALA A 33 14.62 -3.85 -8.32
C ALA A 33 13.57 -3.39 -7.33
N SER A 34 13.79 -2.22 -6.77
CA SER A 34 12.83 -1.59 -5.88
C SER A 34 11.78 -0.87 -6.72
N VAL A 35 10.50 -1.19 -6.50
CA VAL A 35 9.44 -0.62 -7.30
C VAL A 35 9.22 0.85 -6.94
N ASN A 36 8.95 1.64 -7.95
CA ASN A 36 8.63 3.05 -7.74
C ASN A 36 7.18 3.19 -7.31
N PHE A 37 6.93 4.07 -6.34
CA PHE A 37 5.58 4.29 -5.85
C PHE A 37 4.66 4.76 -6.96
N SER A 38 5.16 5.69 -7.77
CA SER A 38 4.40 6.20 -8.90
C SER A 38 4.06 5.07 -9.88
N GLU A 39 5.05 4.24 -10.19
CA GLU A 39 4.90 3.24 -11.23
C GLU A 39 3.93 2.14 -10.80
N PHE A 40 4.13 1.64 -9.59
CA PHE A 40 3.45 0.45 -9.14
C PHE A 40 2.02 0.76 -8.73
N SER A 41 1.85 1.73 -7.84
CA SER A 41 0.55 2.10 -7.33
C SER A 41 -0.41 2.46 -8.48
N LYS A 42 0.08 3.24 -9.44
CA LYS A 42 -0.76 3.74 -10.52
C LYS A 42 -1.37 2.58 -11.32
N LYS A 43 -0.51 1.71 -11.84
CA LYS A 43 -0.96 0.62 -12.71
C LYS A 43 -1.75 -0.43 -11.93
N CYS A 44 -1.35 -0.69 -10.68
CA CYS A 44 -2.01 -1.69 -9.87
C CYS A 44 -3.39 -1.23 -9.42
N SER A 45 -3.56 0.09 -9.29
CA SER A 45 -4.87 0.65 -8.97
C SER A 45 -5.88 0.24 -10.03
N GLU A 46 -5.61 0.61 -11.27
CA GLU A 46 -6.50 0.33 -12.39
C GLU A 46 -6.58 -1.19 -12.64
N ARG A 47 -5.47 -1.86 -12.39
CA ARG A 47 -5.38 -3.30 -12.55
C ARG A 47 -6.42 -4.00 -11.68
N TRP A 48 -6.45 -3.63 -10.41
CA TRP A 48 -7.41 -4.21 -9.46
C TRP A 48 -8.85 -3.88 -9.86
N LYS A 49 -9.08 -2.63 -10.26
CA LYS A 49 -10.43 -2.15 -10.56
C LYS A 49 -11.05 -2.93 -11.72
N THR A 50 -10.22 -3.55 -12.54
CA THR A 50 -10.70 -4.25 -13.72
C THR A 50 -10.68 -5.76 -13.52
N MET A 51 -10.39 -6.20 -12.30
CA MET A 51 -10.31 -7.64 -12.00
C MET A 51 -11.67 -8.20 -11.59
N SER A 52 -11.81 -9.51 -11.71
CA SER A 52 -13.05 -10.19 -11.35
C SER A 52 -13.08 -10.55 -9.86
N ALA A 53 -14.27 -10.75 -9.33
CA ALA A 53 -14.46 -11.02 -7.90
C ALA A 53 -13.82 -12.34 -7.47
N LYS A 54 -13.72 -13.30 -8.39
CA LYS A 54 -13.10 -14.58 -8.08
C LYS A 54 -11.62 -14.40 -7.71
N GLU A 55 -10.93 -13.59 -8.49
CA GLU A 55 -9.51 -13.33 -8.25
C GLU A 55 -9.35 -12.40 -7.07
N LYS A 56 -10.28 -11.46 -6.94
CA LYS A 56 -10.30 -10.57 -5.79
C LYS A 56 -10.53 -11.37 -4.51
N GLY A 57 -11.34 -12.42 -4.63
CA GLY A 57 -11.60 -13.30 -3.52
C GLY A 57 -10.34 -13.99 -3.02
N LYS A 58 -9.41 -14.24 -3.93
CA LYS A 58 -8.12 -14.80 -3.55
C LYS A 58 -7.36 -13.85 -2.64
N PHE A 59 -7.34 -12.57 -3.02
CA PHE A 59 -6.63 -11.56 -2.25
C PHE A 59 -7.38 -11.24 -0.96
N GLU A 60 -8.69 -11.48 -0.96
CA GLU A 60 -9.48 -11.33 0.24
C GLU A 60 -9.22 -12.49 1.19
N ASP A 61 -9.03 -13.67 0.61
CA ASP A 61 -8.74 -14.87 1.40
C ASP A 61 -7.39 -14.75 2.08
N MET A 62 -6.38 -14.35 1.32
CA MET A 62 -5.02 -14.21 1.86
C MET A 62 -5.00 -13.14 2.96
N ALA A 63 -5.93 -12.19 2.87
CA ALA A 63 -6.03 -11.14 3.88
C ALA A 63 -6.68 -11.70 5.14
N LYS A 64 -7.77 -12.43 4.99
CA LYS A 64 -8.48 -12.98 6.13
C LYS A 64 -7.69 -14.11 6.76
N ALA A 65 -6.85 -14.74 5.96
CA ALA A 65 -5.92 -15.75 6.45
C ALA A 65 -4.85 -15.10 7.34
N ASP A 66 -4.32 -13.97 6.88
CA ASP A 66 -3.30 -13.25 7.64
C ASP A 66 -3.93 -12.67 8.91
N LYS A 67 -5.20 -12.30 8.81
CA LYS A 67 -5.96 -11.85 9.98
C LYS A 67 -5.93 -12.92 11.08
N ALA A 68 -6.19 -14.17 10.68
CA ALA A 68 -6.15 -15.28 11.63
C ALA A 68 -4.74 -15.49 12.16
N ARG A 69 -3.76 -15.31 11.29
CA ARG A 69 -2.37 -15.41 11.69
C ARG A 69 -2.04 -14.30 12.69
N TYR A 70 -2.45 -13.08 12.35
CA TYR A 70 -2.25 -11.91 13.21
C TYR A 70 -2.80 -12.17 14.60
N GLU A 71 -4.01 -12.67 14.67
CA GLU A 71 -4.68 -12.98 15.92
C GLU A 71 -3.86 -13.96 16.76
N ARG A 72 -3.50 -15.09 16.16
CA ARG A 72 -2.73 -16.11 16.86
C ARG A 72 -1.32 -15.62 17.15
N GLU A 73 -0.80 -14.81 16.24
CA GLU A 73 0.55 -14.27 16.36
C GLU A 73 0.68 -13.41 17.62
N MET A 74 -0.21 -12.42 17.73
CA MET A 74 -0.11 -11.43 18.80
C MET A 74 -0.53 -12.00 20.14
N LYS A 75 -1.16 -13.17 20.14
CA LYS A 75 -1.55 -13.83 21.38
C LYS A 75 -0.32 -14.36 22.12
N THR A 76 0.72 -14.68 21.38
CA THR A 76 1.96 -15.12 21.98
C THR A 76 3.09 -14.12 21.72
N TYR A 77 3.21 -13.69 20.46
CA TYR A 77 4.28 -12.79 20.00
C TYR A 77 5.66 -13.17 20.52
N ILE A 78 6.51 -13.62 19.59
CA ILE A 78 7.86 -14.02 19.93
C ILE A 78 8.84 -12.89 19.65
N PRO A 79 9.41 -12.29 20.70
CA PRO A 79 10.41 -11.23 20.57
C PRO A 79 11.82 -11.79 20.44
N PRO A 80 12.44 -11.62 19.28
CA PRO A 80 13.82 -12.07 19.04
C PRO A 80 14.83 -11.11 19.68
N LYS A 81 16.10 -11.53 19.74
CA LYS A 81 17.15 -10.69 20.29
C LYS A 81 17.55 -9.60 19.31
N GLY A 82 16.70 -8.59 19.21
CA GLY A 82 16.98 -7.42 18.42
C GLY A 82 16.39 -6.20 19.08
N GLU A 83 16.71 -6.05 20.35
CA GLU A 83 16.10 -5.03 21.20
C GLU A 83 16.85 -3.71 21.12
N LEU B 14 22.28 42.11 0.01
CA LEU B 14 22.94 40.96 -0.62
C LEU B 14 23.84 41.43 -1.75
N SER B 15 25.13 41.20 -1.62
CA SER B 15 26.11 41.61 -2.61
C SER B 15 26.13 40.64 -3.78
N GLN B 16 25.57 39.44 -3.56
CA GLN B 16 25.55 38.43 -4.59
C GLN B 16 24.14 37.87 -4.76
N GLU B 17 23.66 37.86 -5.99
CA GLU B 17 22.31 37.42 -6.30
C GLU B 17 22.12 35.92 -6.10
N THR B 18 23.21 35.19 -5.90
CA THR B 18 23.16 33.74 -5.77
C THR B 18 22.23 33.31 -4.63
N PHE B 19 22.17 34.12 -3.57
CA PHE B 19 21.37 33.79 -2.41
C PHE B 19 19.87 33.85 -2.74
N SER B 20 19.52 34.73 -3.67
CA SER B 20 18.14 34.85 -4.11
C SER B 20 17.86 33.86 -5.22
N ASP B 21 18.89 33.12 -5.61
CA ASP B 21 18.79 32.14 -6.67
C ASP B 21 18.67 30.74 -6.08
N LEU B 22 18.90 30.65 -4.78
CA LEU B 22 18.97 29.37 -4.08
C LEU B 22 17.61 28.67 -4.04
N TRP B 23 16.56 29.42 -3.77
CA TRP B 23 15.22 28.85 -3.57
C TRP B 23 14.57 28.45 -4.89
N LYS B 24 15.26 28.68 -6.00
CA LYS B 24 14.71 28.41 -7.32
C LYS B 24 14.72 26.92 -7.66
N LEU B 25 14.69 26.08 -6.62
CA LEU B 25 14.62 24.64 -6.80
C LEU B 25 13.20 24.24 -7.21
N LEU B 26 12.25 25.13 -6.96
CA LEU B 26 10.88 24.91 -7.40
C LEU B 26 10.59 25.76 -8.63
N PRO B 27 10.07 25.14 -9.71
CA PRO B 27 9.80 25.83 -10.96
C PRO B 27 8.51 26.65 -10.93
N GLU B 28 8.66 27.95 -10.61
CA GLU B 28 7.58 28.93 -10.73
C GLU B 28 8.06 30.30 -10.28
N ASN B 29 7.13 31.22 -10.07
CA ASN B 29 7.46 32.62 -9.87
C ASN B 29 7.40 33.07 -8.40
N ASN B 30 6.22 33.03 -7.78
CA ASN B 30 6.04 33.65 -6.46
C ASN B 30 5.48 32.65 -5.45
N VAL B 31 5.56 31.37 -5.80
CA VAL B 31 5.06 30.30 -4.95
C VAL B 31 3.53 30.39 -4.81
N LEU B 32 2.86 29.88 -5.82
CA LEU B 32 1.41 29.80 -5.84
C LEU B 32 1.01 28.34 -5.95
N SER B 33 1.79 27.50 -5.30
CA SER B 33 1.65 26.05 -5.40
C SER B 33 0.27 25.59 -4.96
N PRO B 34 -0.42 24.80 -5.82
CA PRO B 34 -1.76 24.28 -5.53
C PRO B 34 -1.71 23.10 -4.57
N LEU B 35 -2.87 22.47 -4.36
CA LEU B 35 -2.97 21.29 -3.49
C LEU B 35 -2.00 20.21 -3.95
N PRO B 36 -1.07 19.81 -3.06
CA PRO B 36 -0.06 18.78 -3.37
C PRO B 36 -0.69 17.46 -3.78
N SER B 37 -0.38 17.02 -4.99
CA SER B 37 -0.92 15.78 -5.53
C SER B 37 -0.11 14.58 -5.03
N GLN B 38 0.26 14.62 -3.76
CA GLN B 38 1.02 13.54 -3.14
C GLN B 38 0.14 12.31 -2.97
N ALA B 39 -1.10 12.55 -2.55
CA ALA B 39 -2.07 11.48 -2.44
C ALA B 39 -2.65 11.15 -3.81
N MET B 40 -2.09 10.14 -4.45
CA MET B 40 -2.48 9.81 -5.81
C MET B 40 -2.96 8.37 -5.93
N ASP B 41 -2.02 7.45 -5.84
CA ASP B 41 -2.31 6.04 -6.02
C ASP B 41 -1.94 5.27 -4.76
N ASP B 42 -1.67 5.99 -3.69
CA ASP B 42 -1.32 5.42 -2.39
C ASP B 42 -2.58 4.94 -1.68
N LEU B 43 -3.50 4.45 -2.48
CA LEU B 43 -4.85 4.12 -2.03
C LEU B 43 -4.82 2.95 -1.06
N MET B 44 -3.94 1.99 -1.35
CA MET B 44 -3.83 0.80 -0.53
C MET B 44 -2.58 0.86 0.32
N LEU B 45 -1.43 0.74 -0.33
CA LEU B 45 -0.16 0.76 0.36
C LEU B 45 0.34 2.20 0.47
N SER B 46 -0.06 2.85 1.55
CA SER B 46 0.31 4.23 1.80
C SER B 46 1.72 4.30 2.41
N PRO B 47 2.58 5.20 1.88
CA PRO B 47 4.01 5.27 2.21
C PRO B 47 4.34 5.14 3.69
N ASP B 48 3.58 5.82 4.55
CA ASP B 48 3.87 5.83 5.98
C ASP B 48 3.69 4.46 6.62
N ASP B 49 2.57 3.81 6.32
CA ASP B 49 2.22 2.55 6.96
C ASP B 49 3.10 1.41 6.45
N ILE B 50 3.49 1.52 5.20
CA ILE B 50 4.18 0.45 4.50
C ILE B 50 5.68 0.55 4.60
N GLU B 51 6.16 1.66 5.13
CA GLU B 51 7.59 1.96 5.14
C GLU B 51 8.37 0.91 5.94
N GLN B 52 7.64 0.01 6.59
CA GLN B 52 8.25 -1.06 7.36
C GLN B 52 8.75 -2.17 6.43
N TRP B 53 8.02 -2.39 5.34
CA TRP B 53 8.32 -3.49 4.43
C TRP B 53 8.37 -3.06 2.97
N PHE B 54 7.40 -2.25 2.55
CA PHE B 54 7.34 -1.78 1.16
C PHE B 54 8.51 -0.85 0.88
N THR B 55 8.56 0.23 1.63
CA THR B 55 9.52 1.28 1.39
C THR B 55 10.91 0.88 1.86
N GLU B 56 11.92 1.29 1.10
CA GLU B 56 13.30 1.05 1.48
C GLU B 56 13.78 2.15 2.42
N ASP B 57 14.87 1.89 3.12
CA ASP B 57 15.41 2.84 4.08
C ASP B 57 15.82 4.13 3.36
N PRO B 58 15.48 5.30 3.94
CA PRO B 58 15.76 6.61 3.33
C PRO B 58 17.26 6.90 3.16
N GLY B 59 18.10 6.11 3.81
CA GLY B 59 19.53 6.30 3.70
C GLY B 59 20.22 5.06 3.20
N PRO B 60 21.49 4.85 3.60
CA PRO B 60 22.26 3.68 3.21
C PRO B 60 21.83 2.44 4.00
N GLY A 1 7.03 3.11 20.07
CA GLY A 1 8.20 3.82 19.51
C GLY A 1 8.06 4.06 18.02
N LYS A 2 9.17 3.95 17.30
CA LYS A 2 9.18 4.16 15.86
C LYS A 2 8.94 2.84 15.13
N GLY A 3 9.98 2.03 15.07
CA GLY A 3 9.88 0.74 14.41
C GLY A 3 10.12 -0.39 15.38
N ASP A 4 9.59 -1.56 15.04
CA ASP A 4 9.73 -2.73 15.90
C ASP A 4 9.66 -4.00 15.06
N PRO A 5 10.63 -4.92 15.25
CA PRO A 5 10.71 -6.15 14.47
C PRO A 5 9.66 -7.18 14.84
N LYS A 6 8.87 -6.87 15.85
CA LYS A 6 7.83 -7.78 16.31
C LYS A 6 6.47 -7.19 15.99
N LYS A 7 6.49 -6.16 15.18
CA LYS A 7 5.28 -5.54 14.67
C LYS A 7 4.95 -6.15 13.31
N PRO A 8 3.82 -6.85 13.21
CA PRO A 8 3.42 -7.53 11.98
C PRO A 8 2.99 -6.53 10.92
N ARG A 9 2.83 -7.01 9.68
CA ARG A 9 2.43 -6.14 8.58
C ARG A 9 1.00 -5.65 8.78
N GLY A 10 0.21 -6.44 9.51
CA GLY A 10 -1.09 -6.00 9.95
C GLY A 10 -2.22 -6.80 9.38
N LYS A 11 -3.26 -6.09 8.93
CA LYS A 11 -4.48 -6.71 8.46
C LYS A 11 -4.88 -6.11 7.12
N MET A 12 -3.86 -5.62 6.41
CA MET A 12 -4.01 -5.01 5.08
C MET A 12 -5.13 -5.64 4.26
N SER A 13 -6.02 -4.80 3.77
CA SER A 13 -7.18 -5.25 3.01
C SER A 13 -6.77 -5.86 1.68
N SER A 14 -7.73 -6.49 1.01
CA SER A 14 -7.48 -7.19 -0.26
C SER A 14 -6.82 -6.29 -1.28
N TYR A 15 -7.26 -5.04 -1.32
CA TYR A 15 -6.72 -4.03 -2.23
C TYR A 15 -5.21 -3.90 -2.02
N ALA A 16 -4.80 -3.75 -0.77
CA ALA A 16 -3.39 -3.58 -0.45
C ALA A 16 -2.64 -4.92 -0.55
N PHE A 17 -3.35 -6.00 -0.29
CA PHE A 17 -2.76 -7.33 -0.37
C PHE A 17 -2.40 -7.66 -1.82
N PHE A 18 -3.26 -7.25 -2.73
CA PHE A 18 -3.01 -7.37 -4.16
C PHE A 18 -1.69 -6.71 -4.52
N VAL A 19 -1.49 -5.49 -4.02
CA VAL A 19 -0.27 -4.75 -4.28
C VAL A 19 0.91 -5.42 -3.58
N GLN A 20 0.68 -5.89 -2.35
CA GLN A 20 1.72 -6.51 -1.54
C GLN A 20 2.36 -7.69 -2.26
N THR A 21 1.55 -8.66 -2.65
CA THR A 21 2.06 -9.90 -3.22
C THR A 21 2.81 -9.64 -4.53
N CYS A 22 2.33 -8.70 -5.34
CA CYS A 22 2.99 -8.37 -6.59
C CYS A 22 4.29 -7.60 -6.32
N ARG A 23 4.21 -6.66 -5.39
CA ARG A 23 5.33 -5.80 -5.03
C ARG A 23 6.44 -6.58 -4.34
N GLU A 24 6.08 -7.26 -3.27
CA GLU A 24 7.05 -7.83 -2.35
C GLU A 24 7.72 -9.07 -2.93
N GLU A 25 6.97 -9.89 -3.66
CA GLU A 25 7.57 -11.05 -4.31
C GLU A 25 8.58 -10.57 -5.36
N HIS A 26 8.22 -9.50 -6.06
CA HIS A 26 9.12 -8.88 -7.02
C HIS A 26 10.38 -8.36 -6.33
N LYS A 27 10.25 -7.93 -5.08
CA LYS A 27 11.37 -7.39 -4.34
C LYS A 27 12.28 -8.49 -3.80
N LYS A 28 11.68 -9.59 -3.35
CA LYS A 28 12.44 -10.71 -2.82
C LYS A 28 13.20 -11.44 -3.92
N LYS A 29 12.57 -11.53 -5.10
CA LYS A 29 13.19 -12.20 -6.23
C LYS A 29 14.12 -11.24 -6.99
N HIS A 30 13.87 -9.94 -6.83
CA HIS A 30 14.70 -8.92 -7.46
C HIS A 30 14.92 -7.75 -6.49
N PRO A 31 15.90 -7.87 -5.60
CA PRO A 31 16.20 -6.83 -4.60
C PRO A 31 16.66 -5.53 -5.26
N ASP A 32 17.47 -5.68 -6.32
CA ASP A 32 18.03 -4.54 -7.04
C ASP A 32 16.95 -3.74 -7.76
N ALA A 33 15.86 -4.41 -8.09
CA ALA A 33 14.79 -3.78 -8.84
C ALA A 33 13.88 -2.97 -7.92
N SER A 34 14.02 -1.66 -7.99
CA SER A 34 13.13 -0.77 -7.26
C SER A 34 11.93 -0.43 -8.13
N VAL A 35 10.76 -0.42 -7.53
CA VAL A 35 9.54 -0.08 -8.26
C VAL A 35 9.33 1.42 -8.22
N ASN A 36 8.61 1.95 -9.20
CA ASN A 36 8.22 3.35 -9.15
C ASN A 36 6.90 3.45 -8.41
N PHE A 37 6.92 4.13 -7.27
CA PHE A 37 5.77 4.15 -6.36
C PHE A 37 4.47 4.55 -7.07
N SER A 38 4.46 5.73 -7.65
CA SER A 38 3.26 6.24 -8.31
C SER A 38 2.87 5.38 -9.50
N GLU A 39 3.87 4.86 -10.21
CA GLU A 39 3.61 4.04 -11.39
C GLU A 39 2.97 2.71 -11.00
N PHE A 40 3.55 2.06 -9.99
CA PHE A 40 3.08 0.76 -9.57
C PHE A 40 1.64 0.83 -9.08
N SER A 41 1.38 1.74 -8.14
CA SER A 41 0.06 1.89 -7.57
C SER A 41 -0.96 2.31 -8.64
N LYS A 42 -0.51 3.13 -9.59
CA LYS A 42 -1.37 3.62 -10.66
C LYS A 42 -1.87 2.48 -11.54
N LYS A 43 -0.96 1.68 -12.08
CA LYS A 43 -1.36 0.60 -12.97
C LYS A 43 -2.05 -0.52 -12.19
N CYS A 44 -1.60 -0.76 -10.97
CA CYS A 44 -2.16 -1.83 -10.16
C CYS A 44 -3.54 -1.46 -9.63
N SER A 45 -3.83 -0.18 -9.46
CA SER A 45 -5.15 0.24 -9.01
C SER A 45 -6.18 -0.11 -10.07
N GLU A 46 -5.91 0.27 -11.31
CA GLU A 46 -6.80 -0.02 -12.42
C GLU A 46 -6.90 -1.53 -12.62
N ARG A 47 -5.78 -2.22 -12.46
CA ARG A 47 -5.76 -3.69 -12.53
C ARG A 47 -6.71 -4.28 -11.50
N TRP A 48 -6.51 -3.92 -10.23
CA TRP A 48 -7.33 -4.43 -9.15
C TRP A 48 -8.81 -4.21 -9.42
N LYS A 49 -9.16 -2.97 -9.73
CA LYS A 49 -10.56 -2.58 -9.86
C LYS A 49 -11.25 -3.30 -11.02
N THR A 50 -10.48 -3.62 -12.05
CA THR A 50 -11.06 -4.24 -13.25
C THR A 50 -10.94 -5.76 -13.24
N MET A 51 -10.39 -6.33 -12.16
CA MET A 51 -10.31 -7.78 -12.04
C MET A 51 -11.69 -8.35 -11.71
N SER A 52 -11.80 -9.66 -11.80
CA SER A 52 -13.06 -10.32 -11.53
C SER A 52 -13.23 -10.55 -10.03
N ALA A 53 -14.47 -10.80 -9.60
CA ALA A 53 -14.77 -11.00 -8.19
C ALA A 53 -14.08 -12.24 -7.64
N LYS A 54 -13.88 -13.24 -8.48
CA LYS A 54 -13.17 -14.46 -8.07
C LYS A 54 -11.70 -14.16 -7.78
N GLU A 55 -11.13 -13.21 -8.50
CA GLU A 55 -9.76 -12.78 -8.27
C GLU A 55 -9.69 -11.90 -7.03
N LYS A 56 -10.60 -10.94 -6.94
CA LYS A 56 -10.68 -10.05 -5.79
C LYS A 56 -10.95 -10.83 -4.51
N GLY A 57 -11.81 -11.85 -4.61
CA GLY A 57 -12.14 -12.68 -3.47
C GLY A 57 -10.93 -13.42 -2.92
N LYS A 58 -10.04 -13.84 -3.82
CA LYS A 58 -8.80 -14.51 -3.42
C LYS A 58 -7.97 -13.60 -2.51
N PHE A 59 -7.74 -12.37 -2.96
CA PHE A 59 -6.93 -11.42 -2.20
C PHE A 59 -7.60 -11.06 -0.88
N GLU A 60 -8.94 -11.06 -0.88
CA GLU A 60 -9.68 -10.78 0.33
C GLU A 60 -9.53 -11.93 1.34
N ASP A 61 -9.55 -13.15 0.83
CA ASP A 61 -9.45 -14.33 1.67
C ASP A 61 -8.04 -14.46 2.24
N MET A 62 -7.06 -13.94 1.53
CA MET A 62 -5.69 -13.92 2.05
C MET A 62 -5.54 -12.80 3.07
N ALA A 63 -6.27 -11.71 2.86
CA ALA A 63 -6.24 -10.57 3.78
C ALA A 63 -6.86 -10.95 5.13
N LYS A 64 -8.03 -11.58 5.09
CA LYS A 64 -8.69 -12.03 6.31
C LYS A 64 -7.83 -13.06 7.04
N ALA A 65 -7.11 -13.86 6.28
CA ALA A 65 -6.21 -14.86 6.84
C ALA A 65 -5.05 -14.19 7.57
N ASP A 66 -4.46 -13.17 6.95
CA ASP A 66 -3.38 -12.42 7.58
C ASP A 66 -3.90 -11.67 8.79
N LYS A 67 -5.07 -11.06 8.63
CA LYS A 67 -5.73 -10.39 9.74
C LYS A 67 -5.93 -11.35 10.90
N ALA A 68 -6.34 -12.57 10.61
CA ALA A 68 -6.59 -13.56 11.66
C ALA A 68 -5.31 -13.89 12.42
N ARG A 69 -4.22 -14.18 11.71
CA ARG A 69 -2.95 -14.49 12.35
C ARG A 69 -2.41 -13.26 13.07
N TYR A 70 -2.73 -12.09 12.54
CA TYR A 70 -2.40 -10.83 13.16
C TYR A 70 -3.16 -10.67 14.48
N GLU A 71 -4.47 -10.87 14.42
CA GLU A 71 -5.34 -10.79 15.58
C GLU A 71 -4.85 -11.73 16.69
N ARG A 72 -4.37 -12.90 16.27
CA ARG A 72 -3.82 -13.89 17.21
C ARG A 72 -2.67 -13.29 18.01
N GLU A 73 -1.69 -12.76 17.31
CA GLU A 73 -0.48 -12.25 17.95
C GLU A 73 -0.67 -10.83 18.46
N MET A 74 -1.72 -10.16 17.99
CA MET A 74 -2.03 -8.82 18.49
C MET A 74 -2.48 -8.89 19.94
N LYS A 75 -3.07 -10.03 20.31
CA LYS A 75 -3.52 -10.24 21.68
C LYS A 75 -2.33 -10.34 22.63
N THR A 76 -1.21 -10.84 22.13
CA THR A 76 -0.02 -11.01 22.96
C THR A 76 0.98 -9.88 22.76
N TYR A 77 1.10 -9.42 21.53
CA TYR A 77 1.99 -8.32 21.21
C TYR A 77 1.27 -6.99 21.38
N ILE A 78 1.67 -6.25 22.39
CA ILE A 78 1.13 -4.92 22.62
C ILE A 78 2.23 -3.90 22.35
N PRO A 79 2.13 -3.18 21.22
CA PRO A 79 3.12 -2.17 20.81
C PRO A 79 3.45 -1.18 21.93
N PRO A 80 4.76 -0.90 22.12
CA PRO A 80 5.24 0.03 23.14
C PRO A 80 4.78 1.46 22.88
N LYS A 81 4.49 2.19 23.94
CA LYS A 81 3.98 3.55 23.81
C LYS A 81 5.07 4.56 24.16
N GLY A 82 5.68 5.14 23.14
CA GLY A 82 6.74 6.11 23.36
C GLY A 82 6.90 7.03 22.19
N GLU A 83 5.80 7.44 21.60
CA GLU A 83 5.82 8.33 20.45
C GLU A 83 5.79 9.79 20.89
N LEU B 14 -15.09 16.25 14.44
CA LEU B 14 -15.89 17.34 14.99
C LEU B 14 -16.88 17.85 13.95
N SER B 15 -18.09 18.15 14.41
CA SER B 15 -19.15 18.67 13.54
C SER B 15 -18.74 20.03 12.95
N GLN B 16 -17.73 20.64 13.54
CA GLN B 16 -17.28 21.97 13.17
C GLN B 16 -16.73 22.02 11.75
N GLU B 17 -16.46 20.85 11.16
CA GLU B 17 -15.92 20.79 9.80
C GLU B 17 -16.89 21.42 8.79
N THR B 18 -18.18 21.42 9.12
CA THR B 18 -19.18 22.06 8.27
C THR B 18 -19.35 23.51 8.69
N PHE B 19 -19.35 23.75 9.99
CA PHE B 19 -19.59 25.09 10.54
C PHE B 19 -18.46 26.05 10.19
N SER B 20 -17.26 25.50 10.02
CA SER B 20 -16.10 26.32 9.67
C SER B 20 -16.28 26.98 8.31
N ASP B 21 -16.91 26.27 7.38
CA ASP B 21 -17.06 26.77 6.02
C ASP B 21 -18.27 27.69 5.91
N LEU B 22 -19.02 27.81 6.99
CA LEU B 22 -20.17 28.70 7.01
C LEU B 22 -19.75 30.16 7.00
N TRP B 23 -18.56 30.43 7.53
CA TRP B 23 -18.08 31.81 7.58
C TRP B 23 -16.94 32.05 6.60
N LYS B 24 -16.46 30.98 5.96
CA LYS B 24 -15.33 31.09 5.04
C LYS B 24 -15.74 31.69 3.70
N LEU B 25 -16.87 32.39 3.69
CA LEU B 25 -17.34 33.08 2.50
C LEU B 25 -16.63 34.44 2.38
N LEU B 26 -16.06 34.89 3.47
CA LEU B 26 -15.33 36.15 3.50
C LEU B 26 -13.91 35.96 2.96
N PRO B 27 -13.30 37.03 2.42
CA PRO B 27 -11.92 37.00 1.99
C PRO B 27 -10.96 37.02 3.16
N GLU B 28 -10.54 35.85 3.60
CA GLU B 28 -9.56 35.72 4.65
C GLU B 28 -8.15 35.69 4.06
N ASN B 29 -7.26 34.91 4.65
CA ASN B 29 -5.91 34.74 4.14
C ASN B 29 -5.95 34.35 2.66
N ASN B 30 -6.79 33.36 2.34
CA ASN B 30 -6.98 32.92 0.95
C ASN B 30 -8.00 31.79 0.87
N VAL B 31 -8.07 30.96 1.91
CA VAL B 31 -8.87 29.73 1.90
C VAL B 31 -8.17 28.67 1.05
N LEU B 32 -7.40 27.82 1.71
CA LEU B 32 -6.67 26.76 1.05
C LEU B 32 -7.33 25.42 1.30
N SER B 33 -7.75 24.76 0.23
CA SER B 33 -8.34 23.44 0.34
C SER B 33 -7.26 22.39 0.08
N PRO B 34 -7.06 21.46 1.03
CA PRO B 34 -6.04 20.39 0.91
C PRO B 34 -6.16 19.63 -0.40
N LEU B 35 -5.12 19.69 -1.22
CA LEU B 35 -5.12 19.07 -2.52
C LEU B 35 -3.69 18.78 -2.99
N PRO B 36 -3.30 17.50 -2.99
CA PRO B 36 -1.97 17.09 -3.44
C PRO B 36 -1.85 17.06 -4.97
N SER B 37 -0.97 17.90 -5.49
CA SER B 37 -0.74 17.99 -6.92
C SER B 37 0.24 16.91 -7.37
N GLN B 38 0.95 16.34 -6.41
CA GLN B 38 1.93 15.29 -6.69
C GLN B 38 1.33 13.91 -6.44
N ALA B 39 0.01 13.88 -6.22
CA ALA B 39 -0.71 12.65 -5.86
C ALA B 39 -0.33 12.20 -4.44
N MET B 40 -1.07 11.22 -3.93
CA MET B 40 -0.80 10.69 -2.59
C MET B 40 -0.74 9.17 -2.62
N ASP B 41 -0.97 8.62 -3.82
CA ASP B 41 -1.17 7.17 -4.11
C ASP B 41 -1.49 6.23 -2.93
N ASP B 42 -1.99 6.77 -1.82
CA ASP B 42 -2.29 5.99 -0.61
C ASP B 42 -3.51 5.08 -0.80
N LEU B 43 -3.78 4.67 -2.03
CA LEU B 43 -4.94 3.85 -2.34
C LEU B 43 -4.86 2.52 -1.60
N MET B 44 -3.66 1.99 -1.45
CA MET B 44 -3.48 0.72 -0.77
C MET B 44 -2.39 0.82 0.28
N LEU B 45 -1.15 0.91 -0.18
CA LEU B 45 0.00 0.89 0.72
C LEU B 45 0.38 2.31 1.09
N SER B 46 0.13 2.67 2.35
CA SER B 46 0.34 4.03 2.84
C SER B 46 1.82 4.37 2.93
N PRO B 47 2.24 5.51 2.34
CA PRO B 47 3.64 5.94 2.31
C PRO B 47 4.24 6.08 3.70
N ASP B 48 3.38 6.29 4.69
CA ASP B 48 3.81 6.41 6.08
C ASP B 48 4.48 5.13 6.57
N ASP B 49 3.85 4.00 6.26
CA ASP B 49 4.29 2.71 6.76
C ASP B 49 5.21 2.03 5.74
N ILE B 50 5.05 2.44 4.49
CA ILE B 50 5.81 1.91 3.36
C ILE B 50 7.32 1.82 3.62
N GLU B 51 7.88 2.84 4.25
CA GLU B 51 9.33 2.96 4.41
C GLU B 51 9.95 1.81 5.23
N GLN B 52 9.11 0.96 5.79
CA GLN B 52 9.58 -0.13 6.64
C GLN B 52 9.70 -1.45 5.87
N TRP B 53 8.73 -1.74 5.01
CA TRP B 53 8.63 -3.06 4.38
C TRP B 53 8.46 -2.98 2.86
N PHE B 54 8.09 -1.81 2.37
CA PHE B 54 7.76 -1.64 0.96
C PHE B 54 9.02 -1.27 0.16
N THR B 55 9.89 -0.49 0.79
CA THR B 55 11.09 0.03 0.14
C THR B 55 12.27 -0.93 0.29
N GLU B 56 13.43 -0.51 -0.23
CA GLU B 56 14.65 -1.29 -0.09
C GLU B 56 15.18 -1.25 1.34
N ASP B 57 16.00 -2.22 1.70
CA ASP B 57 16.58 -2.28 3.03
C ASP B 57 18.04 -2.69 2.93
N PRO B 58 18.92 -2.07 3.73
CA PRO B 58 20.36 -2.35 3.73
C PRO B 58 20.70 -3.81 4.06
N GLY B 59 19.79 -4.47 4.79
CA GLY B 59 20.01 -5.85 5.15
C GLY B 59 19.68 -6.80 4.02
N PRO B 60 20.64 -7.62 3.59
CA PRO B 60 20.42 -8.58 2.51
C PRO B 60 19.58 -9.78 2.94
#